data_4L95
#
_entry.id   4L95
#
_cell.length_a   226.505
_cell.length_b   61.341
_cell.length_c   156.956
_cell.angle_alpha   90.00
_cell.angle_beta   101.37
_cell.angle_gamma   90.00
#
_symmetry.space_group_name_H-M   'C 1 2 1'
#
loop_
_entity.id
_entity.type
_entity.pdbx_description
1 polymer 'Gamma-glutamyl hydrolase'
2 non-polymer GLYCEROL
3 water water
#
_entity_poly.entity_id   1
_entity_poly.type   'polypeptide(L)'
_entity_poly.pdbx_seq_one_letter_code
;MIHIFLLCLFTVANAVSIYNFGPLIKTNERPIIGVLAQDVFDPKPDRNSYIAASYVKFLESAGARVVPVMINKSEDEYSR
LFKSINGVLFPGGGVSLESSGYSKAAGIFYRLALEANSNGDYFPVWGTCLGFELLTLLTSGELLLSHTNTSGIALPLDFT
EDVKGSRLFKEFPEELMKSLATEPLTENSHQWSITTENFTANKKLKKFYRVLSTNTDGYNKFVSTMEAYDFPIYATQWNP
EKNAFEWTRPYIPHTPSAIKTTFYMANFFVNEARKNLHSFASTEEEEKALIYNYKPEYTGIQSAFEQTYFFN
;
_entity_poly.pdbx_strand_id   E,F,C,G,K,M
#
loop_
_chem_comp.id
_chem_comp.type
_chem_comp.name
_chem_comp.formula
GOL non-polymer GLYCEROL 'C3 H8 O3'
#
# COMPACT_ATOMS: atom_id res chain seq x y z
N LYS A 26 -63.70 -14.54 35.97
CA LYS A 26 -63.03 -15.74 36.57
C LYS A 26 -61.50 -15.75 36.32
N THR A 27 -60.73 -16.04 37.38
CA THR A 27 -59.25 -15.98 37.34
C THR A 27 -58.55 -16.99 38.27
N ASN A 28 -57.22 -17.02 38.23
CA ASN A 28 -56.41 -17.85 39.11
C ASN A 28 -55.35 -17.00 39.84
N GLU A 29 -55.60 -16.64 41.09
CA GLU A 29 -54.70 -15.74 41.80
C GLU A 29 -53.65 -16.44 42.66
N ARG A 30 -53.56 -17.75 42.51
CA ARG A 30 -52.42 -18.50 43.02
C ARG A 30 -51.62 -19.06 41.83
N PRO A 31 -51.24 -18.21 40.84
CA PRO A 31 -50.61 -18.76 39.62
C PRO A 31 -49.29 -19.51 39.88
N ILE A 32 -49.10 -20.68 39.28
CA ILE A 32 -47.83 -21.43 39.39
C ILE A 32 -47.14 -21.53 38.03
N ILE A 33 -45.86 -21.15 37.94
CA ILE A 33 -45.18 -21.10 36.62
C ILE A 33 -43.95 -22.00 36.46
N GLY A 34 -43.89 -22.70 35.33
CA GLY A 34 -42.79 -23.63 35.04
C GLY A 34 -41.57 -22.86 34.60
N VAL A 35 -40.40 -23.28 35.04
CA VAL A 35 -39.20 -22.71 34.49
C VAL A 35 -38.28 -23.82 33.98
N LEU A 36 -37.82 -23.68 32.73
CA LEU A 36 -37.01 -24.69 32.12
C LEU A 36 -35.55 -24.76 32.56
N ALA A 37 -35.20 -25.95 33.01
CA ALA A 37 -33.83 -26.23 33.38
C ALA A 37 -32.98 -26.38 32.13
N GLN A 38 -31.66 -26.31 32.29
CA GLN A 38 -30.83 -26.41 31.10
C GLN A 38 -29.52 -27.15 31.32
N ASP A 39 -29.14 -27.91 30.28
CA ASP A 39 -28.10 -28.90 30.33
C ASP A 39 -26.85 -28.28 30.93
N VAL A 40 -26.36 -28.85 32.02
CA VAL A 40 -25.03 -28.48 32.51
C VAL A 40 -23.97 -28.85 31.44
N PHE A 41 -23.04 -27.93 31.20
CA PHE A 41 -22.03 -28.17 30.15
C PHE A 41 -21.15 -29.43 30.38
N ASP A 42 -20.98 -29.84 31.62
CA ASP A 42 -20.12 -30.97 31.94
C ASP A 42 -20.80 -31.70 33.07
N PRO A 43 -21.80 -32.51 32.74
CA PRO A 43 -22.68 -32.96 33.79
C PRO A 43 -22.00 -33.88 34.78
N LYS A 44 -22.62 -33.95 35.94
CA LYS A 44 -22.28 -34.87 37.00
C LYS A 44 -23.54 -35.06 37.84
N PRO A 45 -23.72 -36.24 38.44
CA PRO A 45 -24.86 -36.45 39.34
C PRO A 45 -25.18 -35.20 40.21
N ASP A 46 -26.45 -34.89 40.32
CA ASP A 46 -26.83 -33.74 41.08
C ASP A 46 -26.50 -32.44 40.36
N ARG A 47 -25.58 -32.15 39.19
CA ARG A 47 -25.32 -31.22 38.10
C ARG A 47 -25.76 -31.70 36.74
N ASN A 48 -27.00 -32.06 36.53
CA ASN A 48 -27.36 -32.32 35.13
C ASN A 48 -27.98 -31.08 34.45
N SER A 49 -28.88 -30.41 35.14
CA SER A 49 -29.42 -29.19 34.61
C SER A 49 -29.25 -28.09 35.65
N TYR A 50 -29.58 -26.86 35.26
CA TYR A 50 -29.53 -25.73 36.19
C TYR A 50 -30.52 -24.65 35.84
N ILE A 51 -31.02 -23.97 36.86
CA ILE A 51 -31.69 -22.69 36.66
C ILE A 51 -31.05 -21.61 37.52
N ALA A 52 -30.70 -20.51 36.86
CA ALA A 52 -30.26 -19.30 37.51
C ALA A 52 -31.37 -18.84 38.42
N ALA A 53 -31.05 -18.62 39.69
CA ALA A 53 -32.04 -18.18 40.65
C ALA A 53 -32.71 -16.84 40.25
N SER A 54 -32.05 -16.04 39.43
CA SER A 54 -32.65 -14.77 39.06
C SER A 54 -33.99 -14.96 38.28
N TYR A 55 -34.12 -16.05 37.53
CA TYR A 55 -35.43 -16.33 36.88
C TYR A 55 -36.55 -16.66 37.88
N VAL A 56 -36.17 -17.11 39.07
CA VAL A 56 -37.17 -17.53 40.01
C VAL A 56 -37.70 -16.29 40.68
N LYS A 57 -36.79 -15.38 41.00
CA LYS A 57 -37.08 -14.14 41.69
C LYS A 57 -37.95 -13.24 40.82
N PHE A 58 -37.61 -13.19 39.54
CA PHE A 58 -38.40 -12.51 38.50
C PHE A 58 -39.94 -12.81 38.58
N LEU A 59 -40.27 -14.09 38.60
CA LEU A 59 -41.66 -14.54 38.62
C LEU A 59 -42.25 -14.48 40.04
N GLU A 60 -41.46 -14.85 41.06
CA GLU A 60 -41.97 -14.76 42.41
C GLU A 60 -42.38 -13.33 42.72
N SER A 61 -41.56 -12.41 42.31
CA SER A 61 -41.78 -11.03 42.60
C SER A 61 -43.07 -10.50 41.96
N ALA A 62 -43.53 -11.08 40.86
CA ALA A 62 -44.81 -10.63 40.30
C ALA A 62 -45.99 -11.44 40.84
N GLY A 63 -45.73 -12.20 41.89
CA GLY A 63 -46.80 -12.90 42.58
C GLY A 63 -47.06 -14.31 42.09
N ALA A 64 -46.06 -14.97 41.52
CA ALA A 64 -46.20 -16.38 41.17
C ALA A 64 -45.31 -17.29 42.03
N ARG A 65 -45.56 -18.58 41.94
CA ARG A 65 -44.77 -19.61 42.57
C ARG A 65 -44.27 -20.36 41.39
N VAL A 66 -43.18 -21.09 41.56
CA VAL A 66 -42.40 -21.57 40.45
C VAL A 66 -42.14 -23.08 40.52
N VAL A 67 -42.16 -23.73 39.34
CA VAL A 67 -41.75 -25.12 39.27
C VAL A 67 -40.59 -25.28 38.29
N PRO A 68 -39.46 -25.80 38.78
CA PRO A 68 -38.37 -26.20 37.88
C PRO A 68 -38.77 -27.40 37.03
N VAL A 69 -38.58 -27.30 35.72
CA VAL A 69 -38.98 -28.34 34.82
C VAL A 69 -37.73 -29.08 34.45
N MET A 70 -37.71 -30.37 34.76
CA MET A 70 -36.51 -31.16 34.56
C MET A 70 -36.29 -31.46 33.10
N ILE A 71 -35.08 -31.87 32.79
CA ILE A 71 -34.73 -31.97 31.42
C ILE A 71 -35.02 -33.30 30.64
N ASN A 72 -34.55 -34.45 31.10
CA ASN A 72 -34.64 -35.59 30.15
C ASN A 72 -35.82 -36.49 30.44
N LYS A 73 -37.03 -36.00 30.19
CA LYS A 73 -38.24 -36.64 30.67
C LYS A 73 -39.13 -37.21 29.59
N SER A 74 -40.12 -38.01 30.00
CA SER A 74 -41.04 -38.59 29.06
C SER A 74 -42.03 -37.53 28.58
N GLU A 75 -42.44 -37.71 27.33
CA GLU A 75 -43.51 -36.95 26.74
C GLU A 75 -44.66 -36.85 27.74
N ASP A 76 -44.92 -37.93 28.44
CA ASP A 76 -46.10 -37.98 29.29
C ASP A 76 -45.94 -37.23 30.62
N GLU A 77 -44.77 -37.33 31.24
CA GLU A 77 -44.45 -36.58 32.46
C GLU A 77 -44.57 -35.08 32.16
N TYR A 78 -44.09 -34.67 30.98
CA TYR A 78 -44.22 -33.30 30.51
C TYR A 78 -45.65 -32.84 30.39
N SER A 79 -46.50 -33.70 29.85
CA SER A 79 -47.90 -33.38 29.65
C SER A 79 -48.59 -33.24 31.00
N ARG A 80 -48.30 -34.18 31.91
CA ARG A 80 -48.81 -34.14 33.25
C ARG A 80 -48.51 -32.77 33.80
N LEU A 81 -47.20 -32.48 33.83
CA LEU A 81 -46.72 -31.21 34.31
C LEU A 81 -47.41 -30.07 33.60
N PHE A 82 -47.51 -30.18 32.28
CA PHE A 82 -48.16 -29.13 31.54
C PHE A 82 -49.56 -28.94 32.09
N LYS A 83 -50.27 -30.04 32.31
CA LYS A 83 -51.67 -29.95 32.69
C LYS A 83 -51.82 -29.33 34.08
N SER A 84 -50.73 -29.38 34.84
CA SER A 84 -50.71 -28.88 36.21
C SER A 84 -50.38 -27.37 36.34
N ILE A 85 -49.46 -26.87 35.54
CA ILE A 85 -49.00 -25.50 35.70
C ILE A 85 -49.77 -24.45 34.91
N ASN A 86 -49.34 -23.20 35.03
CA ASN A 86 -50.14 -22.08 34.56
C ASN A 86 -49.41 -21.19 33.53
N GLY A 87 -48.23 -21.62 33.10
CA GLY A 87 -47.41 -20.84 32.15
C GLY A 87 -46.01 -21.43 32.10
N VAL A 88 -45.21 -21.19 31.05
CA VAL A 88 -43.80 -21.60 31.06
C VAL A 88 -42.91 -20.48 30.64
N LEU A 89 -41.68 -20.55 31.12
CA LEU A 89 -40.62 -19.61 30.75
C LEU A 89 -39.42 -20.42 30.25
N PHE A 90 -38.97 -20.09 29.05
CA PHE A 90 -37.77 -20.67 28.48
C PHE A 90 -36.64 -19.66 28.65
N PRO A 91 -35.74 -19.93 29.59
CA PRO A 91 -34.78 -18.95 30.03
C PRO A 91 -33.54 -18.94 29.18
N GLY A 92 -32.75 -17.89 29.39
CA GLY A 92 -31.53 -17.54 28.64
C GLY A 92 -30.46 -18.57 28.92
N GLY A 93 -29.32 -18.46 28.23
CA GLY A 93 -28.24 -19.44 28.39
C GLY A 93 -27.40 -19.68 27.16
N GLY A 94 -26.77 -20.85 27.05
CA GLY A 94 -25.87 -21.14 25.91
C GLY A 94 -25.76 -22.57 25.41
N VAL A 95 -26.77 -23.38 25.71
CA VAL A 95 -26.78 -24.79 25.31
C VAL A 95 -27.32 -24.88 23.88
N SER A 96 -27.28 -26.08 23.32
CA SER A 96 -27.74 -26.31 21.95
C SER A 96 -29.22 -25.97 21.84
N LEU A 97 -29.55 -25.27 20.76
CA LEU A 97 -30.94 -25.08 20.35
C LEU A 97 -31.47 -26.31 19.62
N GLU A 98 -30.64 -27.32 19.37
CA GLU A 98 -31.08 -28.45 18.53
C GLU A 98 -31.05 -29.83 19.20
N SER A 99 -30.01 -30.11 19.98
CA SER A 99 -29.73 -31.46 20.50
C SER A 99 -29.81 -31.58 22.03
N SER A 100 -29.98 -30.42 22.67
CA SER A 100 -29.99 -30.35 24.12
C SER A 100 -31.33 -30.83 24.68
N GLY A 101 -31.30 -31.34 25.91
CA GLY A 101 -32.52 -31.62 26.66
C GLY A 101 -33.45 -30.41 26.71
N TYR A 102 -32.85 -29.26 27.03
CA TYR A 102 -33.54 -27.98 27.08
C TYR A 102 -34.40 -27.84 25.85
N SER A 103 -33.82 -28.09 24.68
CA SER A 103 -34.52 -27.82 23.42
C SER A 103 -35.67 -28.77 23.16
N LYS A 104 -35.48 -30.06 23.50
CA LYS A 104 -36.56 -31.07 23.49
C LYS A 104 -37.78 -30.65 24.34
N ALA A 105 -37.53 -30.37 25.62
CA ALA A 105 -38.64 -30.04 26.49
C ALA A 105 -39.32 -28.75 26.01
N ALA A 106 -38.51 -27.80 25.56
CA ALA A 106 -39.08 -26.56 25.13
C ALA A 106 -40.05 -26.79 23.94
N GLY A 107 -39.62 -27.61 22.98
CA GLY A 107 -40.46 -27.99 21.82
C GLY A 107 -41.80 -28.58 22.27
N ILE A 108 -41.73 -29.53 23.17
CA ILE A 108 -42.91 -30.21 23.67
C ILE A 108 -43.83 -29.20 24.38
N PHE A 109 -43.26 -28.33 25.19
CA PHE A 109 -44.09 -27.27 25.79
C PHE A 109 -44.62 -26.30 24.74
N TYR A 110 -43.82 -26.03 23.73
CA TYR A 110 -44.31 -25.19 22.68
C TYR A 110 -45.60 -25.73 22.06
N ARG A 111 -45.60 -26.93 21.45
CA ARG A 111 -46.84 -27.44 20.82
C ARG A 111 -48.01 -27.67 21.77
N LEU A 112 -47.71 -28.08 23.01
CA LEU A 112 -48.79 -28.31 23.96
C LEU A 112 -49.49 -26.98 24.19
N ALA A 113 -48.70 -25.92 24.24
CA ALA A 113 -49.21 -24.58 24.48
C ALA A 113 -50.08 -24.06 23.33
N LEU A 114 -49.63 -24.32 22.11
CA LEU A 114 -50.43 -24.03 20.92
C LEU A 114 -51.75 -24.76 20.99
N GLU A 115 -51.71 -26.07 21.13
CA GLU A 115 -52.96 -26.82 21.15
C GLU A 115 -53.93 -26.23 22.17
N ALA A 116 -53.51 -26.25 23.42
CA ALA A 116 -54.30 -25.73 24.53
C ALA A 116 -54.91 -24.38 24.24
N ASN A 117 -54.12 -23.45 23.70
CA ASN A 117 -54.66 -22.10 23.39
C ASN A 117 -55.74 -22.12 22.28
N SER A 118 -55.60 -23.02 21.30
CA SER A 118 -56.63 -23.07 20.24
C SER A 118 -57.94 -23.69 20.76
N ASN A 119 -57.80 -24.41 21.87
CA ASN A 119 -58.93 -24.98 22.61
C ASN A 119 -59.42 -24.10 23.76
N GLY A 120 -59.50 -22.79 23.53
CA GLY A 120 -59.95 -21.81 24.54
C GLY A 120 -59.16 -21.79 25.86
N ASP A 121 -58.24 -22.74 26.04
CA ASP A 121 -57.44 -22.89 27.26
C ASP A 121 -56.13 -22.05 27.25
N TYR A 122 -56.24 -20.81 27.71
CA TYR A 122 -55.20 -19.80 27.67
C TYR A 122 -53.94 -20.25 28.43
N PHE A 123 -52.81 -20.31 27.74
CA PHE A 123 -51.56 -20.75 28.35
C PHE A 123 -50.39 -19.92 27.79
N PRO A 124 -49.73 -19.07 28.63
CA PRO A 124 -48.71 -18.18 28.06
C PRO A 124 -47.32 -18.79 28.07
N VAL A 125 -46.48 -18.40 27.10
CA VAL A 125 -45.10 -18.85 27.03
C VAL A 125 -44.28 -17.59 26.94
N TRP A 126 -43.13 -17.63 27.62
CA TRP A 126 -42.19 -16.52 27.73
C TRP A 126 -40.84 -17.06 27.41
N GLY A 127 -40.15 -16.36 26.51
CA GLY A 127 -38.82 -16.72 26.08
C GLY A 127 -37.82 -15.62 26.32
N THR A 128 -36.82 -15.88 27.15
CA THR A 128 -35.79 -14.88 27.48
C THR A 128 -34.50 -15.29 26.85
N CYS A 129 -34.00 -14.43 25.96
CA CYS A 129 -32.66 -14.53 25.34
C CYS A 129 -32.58 -15.83 24.56
N LEU A 130 -31.91 -16.85 25.10
CA LEU A 130 -31.86 -18.18 24.48
C LEU A 130 -33.26 -18.69 24.15
N GLY A 131 -34.21 -18.39 25.04
CA GLY A 131 -35.60 -18.78 24.83
C GLY A 131 -36.22 -18.01 23.68
N PHE A 132 -35.75 -16.80 23.43
CA PHE A 132 -36.28 -15.97 22.32
C PHE A 132 -35.86 -16.60 21.04
N GLU A 133 -34.54 -16.81 20.95
CA GLU A 133 -33.94 -17.55 19.85
C GLU A 133 -34.67 -18.88 19.65
N LEU A 134 -34.88 -19.64 20.72
CA LEU A 134 -35.55 -20.92 20.53
C LEU A 134 -36.91 -20.78 19.87
N LEU A 135 -37.65 -19.77 20.25
CA LEU A 135 -38.95 -19.54 19.62
C LEU A 135 -38.87 -19.18 18.14
N THR A 136 -37.84 -18.48 17.68
CA THR A 136 -37.78 -18.19 16.27
C THR A 136 -37.59 -19.51 15.51
N LEU A 137 -36.79 -20.39 16.09
CA LEU A 137 -36.58 -21.72 15.55
C LEU A 137 -37.86 -22.56 15.58
N LEU A 138 -38.50 -22.65 16.75
CA LEU A 138 -39.69 -23.46 16.86
C LEU A 138 -40.75 -23.08 15.86
N THR A 139 -41.08 -21.79 15.74
CA THR A 139 -42.16 -21.33 14.86
C THR A 139 -41.75 -21.25 13.37
N SER A 140 -40.47 -21.01 13.07
CA SER A 140 -40.04 -20.93 11.66
C SER A 140 -39.60 -22.25 11.09
N GLY A 141 -39.18 -23.16 11.95
CA GLY A 141 -38.61 -24.43 11.49
C GLY A 141 -37.19 -24.23 11.00
N GLU A 142 -36.61 -23.05 11.27
CA GLU A 142 -35.26 -22.74 10.80
C GLU A 142 -34.42 -21.92 11.77
N LEU A 143 -33.09 -22.11 11.66
CA LEU A 143 -32.07 -21.41 12.44
C LEU A 143 -31.51 -20.19 11.69
N LEU A 144 -31.88 -19.01 12.15
CA LEU A 144 -31.76 -17.79 11.36
C LEU A 144 -30.87 -16.74 12.00
N LEU A 145 -29.91 -17.21 12.76
CA LEU A 145 -29.18 -16.34 13.67
C LEU A 145 -27.92 -15.80 13.05
N SER A 146 -27.59 -14.56 13.39
CA SER A 146 -26.32 -13.90 13.01
C SER A 146 -25.53 -13.40 14.25
N HIS A 147 -24.22 -13.19 14.10
CA HIS A 147 -23.41 -12.69 15.21
C HIS A 147 -23.57 -11.19 15.47
N THR A 148 -23.75 -10.81 16.73
CA THR A 148 -23.85 -9.39 17.08
C THR A 148 -22.88 -8.91 18.21
N ASN A 149 -22.53 -7.64 18.24
CA ASN A 149 -21.60 -7.16 19.25
C ASN A 149 -22.36 -6.76 20.50
N THR A 150 -22.92 -7.77 21.15
CA THR A 150 -23.97 -7.59 22.16
C THR A 150 -23.82 -8.53 23.36
N SER A 151 -22.60 -8.98 23.57
CA SER A 151 -22.31 -10.03 24.55
C SER A 151 -22.30 -9.52 25.98
N GLY A 152 -22.30 -8.20 26.13
CA GLY A 152 -22.39 -7.52 27.43
C GLY A 152 -22.60 -6.03 27.25
N ILE A 153 -23.85 -5.62 27.06
CA ILE A 153 -24.10 -4.19 26.85
C ILE A 153 -25.51 -3.86 27.31
N ALA A 154 -25.63 -2.68 27.90
CA ALA A 154 -26.91 -2.11 28.29
C ALA A 154 -27.47 -1.13 27.19
N LEU A 155 -28.74 -1.30 26.82
CA LEU A 155 -29.35 -0.72 25.59
C LEU A 155 -30.77 -0.31 25.85
N PRO A 156 -31.22 0.89 25.33
CA PRO A 156 -32.64 1.19 25.27
C PRO A 156 -33.33 0.18 24.42
N LEU A 157 -34.64 0.35 24.24
CA LEU A 157 -35.38 -0.35 23.19
C LEU A 157 -35.69 0.66 22.12
N ASP A 158 -35.36 0.35 20.87
CA ASP A 158 -35.89 1.15 19.76
C ASP A 158 -37.23 0.54 19.34
N PHE A 159 -38.27 1.09 19.95
CA PHE A 159 -39.66 0.73 19.68
C PHE A 159 -40.15 0.87 18.23
N THR A 160 -40.99 -0.06 17.78
CA THR A 160 -41.63 -0.02 16.46
C THR A 160 -42.97 0.72 16.49
N GLU A 161 -43.45 1.12 15.32
CA GLU A 161 -44.83 1.63 15.16
C GLU A 161 -45.85 0.80 15.92
N ASP A 162 -45.69 -0.52 15.82
CA ASP A 162 -46.66 -1.47 16.33
C ASP A 162 -46.73 -1.56 17.82
N VAL A 163 -45.92 -0.76 18.50
CA VAL A 163 -45.97 -0.80 19.94
C VAL A 163 -47.29 -0.28 20.57
N LYS A 164 -47.89 0.79 20.04
CA LYS A 164 -49.17 1.26 20.61
C LYS A 164 -50.26 0.18 20.59
N GLY A 165 -50.21 -0.74 19.64
CA GLY A 165 -51.11 -1.89 19.65
C GLY A 165 -51.02 -2.80 20.87
N SER A 166 -49.79 -3.01 21.35
CA SER A 166 -49.40 -4.23 22.01
C SER A 166 -50.06 -4.55 23.33
N ARG A 167 -49.98 -5.82 23.68
CA ARG A 167 -50.42 -6.36 24.95
C ARG A 167 -49.31 -6.15 25.99
N LEU A 168 -48.11 -6.66 25.68
CA LEU A 168 -47.00 -6.68 26.61
C LEU A 168 -46.88 -5.38 27.40
N PHE A 169 -46.98 -4.25 26.70
CA PHE A 169 -46.69 -2.96 27.31
C PHE A 169 -47.90 -2.13 27.69
N LYS A 170 -49.10 -2.59 27.37
CA LYS A 170 -50.31 -1.83 27.63
C LYS A 170 -50.33 -1.15 29.00
N GLU A 171 -49.85 -1.84 30.03
CA GLU A 171 -50.02 -1.36 31.41
C GLU A 171 -48.80 -0.64 31.99
N PHE A 172 -47.73 -0.53 31.20
CA PHE A 172 -46.54 0.21 31.60
C PHE A 172 -46.81 1.73 31.75
N PRO A 173 -46.38 2.31 32.88
CA PRO A 173 -46.51 3.76 32.96
C PRO A 173 -45.87 4.44 31.77
N GLU A 174 -46.59 5.36 31.18
CA GLU A 174 -46.11 6.12 30.05
C GLU A 174 -44.65 6.56 30.34
N GLU A 175 -44.37 6.94 31.58
CA GLU A 175 -43.06 7.47 31.89
C GLU A 175 -41.91 6.44 31.79
N LEU A 176 -42.22 5.19 32.17
CA LEU A 176 -41.34 4.05 32.00
C LEU A 176 -41.10 3.75 30.53
N MET A 177 -42.16 3.70 29.74
CA MET A 177 -42.04 3.62 28.28
C MET A 177 -41.12 4.69 27.76
N LYS A 178 -41.33 5.93 28.14
CA LYS A 178 -40.44 7.00 27.77
C LYS A 178 -38.94 6.74 28.14
N SER A 179 -38.72 6.20 29.35
CA SER A 179 -37.35 5.84 29.78
C SER A 179 -36.71 4.67 29.00
N LEU A 180 -37.53 3.65 28.69
CA LEU A 180 -37.00 2.50 27.98
C LEU A 180 -36.54 2.88 26.59
N ALA A 181 -36.99 4.04 26.11
CA ALA A 181 -36.67 4.43 24.75
C ALA A 181 -35.40 5.22 24.69
N THR A 182 -35.03 5.83 25.82
CA THR A 182 -33.96 6.83 25.90
C THR A 182 -32.84 6.46 26.86
N GLU A 183 -33.07 5.40 27.62
CA GLU A 183 -32.13 5.05 28.65
C GLU A 183 -31.70 3.63 28.53
N PRO A 184 -30.43 3.36 28.84
CA PRO A 184 -29.79 2.03 28.77
C PRO A 184 -30.29 1.03 29.84
N LEU A 185 -31.47 0.43 29.66
CA LEU A 185 -32.15 -0.29 30.74
C LEU A 185 -32.33 -1.77 30.52
N THR A 186 -31.91 -2.23 29.35
CA THR A 186 -32.02 -3.62 29.01
C THR A 186 -30.65 -4.24 28.80
N GLU A 187 -30.48 -5.35 29.50
CA GLU A 187 -29.27 -6.06 29.60
C GLU A 187 -29.22 -6.95 28.39
N ASN A 188 -28.18 -6.76 27.58
CA ASN A 188 -27.92 -7.71 26.50
C ASN A 188 -26.66 -8.50 26.82
N SER A 189 -26.78 -9.82 26.78
CA SER A 189 -25.65 -10.70 26.95
C SER A 189 -25.85 -11.87 26.03
N HIS A 190 -25.86 -11.59 24.71
CA HIS A 190 -26.05 -12.66 23.72
C HIS A 190 -24.99 -12.56 22.62
N GLN A 191 -24.46 -13.71 22.23
CA GLN A 191 -23.59 -13.80 21.08
C GLN A 191 -24.38 -13.76 19.75
N TRP A 192 -25.63 -14.22 19.75
CA TRP A 192 -26.44 -14.38 18.54
C TRP A 192 -27.70 -13.52 18.59
N SER A 193 -28.25 -13.21 17.40
CA SER A 193 -29.51 -12.47 17.24
C SER A 193 -30.24 -12.87 15.97
N ILE A 194 -31.42 -12.32 15.77
CA ILE A 194 -32.02 -12.42 14.45
C ILE A 194 -32.26 -11.03 13.90
N THR A 195 -31.70 -10.78 12.73
CA THR A 195 -31.76 -9.45 12.18
C THR A 195 -33.20 -9.16 11.74
N THR A 196 -33.50 -7.87 11.66
CA THR A 196 -34.69 -7.35 11.08
C THR A 196 -34.99 -7.93 9.70
N GLU A 197 -34.05 -7.81 8.76
CA GLU A 197 -34.24 -8.42 7.46
C GLU A 197 -34.56 -9.95 7.56
N ASN A 198 -33.78 -10.73 8.31
CA ASN A 198 -34.04 -12.19 8.32
C ASN A 198 -35.41 -12.52 8.81
N PHE A 199 -35.80 -11.78 9.84
CA PHE A 199 -37.10 -11.90 10.41
C PHE A 199 -38.18 -11.55 9.39
N THR A 200 -38.05 -10.38 8.78
CA THR A 200 -39.08 -9.84 7.92
C THR A 200 -39.20 -10.71 6.69
N ALA A 201 -38.09 -11.30 6.28
CA ALA A 201 -38.03 -12.17 5.12
C ALA A 201 -38.49 -13.62 5.39
N ASN A 202 -38.57 -14.01 6.66
CA ASN A 202 -39.14 -15.32 6.91
C ASN A 202 -40.65 -15.19 6.95
N LYS A 203 -41.31 -15.91 6.05
CA LYS A 203 -42.75 -15.81 5.88
C LYS A 203 -43.52 -16.22 7.17
N LYS A 204 -43.14 -17.37 7.74
CA LYS A 204 -43.78 -17.84 8.99
C LYS A 204 -43.66 -16.90 10.20
N LEU A 205 -42.47 -16.32 10.37
CA LEU A 205 -42.25 -15.37 11.44
C LEU A 205 -42.99 -14.06 11.24
N LYS A 206 -42.99 -13.53 10.02
CA LYS A 206 -43.56 -12.21 9.80
C LYS A 206 -45.03 -12.13 10.21
N LYS A 207 -45.74 -13.26 10.08
CA LYS A 207 -47.17 -13.33 10.32
C LYS A 207 -47.52 -13.84 11.69
N PHE A 208 -46.54 -14.44 12.36
CA PHE A 208 -46.75 -14.98 13.70
C PHE A 208 -46.47 -13.97 14.79
N TYR A 209 -45.36 -13.25 14.66
CA TYR A 209 -44.89 -12.38 15.72
C TYR A 209 -45.06 -10.91 15.31
N ARG A 210 -45.80 -10.13 16.08
CA ARG A 210 -45.69 -8.65 16.02
C ARG A 210 -44.32 -8.35 16.70
N VAL A 211 -43.52 -7.45 16.11
CA VAL A 211 -42.23 -7.03 16.65
C VAL A 211 -42.47 -5.77 17.38
N LEU A 212 -42.07 -5.74 18.66
CA LEU A 212 -42.35 -4.60 19.50
C LEU A 212 -41.15 -3.71 19.55
N SER A 213 -39.96 -4.28 19.46
CA SER A 213 -38.76 -3.45 19.52
C SER A 213 -37.53 -3.99 18.77
N THR A 214 -36.70 -3.07 18.28
CA THR A 214 -35.44 -3.46 17.72
C THR A 214 -34.24 -2.82 18.49
N ASN A 215 -33.05 -3.35 18.23
CA ASN A 215 -31.81 -2.70 18.55
C ASN A 215 -30.77 -2.95 17.47
N THR A 216 -29.64 -2.29 17.58
CA THR A 216 -28.54 -2.46 16.66
C THR A 216 -27.23 -2.42 17.45
N ASP A 217 -26.19 -3.11 16.96
CA ASP A 217 -24.88 -3.02 17.61
C ASP A 217 -24.10 -2.00 16.81
N GLY A 218 -24.80 -1.35 15.88
CA GLY A 218 -24.17 -0.41 14.97
C GLY A 218 -23.93 -0.92 13.56
N TYR A 219 -24.12 -2.21 13.35
CA TYR A 219 -23.98 -2.79 12.03
C TYR A 219 -25.24 -3.57 11.69
N ASN A 220 -25.45 -4.69 12.37
CA ASN A 220 -26.69 -5.49 12.33
C ASN A 220 -27.83 -4.87 13.10
N LYS A 221 -29.03 -5.04 12.58
CA LYS A 221 -30.21 -4.55 13.24
C LYS A 221 -31.09 -5.76 13.58
N PHE A 222 -31.48 -5.94 14.85
CA PHE A 222 -32.14 -7.20 15.27
C PHE A 222 -33.44 -7.04 16.02
N VAL A 223 -34.26 -8.09 16.09
CA VAL A 223 -35.44 -8.02 16.90
C VAL A 223 -35.12 -8.21 18.39
N SER A 224 -35.57 -7.27 19.21
CA SER A 224 -35.25 -7.28 20.67
C SER A 224 -36.44 -7.69 21.52
N THR A 225 -37.64 -7.27 21.12
CA THR A 225 -38.85 -7.74 21.79
C THR A 225 -39.97 -8.06 20.82
N MET A 226 -40.67 -9.16 21.08
CA MET A 226 -41.82 -9.55 20.24
C MET A 226 -42.90 -10.32 21.00
N GLU A 227 -44.07 -10.47 20.36
CA GLU A 227 -45.26 -11.15 20.91
C GLU A 227 -46.15 -11.73 19.82
N ALA A 228 -46.62 -12.97 19.99
CA ALA A 228 -47.51 -13.55 18.96
C ALA A 228 -48.80 -12.73 18.74
N TYR A 229 -49.10 -12.41 17.48
CA TYR A 229 -50.42 -11.80 17.11
C TYR A 229 -51.61 -12.55 17.75
N ASP A 230 -51.57 -13.89 17.72
CA ASP A 230 -52.77 -14.66 17.99
C ASP A 230 -52.61 -15.56 19.23
N PHE A 231 -51.42 -15.52 19.82
CA PHE A 231 -51.10 -16.39 20.91
C PHE A 231 -50.42 -15.65 22.06
N PRO A 232 -50.67 -16.08 23.32
CA PRO A 232 -49.92 -15.53 24.46
C PRO A 232 -48.48 -16.08 24.54
N ILE A 233 -47.71 -15.84 23.48
CA ILE A 233 -46.30 -16.15 23.47
C ILE A 233 -45.55 -14.81 23.43
N TYR A 234 -44.59 -14.63 24.34
CA TYR A 234 -43.85 -13.39 24.47
C TYR A 234 -42.34 -13.68 24.59
N ALA A 235 -41.49 -12.85 23.99
CA ALA A 235 -40.05 -13.12 23.97
C ALA A 235 -39.17 -11.86 23.99
N THR A 236 -38.09 -11.92 24.76
CA THR A 236 -37.07 -10.86 24.72
C THR A 236 -35.68 -11.44 24.51
N GLN A 237 -34.92 -10.77 23.64
CA GLN A 237 -33.55 -11.08 23.32
C GLN A 237 -32.67 -10.63 24.46
N TRP A 238 -33.23 -9.74 25.27
CA TRP A 238 -32.52 -9.23 26.42
C TRP A 238 -33.06 -9.92 27.68
N ASN A 239 -32.38 -9.68 28.79
CA ASN A 239 -32.69 -10.34 30.07
C ASN A 239 -33.23 -9.38 31.10
N PRO A 240 -34.56 -9.30 31.20
CA PRO A 240 -35.25 -8.45 32.14
C PRO A 240 -34.89 -8.84 33.57
N GLU A 241 -34.74 -10.14 33.81
CA GLU A 241 -34.60 -10.60 35.19
C GLU A 241 -33.39 -9.95 35.83
N LYS A 242 -32.41 -9.63 35.00
CA LYS A 242 -31.11 -9.32 35.59
C LYS A 242 -31.06 -8.03 36.36
N ASN A 243 -31.87 -7.03 35.99
CA ASN A 243 -31.70 -5.71 36.58
C ASN A 243 -31.80 -5.72 38.13
N ALA A 244 -32.77 -6.44 38.68
CA ALA A 244 -33.02 -6.41 40.12
C ALA A 244 -32.17 -7.43 40.93
N PHE A 245 -31.71 -8.48 40.26
CA PHE A 245 -31.46 -9.67 41.00
C PHE A 245 -30.03 -10.13 40.74
N GLU A 246 -29.40 -9.63 39.68
CA GLU A 246 -28.01 -9.96 39.34
C GLU A 246 -27.04 -8.75 39.54
N TRP A 247 -25.87 -9.02 40.10
CA TRP A 247 -24.92 -7.95 40.48
C TRP A 247 -23.43 -8.15 40.09
N THR A 248 -23.18 -9.14 39.22
CA THR A 248 -21.86 -9.60 38.86
C THR A 248 -21.15 -8.90 37.70
N ARG A 249 -21.77 -8.06 36.86
CA ARG A 249 -21.09 -7.53 35.64
C ARG A 249 -21.25 -6.01 35.42
N PRO A 250 -20.30 -5.23 35.00
CA PRO A 250 -20.57 -3.81 34.99
C PRO A 250 -21.72 -3.39 34.09
N TYR A 251 -22.18 -4.26 33.21
CA TYR A 251 -23.10 -3.84 32.18
C TYR A 251 -24.54 -4.16 32.52
N ILE A 252 -24.83 -4.48 33.79
CA ILE A 252 -26.22 -4.75 34.24
C ILE A 252 -26.75 -3.43 34.75
N PRO A 253 -27.95 -3.03 34.26
CA PRO A 253 -28.64 -1.79 34.60
C PRO A 253 -29.26 -1.92 35.98
N HIS A 254 -29.06 -0.94 36.83
CA HIS A 254 -29.53 -1.00 38.19
C HIS A 254 -30.16 0.32 38.60
N THR A 255 -30.42 1.21 37.64
CA THR A 255 -31.15 2.47 37.94
C THR A 255 -32.61 2.25 38.35
N PRO A 256 -33.19 3.23 39.06
CA PRO A 256 -34.61 3.12 39.46
C PRO A 256 -35.58 2.67 38.32
N SER A 257 -35.41 3.17 37.12
CA SER A 257 -36.25 2.77 35.97
C SER A 257 -35.98 1.33 35.50
N ALA A 258 -34.77 0.83 35.76
CA ALA A 258 -34.41 -0.51 35.36
C ALA A 258 -35.09 -1.49 36.27
N ILE A 259 -35.13 -1.18 37.57
CA ILE A 259 -35.75 -2.03 38.56
C ILE A 259 -37.21 -2.06 38.24
N LYS A 260 -37.79 -0.90 37.97
CA LYS A 260 -39.19 -0.87 37.55
C LYS A 260 -39.35 -1.68 36.27
N THR A 261 -38.35 -1.68 35.40
CA THR A 261 -38.48 -2.50 34.24
C THR A 261 -38.69 -3.99 34.54
N THR A 262 -37.88 -4.60 35.40
CA THR A 262 -38.06 -6.05 35.59
C THR A 262 -39.38 -6.42 36.26
N PHE A 263 -39.80 -5.61 37.23
CA PHE A 263 -41.12 -5.76 37.77
C PHE A 263 -42.29 -5.75 36.74
N TYR A 264 -42.46 -4.66 35.97
CA TYR A 264 -43.56 -4.56 34.97
C TYR A 264 -43.55 -5.58 33.88
N MET A 265 -42.36 -5.85 33.35
CA MET A 265 -42.15 -7.01 32.52
C MET A 265 -42.69 -8.30 33.16
N ALA A 266 -42.24 -8.65 34.36
CA ALA A 266 -42.69 -9.93 34.97
C ALA A 266 -44.21 -9.93 35.31
N ASN A 267 -44.65 -8.78 35.78
CA ASN A 267 -46.00 -8.56 36.18
C ASN A 267 -46.98 -8.83 35.03
N PHE A 268 -46.58 -8.48 33.81
CA PHE A 268 -47.44 -8.77 32.68
C PHE A 268 -47.57 -10.27 32.41
N PHE A 269 -46.45 -10.97 32.46
CA PHE A 269 -46.42 -12.39 32.15
C PHE A 269 -47.19 -13.16 33.22
N VAL A 270 -47.11 -12.69 34.45
CA VAL A 270 -47.81 -13.36 35.51
C VAL A 270 -49.29 -13.00 35.45
N ASN A 271 -49.62 -11.75 35.13
CA ASN A 271 -51.00 -11.41 34.86
C ASN A 271 -51.57 -12.22 33.71
N GLU A 272 -50.73 -12.61 32.75
CA GLU A 272 -51.15 -13.59 31.74
C GLU A 272 -51.37 -14.99 32.31
N ALA A 273 -50.50 -15.48 33.20
CA ALA A 273 -50.65 -16.82 33.78
C ALA A 273 -51.93 -16.99 34.57
N ARG A 274 -52.39 -15.88 35.17
CA ARG A 274 -53.60 -15.83 36.00
C ARG A 274 -54.88 -16.18 35.23
N LYS A 275 -54.85 -16.07 33.89
CA LYS A 275 -55.99 -16.42 33.05
C LYS A 275 -56.04 -17.95 32.85
N ASN A 276 -54.96 -18.63 33.23
CA ASN A 276 -54.89 -20.06 33.11
C ASN A 276 -55.39 -20.72 34.38
N LEU A 277 -56.11 -21.83 34.19
CA LEU A 277 -56.92 -22.41 35.25
C LEU A 277 -56.53 -23.83 35.61
N HIS A 278 -55.50 -24.32 34.96
CA HIS A 278 -54.87 -25.54 35.41
C HIS A 278 -54.59 -25.50 36.92
N SER A 279 -54.37 -26.68 37.48
CA SER A 279 -53.92 -26.82 38.84
C SER A 279 -53.59 -28.29 39.05
N PHE A 280 -52.90 -28.57 40.13
CA PHE A 280 -52.40 -29.90 40.35
C PHE A 280 -53.48 -30.91 40.76
N ALA A 281 -53.21 -32.20 40.52
CA ALA A 281 -54.11 -33.30 40.89
C ALA A 281 -54.52 -33.25 42.38
N SER A 282 -53.52 -33.24 43.25
CA SER A 282 -53.72 -33.00 44.68
C SER A 282 -53.18 -31.63 45.08
N THR A 283 -52.70 -31.54 46.31
CA THR A 283 -51.83 -30.44 46.71
C THR A 283 -50.52 -31.02 47.29
N GLU A 284 -50.51 -32.30 47.62
CA GLU A 284 -49.29 -33.01 48.01
C GLU A 284 -48.34 -33.05 46.80
N GLU A 285 -48.92 -33.13 45.59
CA GLU A 285 -48.21 -33.01 44.31
C GLU A 285 -47.59 -31.62 44.10
N GLU A 286 -48.39 -30.57 44.37
CA GLU A 286 -47.92 -29.18 44.39
C GLU A 286 -46.64 -29.01 45.24
N GLU A 287 -46.80 -29.26 46.55
CA GLU A 287 -45.74 -29.14 47.51
C GLU A 287 -44.50 -29.94 47.09
N LYS A 288 -44.69 -31.05 46.38
CA LYS A 288 -43.53 -31.85 45.95
C LYS A 288 -42.83 -31.31 44.68
N ALA A 289 -43.47 -30.37 43.99
CA ALA A 289 -42.95 -29.87 42.71
C ALA A 289 -42.41 -28.43 42.69
N LEU A 290 -42.67 -27.67 43.76
CA LEU A 290 -42.26 -26.28 43.88
C LEU A 290 -40.73 -26.06 44.10
N ILE A 291 -40.25 -24.90 43.67
CA ILE A 291 -38.82 -24.55 43.78
C ILE A 291 -38.33 -24.58 45.28
N TYR A 292 -39.22 -24.22 46.19
CA TYR A 292 -38.98 -24.30 47.62
C TYR A 292 -38.26 -25.58 47.98
N ASN A 293 -38.56 -26.65 47.24
CA ASN A 293 -37.94 -27.94 47.50
C ASN A 293 -36.42 -28.04 47.23
N TYR A 294 -35.82 -26.99 46.65
CA TYR A 294 -34.43 -27.03 46.21
C TYR A 294 -33.62 -25.92 46.82
N LYS A 295 -32.31 -26.08 46.89
CA LYS A 295 -31.45 -25.08 47.46
C LYS A 295 -30.38 -24.71 46.47
N PRO A 296 -30.20 -23.40 46.25
CA PRO A 296 -29.23 -22.97 45.27
C PRO A 296 -27.87 -22.92 45.89
N GLU A 297 -26.84 -22.72 45.07
CA GLU A 297 -25.56 -22.33 45.64
C GLU A 297 -25.14 -20.96 45.20
N TYR A 298 -24.24 -20.39 45.99
CA TYR A 298 -23.62 -19.13 45.73
C TYR A 298 -22.73 -19.45 44.59
N THR A 299 -22.94 -18.82 43.45
CA THR A 299 -22.06 -19.02 42.31
C THR A 299 -21.61 -17.69 41.78
N GLY A 300 -21.79 -16.66 42.58
CA GLY A 300 -21.49 -15.29 42.19
C GLY A 300 -20.06 -14.82 42.05
N ILE A 301 -19.09 -15.54 42.62
CA ILE A 301 -17.68 -15.12 42.49
C ILE A 301 -17.18 -15.57 41.15
N GLN A 302 -17.78 -16.65 40.67
CA GLN A 302 -17.31 -17.35 39.50
C GLN A 302 -18.16 -17.11 38.22
N SER A 303 -19.50 -17.12 38.33
CA SER A 303 -20.38 -17.05 37.14
C SER A 303 -21.10 -15.68 37.07
N ALA A 304 -21.92 -15.49 36.04
CA ALA A 304 -22.67 -14.27 35.89
C ALA A 304 -23.86 -14.27 36.81
N PHE A 305 -24.11 -15.41 37.41
CA PHE A 305 -25.24 -15.58 38.36
C PHE A 305 -24.83 -15.61 39.88
N GLU A 306 -25.46 -14.76 40.69
CA GLU A 306 -25.23 -14.79 42.13
C GLU A 306 -25.48 -16.18 42.71
N GLN A 307 -26.58 -16.79 42.24
CA GLN A 307 -27.12 -18.02 42.83
C GLN A 307 -27.62 -18.89 41.74
N THR A 308 -27.31 -20.19 41.82
CA THR A 308 -27.83 -21.16 40.85
C THR A 308 -28.30 -22.48 41.48
N TYR A 309 -29.41 -22.96 40.95
CA TYR A 309 -30.00 -24.22 41.30
C TYR A 309 -29.47 -25.25 40.34
N PHE A 310 -28.82 -26.27 40.90
CA PHE A 310 -28.40 -27.45 40.14
C PHE A 310 -29.30 -28.63 40.43
N PHE A 311 -29.58 -29.43 39.42
CA PHE A 311 -30.43 -30.60 39.61
C PHE A 311 -29.76 -31.89 39.15
N ASN A 312 -30.27 -32.99 39.64
CA ASN A 312 -30.00 -34.25 39.01
C ASN A 312 -31.06 -34.41 37.93
N LYS B 26 -25.60 12.94 43.98
CA LYS B 26 -24.90 11.62 43.80
C LYS B 26 -25.66 10.47 44.52
N THR B 27 -25.64 9.24 44.00
CA THR B 27 -26.41 8.12 44.63
C THR B 27 -25.71 6.78 44.53
N ASN B 28 -26.28 5.78 45.18
CA ASN B 28 -25.63 4.47 45.17
C ASN B 28 -26.54 3.41 44.61
N GLU B 29 -26.11 2.90 43.47
CA GLU B 29 -26.90 1.96 42.67
C GLU B 29 -26.58 0.47 42.99
N ARG B 30 -25.81 0.24 44.06
CA ARG B 30 -25.62 -1.13 44.52
C ARG B 30 -25.98 -1.22 46.03
N PRO B 31 -27.14 -0.68 46.42
CA PRO B 31 -27.50 -0.59 47.85
C PRO B 31 -27.60 -1.99 48.52
N ILE B 32 -27.19 -2.03 49.78
CA ILE B 32 -27.19 -3.26 50.55
C ILE B 32 -27.94 -3.00 51.82
N ILE B 33 -28.97 -3.74 52.07
CA ILE B 33 -29.77 -3.48 53.29
C ILE B 33 -29.70 -4.59 54.32
N GLY B 34 -29.63 -4.20 55.59
CA GLY B 34 -29.78 -5.08 56.73
C GLY B 34 -31.22 -5.54 57.08
N VAL B 35 -31.38 -6.83 57.37
CA VAL B 35 -32.63 -7.30 57.98
C VAL B 35 -32.26 -8.01 59.26
N LEU B 36 -32.89 -7.65 60.38
CA LEU B 36 -32.61 -8.33 61.68
C LEU B 36 -33.31 -9.66 61.85
N ALA B 37 -32.51 -10.63 62.29
CA ALA B 37 -32.97 -11.94 62.70
C ALA B 37 -33.63 -11.77 64.02
N GLN B 38 -34.48 -12.71 64.39
CA GLN B 38 -35.12 -12.61 65.68
C GLN B 38 -35.06 -13.92 66.40
N ASP B 39 -35.24 -13.84 67.72
CA ASP B 39 -34.99 -14.98 68.62
C ASP B 39 -35.92 -16.13 68.27
N VAL B 40 -35.40 -17.35 68.19
CA VAL B 40 -36.23 -18.57 68.08
C VAL B 40 -36.79 -19.02 69.44
N PHE B 41 -38.07 -19.38 69.46
CA PHE B 41 -38.80 -19.65 70.70
C PHE B 41 -38.05 -20.59 71.62
N ASP B 42 -37.73 -21.79 71.13
CA ASP B 42 -37.03 -22.80 71.90
C ASP B 42 -35.78 -23.14 71.08
N PRO B 43 -34.72 -22.35 71.32
CA PRO B 43 -33.49 -22.29 70.57
C PRO B 43 -32.75 -23.61 70.56
N LYS B 44 -32.02 -23.87 69.48
CA LYS B 44 -31.04 -24.94 69.42
C LYS B 44 -29.82 -24.37 68.70
N PRO B 45 -28.68 -25.08 68.69
CA PRO B 45 -27.61 -24.61 67.78
C PRO B 45 -27.93 -24.71 66.27
N ASP B 46 -27.44 -23.71 65.58
CA ASP B 46 -27.79 -23.41 64.24
C ASP B 46 -29.25 -23.09 64.21
N ARG B 47 -29.89 -23.13 65.37
CA ARG B 47 -31.20 -22.51 65.49
C ARG B 47 -31.30 -21.50 66.65
N ASN B 48 -30.56 -20.39 66.61
CA ASN B 48 -30.82 -19.42 67.65
C ASN B 48 -31.68 -18.26 67.19
N SER B 49 -31.61 -17.91 65.92
CA SER B 49 -32.44 -16.85 65.36
C SER B 49 -32.85 -17.16 63.95
N TYR B 50 -33.72 -16.31 63.41
CA TYR B 50 -34.35 -16.63 62.14
C TYR B 50 -34.81 -15.38 61.36
N ILE B 51 -34.82 -15.51 60.03
CA ILE B 51 -35.48 -14.55 59.15
C ILE B 51 -36.34 -15.24 58.10
N ALA B 52 -37.62 -14.93 58.06
CA ALA B 52 -38.48 -15.38 56.95
C ALA B 52 -37.95 -14.83 55.63
N ALA B 53 -37.99 -15.66 54.60
CA ALA B 53 -37.35 -15.35 53.34
C ALA B 53 -38.11 -14.28 52.55
N SER B 54 -39.34 -14.03 52.95
CA SER B 54 -40.12 -13.06 52.21
C SER B 54 -39.63 -11.61 52.46
N TYR B 55 -39.00 -11.37 53.60
CA TYR B 55 -38.30 -10.09 53.79
C TYR B 55 -37.09 -9.95 52.85
N VAL B 56 -36.42 -11.04 52.53
CA VAL B 56 -35.25 -11.01 51.64
C VAL B 56 -35.78 -10.72 50.21
N LYS B 57 -36.73 -11.52 49.76
CA LYS B 57 -37.38 -11.31 48.46
C LYS B 57 -37.89 -9.88 48.31
N PHE B 58 -38.47 -9.35 49.36
CA PHE B 58 -39.09 -8.05 49.31
C PHE B 58 -38.10 -6.95 48.97
N LEU B 59 -36.87 -7.06 49.45
CA LEU B 59 -35.90 -6.01 49.23
C LEU B 59 -35.18 -6.21 47.89
N GLU B 60 -34.92 -7.47 47.59
CA GLU B 60 -34.08 -7.84 46.46
C GLU B 60 -34.86 -7.47 45.23
N SER B 61 -36.13 -7.79 45.24
CA SER B 61 -36.98 -7.43 44.13
C SER B 61 -37.03 -5.94 43.87
N ALA B 62 -36.68 -5.13 44.86
CA ALA B 62 -36.62 -3.69 44.56
C ALA B 62 -35.21 -3.29 44.23
N GLY B 63 -34.33 -4.27 44.04
CA GLY B 63 -32.96 -3.90 43.57
C GLY B 63 -31.96 -3.56 44.68
N ALA B 64 -32.03 -4.28 45.77
CA ALA B 64 -31.09 -4.16 46.85
C ALA B 64 -30.50 -5.57 47.11
N ARG B 65 -29.31 -5.63 47.69
CA ARG B 65 -28.79 -6.90 48.15
C ARG B 65 -29.02 -6.93 49.65
N VAL B 66 -29.02 -8.12 50.23
CA VAL B 66 -29.41 -8.25 51.65
C VAL B 66 -28.36 -8.77 52.61
N VAL B 67 -28.36 -8.23 53.81
CA VAL B 67 -27.39 -8.65 54.82
C VAL B 67 -28.17 -8.97 56.08
N PRO B 68 -28.08 -10.24 56.55
CA PRO B 68 -28.78 -10.69 57.72
C PRO B 68 -27.95 -10.29 58.93
N VAL B 69 -28.59 -9.74 59.95
CA VAL B 69 -27.90 -9.11 61.05
C VAL B 69 -28.16 -9.99 62.24
N MET B 70 -27.11 -10.70 62.63
CA MET B 70 -27.16 -11.67 63.72
C MET B 70 -27.59 -11.04 65.03
N ILE B 71 -28.14 -11.88 65.90
CA ILE B 71 -28.87 -11.52 67.12
C ILE B 71 -28.09 -11.13 68.41
N ASN B 72 -27.02 -11.77 68.79
CA ASN B 72 -26.62 -11.37 70.16
C ASN B 72 -25.20 -10.88 70.19
N LYS B 73 -24.91 -9.79 69.50
CA LYS B 73 -23.52 -9.49 69.24
C LYS B 73 -23.21 -8.19 69.89
N SER B 74 -21.90 -7.90 70.02
CA SER B 74 -21.37 -6.66 70.57
C SER B 74 -21.76 -5.43 69.77
N GLU B 75 -22.00 -4.36 70.50
CA GLU B 75 -22.20 -3.04 69.95
C GLU B 75 -21.21 -2.60 68.84
N ASP B 76 -19.93 -2.83 69.04
CA ASP B 76 -18.95 -2.28 68.09
C ASP B 76 -19.14 -2.86 66.72
N GLU B 77 -19.88 -3.95 66.71
CA GLU B 77 -20.03 -4.82 65.59
C GLU B 77 -21.31 -4.51 64.84
N TYR B 78 -22.38 -4.28 65.57
CA TYR B 78 -23.58 -3.70 65.00
C TYR B 78 -23.14 -2.36 64.37
N SER B 79 -22.09 -1.77 64.91
CA SER B 79 -21.64 -0.51 64.37
C SER B 79 -20.76 -0.63 63.11
N ARG B 80 -19.95 -1.69 63.05
CA ARG B 80 -19.18 -1.99 61.86
C ARG B 80 -20.14 -2.42 60.76
N LEU B 81 -21.30 -2.94 61.14
CA LEU B 81 -22.30 -3.33 60.16
C LEU B 81 -23.07 -2.13 59.67
N PHE B 82 -23.37 -1.19 60.60
CA PHE B 82 -24.21 -0.05 60.27
C PHE B 82 -23.44 0.78 59.25
N LYS B 83 -22.16 0.93 59.53
CA LYS B 83 -21.31 1.74 58.71
C LYS B 83 -21.08 1.16 57.31
N SER B 84 -21.43 -0.10 57.10
CA SER B 84 -21.16 -0.74 55.84
C SER B 84 -22.38 -0.77 54.95
N ILE B 85 -23.54 -0.84 55.56
CA ILE B 85 -24.77 -1.04 54.81
C ILE B 85 -25.47 0.28 54.60
N ASN B 86 -26.60 0.20 53.91
CA ASN B 86 -27.22 1.38 53.33
C ASN B 86 -28.61 1.62 53.89
N GLY B 87 -29.17 0.65 54.60
CA GLY B 87 -30.35 0.92 55.42
C GLY B 87 -30.61 -0.27 56.29
N VAL B 88 -31.61 -0.17 57.14
CA VAL B 88 -32.03 -1.34 57.90
C VAL B 88 -33.50 -1.52 57.93
N LEU B 89 -33.93 -2.77 57.87
CA LEU B 89 -35.30 -3.17 58.10
C LEU B 89 -35.45 -4.02 59.42
N PHE B 90 -36.45 -3.70 60.22
CA PHE B 90 -36.81 -4.44 61.41
C PHE B 90 -38.07 -5.31 61.09
N PRO B 91 -37.89 -6.62 60.89
CA PRO B 91 -38.98 -7.47 60.46
C PRO B 91 -39.93 -7.85 61.60
N GLY B 92 -41.15 -8.22 61.21
CA GLY B 92 -42.29 -8.47 62.10
C GLY B 92 -42.06 -9.74 62.87
N GLY B 93 -42.95 -10.03 63.81
CA GLY B 93 -42.81 -11.22 64.64
C GLY B 93 -43.58 -11.13 65.94
N GLY B 94 -43.38 -12.15 66.80
CA GLY B 94 -44.06 -12.25 68.11
C GLY B 94 -43.04 -12.65 69.16
N VAL B 95 -42.22 -11.67 69.56
CA VAL B 95 -40.99 -11.87 70.31
C VAL B 95 -40.92 -10.64 71.24
N SER B 96 -40.18 -10.72 72.35
CA SER B 96 -40.31 -9.66 73.37
C SER B 96 -39.85 -8.36 72.78
N LEU B 97 -40.56 -7.28 73.09
CA LEU B 97 -40.15 -5.95 72.70
C LEU B 97 -39.16 -5.33 73.70
N GLU B 98 -38.86 -6.05 74.78
CA GLU B 98 -38.04 -5.45 75.83
C GLU B 98 -36.76 -6.22 76.12
N SER B 99 -36.81 -7.53 75.99
CA SER B 99 -35.70 -8.37 76.45
C SER B 99 -35.21 -9.33 75.38
N SER B 100 -35.62 -9.10 74.14
CA SER B 100 -35.20 -9.97 73.08
C SER B 100 -33.83 -9.54 72.58
N GLY B 101 -33.02 -10.51 72.15
CA GLY B 101 -31.79 -10.16 71.40
C GLY B 101 -32.11 -9.17 70.27
N TYR B 102 -33.27 -9.40 69.67
CA TYR B 102 -33.85 -8.59 68.63
C TYR B 102 -33.89 -7.09 69.00
N SER B 103 -34.64 -6.77 70.04
CA SER B 103 -34.88 -5.42 70.47
C SER B 103 -33.61 -4.73 70.96
N LYS B 104 -32.69 -5.49 71.53
CA LYS B 104 -31.39 -4.89 71.85
C LYS B 104 -30.67 -4.49 70.55
N ALA B 105 -30.58 -5.41 69.59
CA ALA B 105 -29.96 -5.00 68.31
C ALA B 105 -30.65 -3.78 67.63
N ALA B 106 -31.96 -3.84 67.50
CA ALA B 106 -32.69 -2.80 66.80
C ALA B 106 -32.44 -1.44 67.43
N GLY B 107 -32.53 -1.37 68.76
CA GLY B 107 -32.20 -0.15 69.55
C GLY B 107 -30.86 0.47 69.21
N ILE B 108 -29.85 -0.40 69.05
CA ILE B 108 -28.53 0.09 68.68
C ILE B 108 -28.52 0.71 67.26
N PHE B 109 -29.26 0.10 66.32
CA PHE B 109 -29.29 0.58 64.96
C PHE B 109 -30.11 1.87 64.89
N TYR B 110 -31.19 1.88 65.67
CA TYR B 110 -32.03 3.04 65.79
C TYR B 110 -31.20 4.30 66.19
N ARG B 111 -30.54 4.28 67.35
CA ARG B 111 -29.62 5.37 67.76
C ARG B 111 -28.50 5.65 66.76
N LEU B 112 -27.90 4.60 66.18
CA LEU B 112 -26.86 4.87 65.19
C LEU B 112 -27.43 5.71 63.98
N ALA B 113 -28.65 5.36 63.59
CA ALA B 113 -29.28 5.90 62.40
C ALA B 113 -29.67 7.35 62.66
N LEU B 114 -30.26 7.62 63.82
CA LEU B 114 -30.52 9.01 64.27
C LEU B 114 -29.28 9.87 64.22
N GLU B 115 -28.19 9.38 64.75
CA GLU B 115 -27.00 10.20 64.87
C GLU B 115 -26.42 10.48 63.48
N ALA B 116 -26.39 9.45 62.64
CA ALA B 116 -25.92 9.66 61.25
C ALA B 116 -26.77 10.66 60.44
N ASN B 117 -28.09 10.51 60.41
CA ASN B 117 -28.89 11.55 59.76
C ASN B 117 -28.59 12.98 60.32
N SER B 118 -28.63 13.16 61.63
CA SER B 118 -28.27 14.48 62.21
C SER B 118 -27.00 14.97 61.56
N ASN B 119 -26.02 14.06 61.39
CA ASN B 119 -24.72 14.42 60.85
C ASN B 119 -24.61 14.39 59.31
N GLY B 120 -25.74 14.40 58.60
CA GLY B 120 -25.68 14.57 57.15
C GLY B 120 -25.52 13.28 56.35
N ASP B 121 -25.55 12.15 57.06
CA ASP B 121 -25.37 10.82 56.46
C ASP B 121 -26.73 10.15 56.44
N TYR B 122 -27.41 10.33 55.31
CA TYR B 122 -28.79 9.94 55.17
C TYR B 122 -28.87 8.38 55.24
N PHE B 123 -29.66 7.85 56.16
CA PHE B 123 -29.68 6.42 56.43
C PHE B 123 -31.04 5.95 56.90
N PRO B 124 -31.77 5.19 56.05
CA PRO B 124 -33.17 4.89 56.35
C PRO B 124 -33.39 3.63 57.12
N VAL B 125 -34.52 3.60 57.81
CA VAL B 125 -34.83 2.51 58.69
C VAL B 125 -36.23 2.08 58.39
N TRP B 126 -36.49 0.79 58.32
CA TRP B 126 -37.85 0.34 58.06
C TRP B 126 -38.33 -0.64 59.12
N GLY B 127 -39.55 -0.40 59.63
CA GLY B 127 -40.12 -1.20 60.69
C GLY B 127 -41.39 -1.94 60.24
N THR B 128 -41.35 -3.28 60.20
CA THR B 128 -42.52 -4.03 59.77
C THR B 128 -43.10 -4.83 60.92
N CYS B 129 -44.32 -4.46 61.28
CA CYS B 129 -45.17 -5.15 62.24
C CYS B 129 -44.50 -5.02 63.58
N LEU B 130 -43.80 -6.09 63.99
CA LEU B 130 -43.03 -6.07 65.22
C LEU B 130 -42.14 -4.84 65.21
N GLY B 131 -41.52 -4.58 64.08
CA GLY B 131 -40.55 -3.51 63.97
C GLY B 131 -41.23 -2.17 64.05
N PHE B 132 -42.48 -2.12 63.56
CA PHE B 132 -43.32 -0.93 63.75
C PHE B 132 -43.63 -0.74 65.24
N GLU B 133 -44.04 -1.81 65.90
CA GLU B 133 -44.37 -1.77 67.30
C GLU B 133 -43.13 -1.36 68.12
N LEU B 134 -41.97 -1.78 67.66
CA LEU B 134 -40.75 -1.56 68.39
C LEU B 134 -40.29 -0.13 68.22
N LEU B 135 -40.54 0.45 67.04
CA LEU B 135 -40.22 1.83 66.78
C LEU B 135 -40.96 2.76 67.76
N THR B 136 -42.25 2.49 67.97
CA THR B 136 -43.04 3.28 68.89
C THR B 136 -42.35 3.35 70.24
N LEU B 137 -41.94 2.18 70.73
CA LEU B 137 -41.20 2.06 71.98
C LEU B 137 -39.87 2.77 71.87
N LEU B 138 -39.21 2.66 70.73
CA LEU B 138 -37.91 3.33 70.65
C LEU B 138 -37.99 4.83 70.69
N THR B 139 -39.03 5.43 70.12
CA THR B 139 -39.02 6.90 70.07
C THR B 139 -39.73 7.62 71.24
N SER B 140 -40.81 7.02 71.76
CA SER B 140 -41.50 7.53 73.00
C SER B 140 -40.80 7.10 74.29
N GLY B 141 -40.06 6.00 74.21
CA GLY B 141 -39.41 5.39 75.36
C GLY B 141 -40.38 4.63 76.24
N GLU B 142 -41.61 4.43 75.75
CA GLU B 142 -42.67 3.79 76.54
C GLU B 142 -43.37 2.69 75.75
N LEU B 143 -43.78 1.63 76.45
CA LEU B 143 -44.59 0.55 75.89
C LEU B 143 -46.06 0.92 75.96
N LEU B 144 -46.69 1.17 74.81
CA LEU B 144 -48.02 1.80 74.71
C LEU B 144 -49.04 0.99 73.87
N LEU B 145 -48.94 -0.33 73.93
CA LEU B 145 -49.70 -1.24 73.05
C LEU B 145 -50.94 -1.88 73.69
N SER B 146 -51.95 -2.15 72.86
CA SER B 146 -53.20 -2.84 73.25
C SER B 146 -53.40 -4.08 72.42
N HIS B 147 -54.14 -5.06 72.95
CA HIS B 147 -54.59 -6.17 72.13
C HIS B 147 -55.63 -5.70 71.14
N THR B 148 -55.49 -6.15 69.89
CA THR B 148 -56.47 -5.92 68.83
C THR B 148 -56.76 -7.24 68.12
N ASN B 149 -57.94 -7.33 67.53
CA ASN B 149 -58.34 -8.51 66.80
C ASN B 149 -57.83 -8.37 65.36
N THR B 150 -56.53 -8.66 65.17
CA THR B 150 -55.83 -8.43 63.91
C THR B 150 -54.82 -9.53 63.56
N SER B 151 -54.98 -10.73 64.14
CA SER B 151 -54.22 -11.93 63.75
C SER B 151 -54.85 -12.68 62.60
N GLY B 152 -54.61 -12.25 61.38
CA GLY B 152 -55.11 -13.02 60.25
C GLY B 152 -56.33 -12.41 59.60
N ILE B 153 -56.17 -11.19 59.12
CA ILE B 153 -57.21 -10.46 58.44
C ILE B 153 -56.57 -9.48 57.46
N ALA B 154 -57.24 -9.23 56.33
CA ALA B 154 -56.74 -8.33 55.32
C ALA B 154 -57.65 -7.12 55.22
N LEU B 155 -57.05 -5.95 55.07
CA LEU B 155 -57.78 -4.70 55.16
C LEU B 155 -57.21 -3.69 54.18
N PRO B 156 -58.09 -2.78 53.66
CA PRO B 156 -57.69 -1.56 52.99
C PRO B 156 -56.98 -0.72 54.00
N LEU B 157 -56.66 0.52 53.64
CA LEU B 157 -56.04 1.42 54.61
C LEU B 157 -56.83 2.72 54.70
N ASP B 158 -57.26 3.09 55.91
CA ASP B 158 -58.00 4.34 56.11
C ASP B 158 -56.97 5.41 56.24
N PHE B 159 -56.68 6.06 55.11
CA PHE B 159 -55.61 7.03 54.99
C PHE B 159 -56.00 8.23 55.81
N THR B 160 -55.02 9.09 56.09
CA THR B 160 -55.28 10.28 56.84
C THR B 160 -55.22 11.44 55.87
N GLU B 161 -55.60 12.62 56.38
CA GLU B 161 -55.38 13.86 55.67
C GLU B 161 -53.93 13.97 55.18
N ASP B 162 -52.99 13.60 56.04
CA ASP B 162 -51.59 13.86 55.80
C ASP B 162 -50.88 12.93 54.78
N VAL B 163 -51.60 11.96 54.21
CA VAL B 163 -51.03 11.11 53.17
C VAL B 163 -50.76 11.90 51.92
N LYS B 164 -51.56 12.96 51.74
CA LYS B 164 -51.45 13.80 50.56
C LYS B 164 -50.06 14.40 50.38
N GLY B 165 -49.46 14.90 51.47
CA GLY B 165 -48.10 15.42 51.37
C GLY B 165 -47.02 14.45 51.84
N SER B 166 -47.27 13.15 51.73
CA SER B 166 -46.38 12.18 52.38
C SER B 166 -45.23 11.84 51.48
N ARG B 167 -44.13 11.44 52.10
CA ARG B 167 -42.96 10.97 51.38
C ARG B 167 -43.19 9.56 50.82
N LEU B 168 -43.54 8.63 51.72
CA LEU B 168 -43.66 7.19 51.40
C LEU B 168 -44.51 6.92 50.16
N PHE B 169 -45.63 7.64 50.05
CA PHE B 169 -46.62 7.39 49.01
C PHE B 169 -46.54 8.31 47.81
N LYS B 170 -45.58 9.23 47.82
CA LYS B 170 -45.37 10.14 46.71
C LYS B 170 -45.33 9.49 45.31
N GLU B 171 -44.49 8.47 45.10
CA GLU B 171 -44.29 7.97 43.72
C GLU B 171 -45.27 6.83 43.32
N PHE B 172 -46.30 6.63 44.14
CA PHE B 172 -47.33 5.60 43.88
C PHE B 172 -48.33 6.07 42.81
N PRO B 173 -48.75 5.16 41.91
CA PRO B 173 -49.80 5.51 40.94
C PRO B 173 -51.11 5.85 41.65
N GLU B 174 -51.84 6.85 41.15
CA GLU B 174 -53.10 7.27 41.77
C GLU B 174 -54.12 6.12 41.82
N GLU B 175 -54.26 5.36 40.74
CA GLU B 175 -55.15 4.18 40.76
C GLU B 175 -54.83 3.19 41.90
N LEU B 176 -53.54 3.09 42.22
CA LEU B 176 -53.10 2.19 43.26
C LEU B 176 -53.46 2.73 44.62
N MET B 177 -53.26 4.02 44.83
CA MET B 177 -53.73 4.68 46.06
C MET B 177 -55.23 4.46 46.29
N LYS B 178 -56.03 4.56 45.23
CA LYS B 178 -57.43 4.27 45.36
C LYS B 178 -57.71 2.79 45.62
N SER B 179 -57.04 1.88 44.92
CA SER B 179 -57.25 0.47 45.19
C SER B 179 -56.97 0.16 46.65
N LEU B 180 -55.93 0.77 47.16
CA LEU B 180 -55.52 0.58 48.55
C LEU B 180 -56.52 1.16 49.54
N ALA B 181 -57.12 2.30 49.22
CA ALA B 181 -58.15 2.82 50.13
C ALA B 181 -59.45 1.99 50.08
N THR B 182 -59.54 0.99 49.20
CA THR B 182 -60.84 0.42 48.90
C THR B 182 -60.89 -1.09 48.93
N GLU B 183 -59.74 -1.74 48.93
CA GLU B 183 -59.71 -3.17 48.76
C GLU B 183 -58.88 -3.84 49.81
N PRO B 184 -59.23 -5.08 50.19
CA PRO B 184 -58.55 -5.84 51.25
C PRO B 184 -57.06 -6.15 50.93
N LEU B 185 -56.22 -5.11 50.82
CA LEU B 185 -54.87 -5.24 50.25
C LEU B 185 -53.68 -5.46 51.21
N THR B 186 -53.80 -5.04 52.45
CA THR B 186 -52.69 -5.12 53.41
C THR B 186 -52.97 -6.24 54.41
N GLU B 187 -52.06 -7.20 54.52
CA GLU B 187 -52.30 -8.30 55.44
C GLU B 187 -51.81 -7.95 56.85
N ASN B 188 -52.56 -8.44 57.84
CA ASN B 188 -52.42 -8.09 59.25
C ASN B 188 -52.41 -9.36 60.02
N SER B 189 -51.27 -9.67 60.66
CA SER B 189 -51.19 -10.77 61.60
C SER B 189 -50.40 -10.32 62.84
N HIS B 190 -50.93 -9.31 63.52
CA HIS B 190 -50.35 -8.74 64.76
C HIS B 190 -51.29 -8.86 65.96
N GLN B 191 -50.73 -9.21 67.12
CA GLN B 191 -51.52 -9.31 68.36
C GLN B 191 -51.76 -7.94 68.94
N TRP B 192 -50.81 -7.03 68.75
CA TRP B 192 -50.91 -5.69 69.31
C TRP B 192 -50.86 -4.59 68.26
N SER B 193 -51.23 -3.37 68.65
CA SER B 193 -51.18 -2.13 67.85
C SER B 193 -51.08 -1.00 68.86
N ILE B 194 -50.80 0.24 68.43
CA ILE B 194 -51.14 1.40 69.27
C ILE B 194 -52.40 2.02 68.73
N THR B 195 -53.34 2.36 69.62
CA THR B 195 -54.53 3.11 69.23
C THR B 195 -54.04 4.48 68.87
N THR B 196 -54.84 5.16 68.07
CA THR B 196 -54.65 6.57 67.72
C THR B 196 -54.67 7.43 68.95
N GLU B 197 -55.62 7.13 69.82
CA GLU B 197 -55.74 7.78 71.12
C GLU B 197 -54.38 7.79 71.88
N ASN B 198 -53.80 6.60 72.07
CA ASN B 198 -52.51 6.48 72.80
C ASN B 198 -51.36 7.10 72.06
N PHE B 199 -51.51 7.21 70.74
CA PHE B 199 -50.53 7.87 69.91
C PHE B 199 -50.57 9.38 70.08
N THR B 200 -51.75 9.96 69.83
CA THR B 200 -51.93 11.39 69.89
C THR B 200 -51.57 11.90 71.30
N ALA B 201 -51.89 11.07 72.29
CA ALA B 201 -51.67 11.38 73.70
C ALA B 201 -50.22 11.42 74.10
N ASN B 202 -49.39 10.58 73.47
CA ASN B 202 -47.96 10.59 73.75
C ASN B 202 -47.20 11.64 72.96
N LYS B 203 -46.58 12.55 73.70
CA LYS B 203 -46.02 13.77 73.11
C LYS B 203 -44.84 13.54 72.15
N LYS B 204 -43.99 12.58 72.47
CA LYS B 204 -42.82 12.30 71.61
C LYS B 204 -43.24 11.78 70.24
N LEU B 205 -44.16 10.81 70.25
CA LEU B 205 -44.61 10.15 69.03
C LEU B 205 -45.25 11.16 68.11
N LYS B 206 -46.23 11.87 68.66
CA LYS B 206 -47.03 12.83 67.91
C LYS B 206 -46.16 13.92 67.30
N LYS B 207 -45.03 14.25 67.91
CA LYS B 207 -44.14 15.26 67.32
C LYS B 207 -43.07 14.67 66.39
N PHE B 208 -42.79 13.38 66.58
CA PHE B 208 -41.76 12.68 65.82
C PHE B 208 -42.26 12.02 64.54
N TYR B 209 -43.38 11.33 64.63
CA TYR B 209 -43.88 10.53 63.55
C TYR B 209 -45.11 11.12 62.92
N ARG B 210 -45.17 11.08 61.60
CA ARG B 210 -46.38 11.49 60.86
C ARG B 210 -47.26 10.29 60.56
N VAL B 211 -48.56 10.37 60.89
CA VAL B 211 -49.47 9.23 60.70
C VAL B 211 -50.07 9.26 59.30
N LEU B 212 -49.93 8.15 58.59
CA LEU B 212 -50.37 8.12 57.21
C LEU B 212 -51.60 7.28 57.03
N SER B 213 -51.81 6.34 57.95
CA SER B 213 -53.01 5.52 57.80
C SER B 213 -53.47 4.94 59.11
N THR B 214 -54.72 4.52 59.11
CA THR B 214 -55.36 4.00 60.29
C THR B 214 -56.20 2.81 59.87
N ASN B 215 -56.41 1.94 60.83
CA ASN B 215 -57.40 0.93 60.68
C ASN B 215 -58.14 0.78 62.01
N THR B 216 -59.15 -0.07 62.01
CA THR B 216 -59.90 -0.32 63.20
C THR B 216 -60.28 -1.78 63.19
N ASP B 217 -60.51 -2.37 64.35
CA ASP B 217 -60.88 -3.79 64.40
C ASP B 217 -62.30 -4.11 64.92
N GLY B 218 -63.03 -3.09 65.38
CA GLY B 218 -64.31 -3.35 66.05
C GLY B 218 -64.64 -2.33 67.14
N TYR B 219 -63.70 -2.10 68.07
CA TYR B 219 -63.81 -0.90 68.90
C TYR B 219 -62.49 -0.16 69.04
N ASN B 220 -61.41 -0.84 68.69
CA ASN B 220 -60.07 -0.24 68.66
C ASN B 220 -59.68 0.38 67.32
N LYS B 221 -59.10 1.56 67.38
CA LYS B 221 -58.67 2.27 66.18
C LYS B 221 -57.17 2.63 66.29
N PHE B 222 -56.38 2.12 65.33
CA PHE B 222 -54.92 2.21 65.39
C PHE B 222 -54.20 2.86 64.24
N VAL B 223 -52.96 3.24 64.51
CA VAL B 223 -52.04 3.68 63.49
C VAL B 223 -51.61 2.43 62.73
N SER B 224 -51.67 2.47 61.39
CA SER B 224 -51.28 1.30 60.60
C SER B 224 -50.16 1.57 59.58
N THR B 225 -49.99 2.84 59.20
CA THR B 225 -48.81 3.27 58.49
C THR B 225 -48.35 4.65 58.92
N MET B 226 -47.03 4.81 59.09
CA MET B 226 -46.46 6.10 59.46
C MET B 226 -45.02 6.29 58.95
N GLU B 227 -44.55 7.54 58.96
CA GLU B 227 -43.15 7.94 58.65
C GLU B 227 -42.72 9.10 59.57
N ALA B 228 -41.43 9.33 59.77
CA ALA B 228 -40.99 10.41 60.66
C ALA B 228 -40.94 11.76 59.94
N TYR B 229 -41.12 12.89 60.64
CA TYR B 229 -41.04 14.17 59.92
C TYR B 229 -39.60 14.50 59.60
N ASP B 230 -38.65 14.23 60.51
CA ASP B 230 -37.27 14.72 60.25
C ASP B 230 -36.16 13.70 59.99
N PHE B 231 -36.56 12.46 59.79
CA PHE B 231 -35.65 11.33 59.59
C PHE B 231 -36.30 10.29 58.67
N PRO B 232 -35.49 9.60 57.85
CA PRO B 232 -36.03 8.57 56.97
C PRO B 232 -36.31 7.27 57.71
N ILE B 233 -37.39 7.30 58.48
CA ILE B 233 -37.84 6.15 59.25
C ILE B 233 -39.29 5.90 58.87
N TYR B 234 -39.63 4.69 58.47
CA TYR B 234 -40.92 4.39 57.89
C TYR B 234 -41.31 3.12 58.55
N ALA B 235 -42.56 3.03 58.96
CA ALA B 235 -43.06 1.76 59.53
C ALA B 235 -44.47 1.37 59.08
N THR B 236 -44.71 0.08 59.01
CA THR B 236 -46.07 -0.40 58.81
C THR B 236 -46.39 -1.38 59.88
N GLN B 237 -47.63 -1.32 60.38
CA GLN B 237 -48.14 -2.34 61.28
C GLN B 237 -48.52 -3.61 60.51
N TRP B 238 -48.82 -3.44 59.24
CA TRP B 238 -49.15 -4.59 58.38
C TRP B 238 -47.85 -5.04 57.74
N ASN B 239 -47.92 -6.17 57.05
CA ASN B 239 -46.80 -6.78 56.39
C ASN B 239 -46.89 -6.74 54.86
N PRO B 240 -46.29 -5.73 54.21
CA PRO B 240 -46.33 -5.69 52.73
C PRO B 240 -45.70 -6.91 52.01
N GLU B 241 -44.65 -7.48 52.61
CA GLU B 241 -43.84 -8.51 51.98
C GLU B 241 -44.62 -9.75 51.60
N LYS B 242 -45.69 -10.02 52.30
CA LYS B 242 -46.31 -11.32 52.17
C LYS B 242 -47.08 -11.52 50.88
N ASN B 243 -47.68 -10.43 50.43
CA ASN B 243 -48.59 -10.45 49.28
C ASN B 243 -48.00 -11.28 48.13
N ALA B 244 -46.74 -10.98 47.79
CA ALA B 244 -46.08 -11.60 46.64
C ALA B 244 -45.38 -12.92 46.93
N PHE B 245 -44.97 -13.14 48.18
CA PHE B 245 -44.06 -14.21 48.46
C PHE B 245 -44.59 -15.28 49.41
N GLU B 246 -45.68 -14.98 50.15
CA GLU B 246 -46.24 -16.03 51.05
C GLU B 246 -47.60 -16.57 50.58
N TRP B 247 -47.72 -17.89 50.52
CA TRP B 247 -48.99 -18.53 50.08
C TRP B 247 -49.64 -19.54 51.07
N THR B 248 -49.20 -19.51 52.33
CA THR B 248 -49.59 -20.46 53.40
C THR B 248 -50.97 -20.25 54.01
N ARG B 249 -51.43 -19.03 53.83
CA ARG B 249 -52.56 -18.48 54.50
C ARG B 249 -53.50 -17.70 53.60
N PRO B 250 -54.78 -17.97 53.82
CA PRO B 250 -55.88 -17.37 53.07
C PRO B 250 -55.96 -15.86 53.25
N TYR B 251 -55.67 -15.32 54.44
CA TYR B 251 -55.86 -13.88 54.55
C TYR B 251 -54.77 -13.08 53.80
N ILE B 252 -53.75 -13.76 53.30
CA ILE B 252 -52.72 -13.11 52.49
C ILE B 252 -53.32 -12.68 51.14
N PRO B 253 -53.49 -11.36 50.93
CA PRO B 253 -54.04 -10.84 49.65
C PRO B 253 -53.06 -11.08 48.51
N HIS B 254 -53.60 -11.27 47.30
CA HIS B 254 -52.87 -11.80 46.17
C HIS B 254 -53.41 -11.27 44.84
N THR B 255 -54.25 -10.24 44.85
CA THR B 255 -54.72 -9.69 43.61
C THR B 255 -53.63 -8.86 42.98
N PRO B 256 -53.79 -8.51 41.69
CA PRO B 256 -52.75 -7.74 41.01
C PRO B 256 -52.38 -6.49 41.77
N SER B 257 -53.36 -5.92 42.45
CA SER B 257 -53.12 -4.71 43.20
C SER B 257 -52.36 -4.97 44.51
N ALA B 258 -52.65 -6.09 45.11
CA ALA B 258 -51.86 -6.53 46.26
C ALA B 258 -50.40 -6.64 45.86
N ILE B 259 -50.20 -7.15 44.65
CA ILE B 259 -48.87 -7.50 44.18
C ILE B 259 -48.10 -6.26 43.81
N LYS B 260 -48.78 -5.29 43.21
CA LYS B 260 -48.20 -3.95 43.00
C LYS B 260 -47.83 -3.24 44.30
N THR B 261 -48.61 -3.49 45.36
CA THR B 261 -48.44 -2.84 46.66
C THR B 261 -47.15 -3.29 47.32
N THR B 262 -46.92 -4.60 47.37
CA THR B 262 -45.63 -5.06 47.86
C THR B 262 -44.39 -4.48 47.11
N PHE B 263 -44.44 -4.33 45.79
CA PHE B 263 -43.34 -3.70 45.03
C PHE B 263 -43.21 -2.19 45.25
N TYR B 264 -44.33 -1.49 45.26
CA TYR B 264 -44.16 -0.05 45.49
C TYR B 264 -43.66 0.28 46.87
N MET B 265 -44.05 -0.51 47.85
CA MET B 265 -43.56 -0.33 49.19
C MET B 265 -42.06 -0.57 49.23
N ALA B 266 -41.62 -1.70 48.66
CA ALA B 266 -40.18 -2.03 48.71
C ALA B 266 -39.42 -1.01 47.91
N ASN B 267 -39.93 -0.66 46.74
CA ASN B 267 -39.29 0.32 45.87
C ASN B 267 -39.02 1.65 46.58
N PHE B 268 -39.96 2.11 47.41
CA PHE B 268 -39.69 3.35 48.07
C PHE B 268 -38.53 3.17 48.99
N PHE B 269 -38.54 2.07 49.76
CA PHE B 269 -37.51 1.88 50.78
C PHE B 269 -36.14 1.80 50.14
N VAL B 270 -36.03 0.97 49.11
CA VAL B 270 -34.75 0.88 48.44
C VAL B 270 -34.33 2.20 47.81
N ASN B 271 -35.26 2.98 47.28
CA ASN B 271 -34.87 4.29 46.76
C ASN B 271 -34.25 5.20 47.83
N GLU B 272 -34.73 5.07 49.07
CA GLU B 272 -34.20 5.79 50.21
C GLU B 272 -32.75 5.36 50.53
N ALA B 273 -32.49 4.05 50.49
CA ALA B 273 -31.17 3.48 50.68
C ALA B 273 -30.24 3.89 49.60
N ARG B 274 -30.77 4.09 48.40
CA ARG B 274 -29.94 4.65 47.29
C ARG B 274 -29.31 5.97 47.66
N LYS B 275 -29.85 6.66 48.67
CA LYS B 275 -29.22 7.90 49.14
C LYS B 275 -28.05 7.74 50.17
N ASN B 276 -27.86 6.53 50.68
CA ASN B 276 -26.77 6.32 51.64
C ASN B 276 -25.56 5.85 50.91
N LEU B 277 -24.40 6.39 51.27
CA LEU B 277 -23.17 6.10 50.56
C LEU B 277 -22.16 5.19 51.31
N HIS B 278 -22.60 4.51 52.36
CA HIS B 278 -21.73 3.61 53.13
C HIS B 278 -21.25 2.50 52.21
N SER B 279 -20.07 1.98 52.53
CA SER B 279 -19.65 0.75 51.94
C SER B 279 -18.81 -0.11 52.88
N PHE B 280 -18.60 -1.37 52.48
CA PHE B 280 -17.84 -2.28 53.30
C PHE B 280 -16.40 -1.93 53.08
N ALA B 281 -15.57 -2.20 54.07
CA ALA B 281 -14.12 -2.01 54.00
C ALA B 281 -13.49 -2.73 52.82
N SER B 282 -14.16 -3.76 52.28
CA SER B 282 -13.57 -4.51 51.13
C SER B 282 -14.57 -5.49 50.53
N THR B 283 -14.34 -5.97 49.30
CA THR B 283 -15.34 -6.92 48.68
C THR B 283 -15.48 -8.26 49.38
N GLU B 284 -14.39 -8.78 49.91
CA GLU B 284 -14.45 -10.06 50.61
C GLU B 284 -15.32 -9.90 51.82
N GLU B 285 -15.20 -8.73 52.43
CA GLU B 285 -15.94 -8.45 53.62
C GLU B 285 -17.44 -8.32 53.28
N GLU B 286 -17.72 -7.75 52.11
CA GLU B 286 -19.09 -7.58 51.63
C GLU B 286 -19.68 -8.95 51.29
N GLU B 287 -18.92 -9.74 50.57
CA GLU B 287 -19.33 -11.08 50.20
C GLU B 287 -19.70 -12.02 51.40
N LYS B 288 -18.93 -11.89 52.49
CA LYS B 288 -19.11 -12.70 53.67
C LYS B 288 -20.40 -12.34 54.41
N ALA B 289 -20.85 -11.11 54.20
CA ALA B 289 -21.96 -10.63 54.94
C ALA B 289 -23.33 -10.92 54.24
N LEU B 290 -23.36 -11.17 52.92
CA LEU B 290 -24.64 -11.28 52.16
C LEU B 290 -25.54 -12.52 52.44
N ILE B 291 -26.86 -12.39 52.22
CA ILE B 291 -27.77 -13.49 52.44
C ILE B 291 -27.40 -14.67 51.57
N TYR B 292 -26.58 -14.44 50.53
CA TYR B 292 -26.13 -15.49 49.62
C TYR B 292 -25.35 -16.63 50.30
N ASN B 293 -24.78 -16.35 51.47
CA ASN B 293 -24.01 -17.35 52.17
C ASN B 293 -24.90 -18.36 52.87
N TYR B 294 -26.20 -18.14 52.86
CA TYR B 294 -27.12 -18.92 53.68
C TYR B 294 -28.19 -19.56 52.81
N LYS B 295 -28.62 -20.75 53.24
CA LYS B 295 -29.69 -21.48 52.60
C LYS B 295 -30.92 -21.55 53.50
N PRO B 296 -32.07 -21.13 52.97
CA PRO B 296 -33.30 -21.16 53.76
C PRO B 296 -33.84 -22.57 53.86
N GLU B 297 -34.53 -22.89 54.94
CA GLU B 297 -35.28 -24.13 55.03
C GLU B 297 -36.72 -24.01 54.52
N TYR B 298 -37.19 -25.08 53.87
CA TYR B 298 -38.60 -25.22 53.52
C TYR B 298 -39.44 -25.43 54.77
N THR B 299 -40.36 -24.51 55.05
CA THR B 299 -41.17 -24.55 56.29
C THR B 299 -42.67 -24.31 56.02
N GLY B 300 -43.06 -24.32 54.76
CA GLY B 300 -44.44 -23.97 54.40
C GLY B 300 -45.55 -24.99 54.65
N ILE B 301 -45.19 -26.26 54.87
CA ILE B 301 -46.17 -27.32 55.14
C ILE B 301 -46.94 -26.96 56.37
N GLN B 302 -46.19 -26.37 57.28
CA GLN B 302 -46.56 -26.19 58.67
C GLN B 302 -46.64 -24.69 58.85
N SER B 303 -45.51 -24.00 59.04
CA SER B 303 -45.46 -22.54 59.33
C SER B 303 -46.20 -21.58 58.38
N ALA B 304 -46.26 -20.31 58.78
CA ALA B 304 -46.91 -19.25 58.01
C ALA B 304 -46.02 -18.74 56.88
N PHE B 305 -44.88 -19.39 56.72
CA PHE B 305 -43.77 -18.89 55.89
C PHE B 305 -43.26 -19.99 54.99
N GLU B 306 -43.21 -19.71 53.70
CA GLU B 306 -42.76 -20.73 52.75
C GLU B 306 -41.36 -21.21 53.07
N GLN B 307 -40.45 -20.26 53.31
CA GLN B 307 -39.06 -20.61 53.49
C GLN B 307 -38.56 -19.72 54.57
N THR B 308 -37.75 -20.28 55.44
CA THR B 308 -37.21 -19.42 56.51
C THR B 308 -35.71 -19.68 56.72
N TYR B 309 -34.93 -18.62 56.87
CA TYR B 309 -33.46 -18.72 57.16
C TYR B 309 -33.20 -18.89 58.65
N PHE B 310 -32.43 -19.90 59.02
CA PHE B 310 -32.13 -20.13 60.45
C PHE B 310 -30.68 -19.91 60.73
N PHE B 311 -30.36 -19.16 61.78
CA PHE B 311 -28.98 -18.91 62.08
C PHE B 311 -28.51 -19.50 63.38
N ASN B 312 -27.25 -19.87 63.40
CA ASN B 312 -26.50 -19.99 64.65
C ASN B 312 -26.22 -18.60 65.21
N LYS C 26 1.43 24.04 -10.02
CA LYS C 26 2.62 23.50 -9.25
C LYS C 26 2.21 22.56 -8.11
N THR C 27 2.80 21.37 -8.14
CA THR C 27 2.44 20.28 -7.25
C THR C 27 3.74 19.70 -6.68
N ASN C 28 3.67 19.13 -5.47
CA ASN C 28 4.85 18.50 -4.85
C ASN C 28 4.71 16.98 -4.99
N GLU C 29 5.55 16.41 -5.83
CA GLU C 29 5.41 14.99 -6.09
C GLU C 29 6.34 14.16 -5.25
N ARG C 30 7.06 14.79 -4.33
CA ARG C 30 7.87 14.05 -3.35
C ARG C 30 7.42 14.40 -1.96
N PRO C 31 6.16 14.15 -1.62
CA PRO C 31 5.71 14.62 -0.30
C PRO C 31 6.24 13.80 0.89
N ILE C 32 6.64 14.49 1.94
CA ILE C 32 7.11 13.89 3.12
C ILE C 32 6.10 14.18 4.23
N ILE C 33 5.57 13.17 4.88
CA ILE C 33 4.60 13.40 5.95
C ILE C 33 5.11 13.05 7.37
N GLY C 34 4.77 13.86 8.36
CA GLY C 34 5.21 13.62 9.74
C GLY C 34 4.21 12.70 10.41
N VAL C 35 4.72 11.85 11.30
CA VAL C 35 3.86 11.01 12.14
C VAL C 35 4.30 11.13 13.61
N LEU C 36 3.42 11.53 14.50
CA LEU C 36 3.82 11.72 15.88
C LEU C 36 4.02 10.37 16.66
N ALA C 37 5.21 10.22 17.24
CA ALA C 37 5.45 9.13 18.19
C ALA C 37 4.58 9.32 19.42
N GLN C 38 4.28 8.28 20.18
CA GLN C 38 3.60 8.55 21.47
C GLN C 38 4.29 7.93 22.70
N ASP C 39 4.11 8.56 23.85
CA ASP C 39 4.74 8.16 25.13
C ASP C 39 4.53 6.65 25.37
N VAL C 40 5.61 5.91 25.63
CA VAL C 40 5.46 4.50 26.14
C VAL C 40 5.05 4.52 27.65
N PHE C 41 4.13 3.61 28.00
CA PHE C 41 3.67 3.50 29.39
C PHE C 41 4.84 3.20 30.32
N ASP C 42 5.66 2.21 29.99
CA ASP C 42 6.81 1.86 30.84
C ASP C 42 8.14 2.35 30.24
N PRO C 43 8.35 3.69 30.27
CA PRO C 43 9.49 4.31 29.60
C PRO C 43 10.83 3.74 30.07
N LYS C 44 11.76 3.63 29.11
CA LYS C 44 13.09 3.09 29.29
C LYS C 44 13.85 3.50 28.03
N PRO C 45 15.20 3.45 28.06
CA PRO C 45 15.95 3.97 26.91
C PRO C 45 15.82 3.13 25.62
N ASP C 46 15.65 3.81 24.50
CA ASP C 46 15.22 3.14 23.27
C ASP C 46 13.73 2.74 23.30
N ARG C 47 13.03 3.22 24.32
CA ARG C 47 11.64 2.92 24.56
C ARG C 47 10.90 4.01 25.25
N ASN C 48 11.19 5.24 24.92
CA ASN C 48 10.45 6.38 25.44
C ASN C 48 9.20 6.65 24.72
N SER C 49 9.19 6.33 23.42
CA SER C 49 8.06 6.60 22.58
C SER C 49 8.02 5.56 21.46
N TYR C 50 6.91 5.54 20.73
CA TYR C 50 6.78 4.54 19.69
C TYR C 50 5.79 4.99 18.63
N ILE C 51 5.90 4.37 17.45
CA ILE C 51 4.88 4.45 16.39
C ILE C 51 4.60 3.08 15.77
N ALA C 52 3.34 2.79 15.53
CA ALA C 52 2.90 1.53 15.01
C ALA C 52 3.17 1.57 13.52
N ALA C 53 3.75 0.51 12.93
CA ALA C 53 4.26 0.56 11.54
C ALA C 53 3.14 0.60 10.49
N SER C 54 1.93 0.23 10.87
CA SER C 54 0.84 0.24 9.98
C SER C 54 0.49 1.72 9.58
N TYR C 55 0.81 2.72 10.43
CA TYR C 55 0.66 4.19 10.06
C TYR C 55 1.70 4.63 9.03
N VAL C 56 2.90 4.08 9.12
CA VAL C 56 3.91 4.38 8.15
C VAL C 56 3.47 3.77 6.79
N LYS C 57 3.16 2.50 6.78
CA LYS C 57 2.72 1.80 5.60
C LYS C 57 1.51 2.46 4.92
N PHE C 58 0.48 2.79 5.70
CA PHE C 58 -0.68 3.64 5.34
C PHE C 58 -0.27 4.76 4.36
N LEU C 59 0.75 5.55 4.75
CA LEU C 59 1.20 6.69 4.01
C LEU C 59 2.04 6.33 2.81
N GLU C 60 3.08 5.52 3.04
CA GLU C 60 4.03 5.19 1.96
C GLU C 60 3.28 4.58 0.79
N SER C 61 2.21 3.89 1.11
CA SER C 61 1.52 3.22 0.03
C SER C 61 0.76 4.24 -0.81
N ALA C 62 0.54 5.45 -0.30
CA ALA C 62 -0.05 6.45 -1.16
C ALA C 62 0.96 7.34 -1.80
N GLY C 63 2.22 6.96 -1.74
CA GLY C 63 3.25 7.78 -2.33
C GLY C 63 3.80 8.89 -1.46
N ALA C 64 3.77 8.72 -0.15
CA ALA C 64 4.47 9.65 0.72
C ALA C 64 5.70 8.94 1.29
N ARG C 65 6.74 9.67 1.63
CA ARG C 65 7.79 9.23 2.55
C ARG C 65 7.46 9.77 3.94
N VAL C 66 7.97 9.09 4.98
CA VAL C 66 7.50 9.33 6.33
C VAL C 66 8.65 9.81 7.25
N VAL C 67 8.32 10.78 8.13
CA VAL C 67 9.20 11.29 9.20
C VAL C 67 8.57 11.10 10.59
N PRO C 68 9.20 10.27 11.45
CA PRO C 68 8.67 10.21 12.80
C PRO C 68 9.05 11.46 13.59
N VAL C 69 8.08 11.99 14.31
CA VAL C 69 8.23 13.19 15.05
C VAL C 69 8.35 12.83 16.49
N MET C 70 9.52 13.11 17.02
CA MET C 70 9.91 12.71 18.37
C MET C 70 9.08 13.46 19.40
N ILE C 71 8.99 12.90 20.59
CA ILE C 71 8.06 13.39 21.60
C ILE C 71 8.49 14.50 22.57
N ASN C 72 9.74 14.64 22.98
CA ASN C 72 9.81 15.75 24.03
C ASN C 72 10.75 16.90 23.68
N LYS C 73 10.60 17.40 22.45
CA LYS C 73 11.60 18.23 21.84
C LYS C 73 11.27 19.70 22.01
N SER C 74 12.15 20.60 21.59
CA SER C 74 11.87 22.03 21.84
C SER C 74 10.89 22.59 20.81
N GLU C 75 10.19 23.62 21.22
CA GLU C 75 9.28 24.37 20.41
C GLU C 75 9.87 24.65 19.00
N ASP C 76 11.11 25.11 19.01
CA ASP C 76 11.86 25.37 17.82
C ASP C 76 12.23 24.14 17.01
N GLU C 77 12.38 22.98 17.65
CA GLU C 77 12.62 21.74 16.91
C GLU C 77 11.37 21.31 16.12
N TYR C 78 10.20 21.68 16.61
CA TYR C 78 8.92 21.35 15.99
C TYR C 78 8.65 22.28 14.82
N SER C 79 9.16 23.51 14.96
CA SER C 79 9.18 24.50 13.91
C SER C 79 10.08 24.12 12.71
N ARG C 80 11.36 23.87 12.96
CA ARG C 80 12.26 23.25 11.96
C ARG C 80 11.44 22.16 11.19
N LEU C 81 10.84 21.22 11.91
CA LEU C 81 10.26 20.05 11.28
C LEU C 81 9.02 20.50 10.52
N PHE C 82 8.20 21.32 11.15
CA PHE C 82 6.97 21.77 10.53
C PHE C 82 7.25 22.36 9.15
N LYS C 83 8.38 23.06 9.04
CA LYS C 83 8.65 23.82 7.87
C LYS C 83 9.30 23.01 6.86
N SER C 84 9.73 21.83 7.31
CA SER C 84 10.42 20.92 6.45
C SER C 84 9.45 19.96 5.82
N ILE C 85 8.38 19.61 6.53
CA ILE C 85 7.52 18.53 6.07
C ILE C 85 6.27 19.09 5.34
N ASN C 86 5.45 18.21 4.77
CA ASN C 86 4.30 18.60 3.99
C ASN C 86 2.97 18.22 4.57
N GLY C 87 2.96 17.62 5.77
CA GLY C 87 1.71 17.18 6.43
C GLY C 87 2.09 16.59 7.75
N VAL C 88 1.13 16.38 8.67
CA VAL C 88 1.38 15.61 9.91
C VAL C 88 0.21 14.71 10.16
N LEU C 89 0.49 13.54 10.72
CA LEU C 89 -0.57 12.64 11.14
C LEU C 89 -0.42 12.43 12.62
N PHE C 90 -1.55 12.44 13.32
CA PHE C 90 -1.65 12.17 14.75
C PHE C 90 -2.30 10.79 14.94
N PRO C 91 -1.50 9.76 15.21
CA PRO C 91 -2.08 8.42 15.24
C PRO C 91 -2.79 8.03 16.49
N GLY C 92 -3.20 6.74 16.56
CA GLY C 92 -4.17 6.27 17.56
C GLY C 92 -3.38 5.86 18.74
N GLY C 93 -4.04 5.57 19.86
CA GLY C 93 -3.36 4.98 21.02
C GLY C 93 -4.02 5.19 22.36
N GLY C 94 -3.26 4.94 23.44
CA GLY C 94 -3.83 4.99 24.81
C GLY C 94 -3.25 6.04 25.77
N VAL C 95 -2.47 6.97 25.24
CA VAL C 95 -1.86 8.00 26.09
C VAL C 95 -2.84 9.12 26.44
N SER C 96 -2.52 9.89 27.48
CA SER C 96 -3.38 10.97 27.94
C SER C 96 -3.50 12.00 26.84
N LEU C 97 -4.58 12.75 26.87
CA LEU C 97 -4.79 13.80 25.87
C LEU C 97 -4.39 15.16 26.40
N GLU C 98 -3.99 15.23 27.66
CA GLU C 98 -3.69 16.54 28.22
C GLU C 98 -2.28 16.64 28.78
N SER C 99 -1.72 15.53 29.23
CA SER C 99 -0.47 15.65 29.92
C SER C 99 0.69 14.87 29.26
N SER C 100 0.45 14.26 28.10
CA SER C 100 1.51 13.48 27.46
C SER C 100 2.41 14.30 26.55
N GLY C 101 3.60 13.76 26.32
CA GLY C 101 4.49 14.26 25.29
C GLY C 101 3.76 14.41 23.95
N TYR C 102 3.07 13.33 23.56
CA TYR C 102 2.25 13.28 22.33
C TYR C 102 1.38 14.53 22.24
N SER C 103 0.54 14.71 23.26
CA SER C 103 -0.47 15.75 23.21
C SER C 103 0.12 17.15 23.11
N LYS C 104 1.27 17.35 23.74
CA LYS C 104 1.97 18.62 23.75
C LYS C 104 2.56 18.92 22.41
N ALA C 105 3.23 17.94 21.83
CA ALA C 105 3.74 18.10 20.50
C ALA C 105 2.60 18.24 19.44
N ALA C 106 1.47 17.57 19.63
CA ALA C 106 0.37 17.69 18.64
C ALA C 106 -0.30 19.07 18.67
N GLY C 107 -0.56 19.60 19.88
CA GLY C 107 -0.97 20.99 20.08
C GLY C 107 -0.13 21.97 19.29
N ILE C 108 1.19 21.86 19.45
CA ILE C 108 2.12 22.72 18.74
C ILE C 108 1.98 22.58 17.22
N PHE C 109 1.84 21.36 16.71
CA PHE C 109 1.65 21.23 15.26
C PHE C 109 0.32 21.76 14.83
N TYR C 110 -0.71 21.59 15.67
CA TYR C 110 -2.05 22.08 15.36
C TYR C 110 -1.97 23.61 15.14
N ARG C 111 -1.30 24.30 16.05
CA ARG C 111 -1.25 25.77 16.02
C ARG C 111 -0.45 26.29 14.85
N LEU C 112 0.68 25.64 14.58
CA LEU C 112 1.39 26.00 13.36
C LEU C 112 0.54 25.72 12.13
N ALA C 113 -0.33 24.72 12.19
CA ALA C 113 -0.96 24.34 10.93
C ALA C 113 -2.03 25.36 10.56
N LEU C 114 -2.79 25.77 11.57
CA LEU C 114 -3.81 26.83 11.46
C LEU C 114 -3.24 28.15 10.94
N GLU C 115 -2.15 28.55 11.57
CA GLU C 115 -1.47 29.76 11.24
C GLU C 115 -1.07 29.71 9.76
N ALA C 116 -0.40 28.61 9.40
CA ALA C 116 0.13 28.52 8.07
C ALA C 116 -0.97 28.47 7.02
N ASN C 117 -2.10 27.82 7.31
CA ASN C 117 -3.16 27.68 6.29
C ASN C 117 -3.86 29.02 6.09
N SER C 118 -4.17 29.70 7.18
CA SER C 118 -4.68 31.08 7.12
C SER C 118 -3.77 32.01 6.26
N ASN C 119 -2.46 31.87 6.39
CA ASN C 119 -1.54 32.70 5.59
C ASN C 119 -1.26 32.17 4.21
N GLY C 120 -2.11 31.27 3.73
CA GLY C 120 -2.00 30.77 2.36
C GLY C 120 -1.01 29.64 2.18
N ASP C 121 -0.42 29.16 3.27
CA ASP C 121 0.48 28.03 3.14
C ASP C 121 -0.25 26.69 3.49
N TYR C 122 -0.76 26.03 2.47
CA TYR C 122 -1.67 24.88 2.63
C TYR C 122 -0.97 23.64 3.24
N PHE C 123 -1.50 23.14 4.36
CA PHE C 123 -0.81 22.17 5.18
C PHE C 123 -1.73 21.21 5.89
N PRO C 124 -1.86 19.96 5.38
CA PRO C 124 -2.88 18.99 5.85
C PRO C 124 -2.52 18.31 7.16
N VAL C 125 -3.53 18.11 8.01
CA VAL C 125 -3.41 17.47 9.29
C VAL C 125 -4.42 16.33 9.30
N TRP C 126 -3.96 15.12 9.64
CA TRP C 126 -4.79 13.95 9.84
C TRP C 126 -4.85 13.49 11.27
N GLY C 127 -6.03 13.33 11.83
CA GLY C 127 -6.17 12.66 13.13
C GLY C 127 -6.90 11.31 13.06
N THR C 128 -6.17 10.23 13.38
CA THR C 128 -6.71 8.83 13.56
C THR C 128 -6.95 8.37 15.02
N CYS C 129 -8.21 8.17 15.35
CA CYS C 129 -8.64 7.57 16.63
C CYS C 129 -8.29 8.50 17.77
N LEU C 130 -7.18 8.24 18.46
CA LEU C 130 -6.75 9.14 19.53
C LEU C 130 -6.54 10.52 18.95
N GLY C 131 -5.97 10.54 17.75
CA GLY C 131 -5.67 11.81 17.07
C GLY C 131 -6.94 12.60 16.79
N PHE C 132 -8.04 11.88 16.54
CA PHE C 132 -9.36 12.48 16.31
C PHE C 132 -9.91 13.12 17.59
N GLU C 133 -9.86 12.36 18.67
CA GLU C 133 -10.26 12.86 19.98
C GLU C 133 -9.42 14.08 20.39
N LEU C 134 -8.12 14.05 20.08
CA LEU C 134 -7.28 15.18 20.41
C LEU C 134 -7.79 16.44 19.65
N LEU C 135 -8.18 16.26 18.40
CA LEU C 135 -8.58 17.37 17.57
C LEU C 135 -9.82 18.04 18.11
N THR C 136 -10.80 17.29 18.61
CA THR C 136 -11.95 17.93 19.19
C THR C 136 -11.59 18.70 20.43
N LEU C 137 -10.53 18.28 21.09
CA LEU C 137 -10.07 18.98 22.28
C LEU C 137 -9.26 20.17 21.83
N LEU C 138 -8.43 20.05 20.81
CA LEU C 138 -7.66 21.24 20.41
C LEU C 138 -8.61 22.27 19.85
N THR C 139 -9.61 21.83 19.11
CA THR C 139 -10.49 22.82 18.55
C THR C 139 -11.59 23.37 19.48
N SER C 140 -12.15 22.53 20.39
CA SER C 140 -13.15 22.98 21.39
C SER C 140 -12.60 23.66 22.69
N GLY C 141 -11.41 23.24 23.11
CA GLY C 141 -10.88 23.68 24.39
C GLY C 141 -11.38 22.81 25.53
N GLU C 142 -12.24 21.84 25.24
CA GLU C 142 -12.79 20.98 26.29
C GLU C 142 -12.65 19.48 26.02
N LEU C 143 -12.67 18.70 27.10
CA LEU C 143 -12.69 17.23 26.99
C LEU C 143 -14.14 16.81 27.08
N LEU C 144 -14.63 16.18 26.02
CA LEU C 144 -16.07 16.00 25.83
C LEU C 144 -16.39 14.59 25.46
N LEU C 145 -15.54 13.68 25.86
CA LEU C 145 -15.67 12.30 25.42
C LEU C 145 -16.69 11.55 26.25
N SER C 146 -17.18 10.44 25.71
CA SER C 146 -18.09 9.57 26.44
C SER C 146 -17.66 8.16 26.14
N HIS C 147 -18.08 7.23 26.98
CA HIS C 147 -17.62 5.87 26.86
C HIS C 147 -18.55 5.17 25.90
N THR C 148 -18.01 4.39 24.96
CA THR C 148 -18.84 3.65 24.00
C THR C 148 -18.45 2.17 23.85
N ASN C 149 -19.37 1.32 23.43
CA ASN C 149 -19.02 -0.08 23.31
C ASN C 149 -18.35 -0.38 21.97
N THR C 150 -17.18 0.20 21.78
CA THR C 150 -16.49 0.24 20.47
C THR C 150 -15.01 -0.15 20.51
N SER C 151 -14.63 -0.96 21.51
CA SER C 151 -13.21 -1.22 21.65
C SER C 151 -12.71 -2.31 20.72
N GLY C 152 -13.64 -3.07 20.12
CA GLY C 152 -13.26 -3.92 18.96
C GLY C 152 -14.38 -4.38 18.04
N ILE C 153 -14.72 -3.54 17.07
CA ILE C 153 -15.78 -3.91 16.11
C ILE C 153 -15.60 -3.29 14.71
N ALA C 154 -15.97 -4.03 13.69
CA ALA C 154 -16.01 -3.52 12.34
C ALA C 154 -17.43 -3.06 11.99
N LEU C 155 -17.51 -1.81 11.52
CA LEU C 155 -18.78 -1.12 11.26
C LEU C 155 -18.75 -0.52 9.86
N PRO C 156 -19.94 -0.22 9.30
CA PRO C 156 -20.03 0.61 8.11
C PRO C 156 -20.00 2.05 8.56
N LEU C 157 -20.03 2.98 7.62
CA LEU C 157 -20.14 4.39 7.97
C LEU C 157 -21.59 4.83 7.75
N ASP C 158 -22.26 5.34 8.76
CA ASP C 158 -23.61 5.87 8.56
C ASP C 158 -23.36 7.32 8.10
N PHE C 159 -23.23 7.49 6.80
CA PHE C 159 -22.92 8.80 6.18
C PHE C 159 -23.99 9.83 6.46
N THR C 160 -23.62 11.11 6.59
CA THR C 160 -24.62 12.19 6.75
C THR C 160 -24.89 12.84 5.40
N GLU C 161 -25.91 13.70 5.32
CA GLU C 161 -26.17 14.42 4.06
C GLU C 161 -24.97 15.21 3.64
N ASP C 162 -24.13 15.56 4.61
CA ASP C 162 -23.07 16.53 4.30
C ASP C 162 -21.92 15.97 3.50
N VAL C 163 -21.94 14.64 3.31
CA VAL C 163 -20.88 13.93 2.60
C VAL C 163 -20.91 14.24 1.13
N LYS C 164 -22.13 14.53 0.66
CA LYS C 164 -22.38 14.81 -0.75
C LYS C 164 -21.38 15.80 -1.36
N GLY C 165 -21.22 16.99 -0.80
CA GLY C 165 -20.15 17.85 -1.34
C GLY C 165 -18.78 17.75 -0.66
N SER C 166 -18.56 16.71 0.17
CA SER C 166 -17.32 16.51 0.97
C SER C 166 -16.03 16.51 0.14
N ARG C 167 -14.99 17.09 0.72
CA ARG C 167 -13.62 17.02 0.17
C ARG C 167 -13.02 15.61 0.32
N LEU C 168 -13.02 15.05 1.51
CA LEU C 168 -12.40 13.72 1.78
C LEU C 168 -12.79 12.61 0.86
N PHE C 169 -14.08 12.55 0.52
CA PHE C 169 -14.66 11.46 -0.25
C PHE C 169 -14.88 11.72 -1.75
N LYS C 170 -14.37 12.81 -2.32
CA LYS C 170 -14.79 13.22 -3.70
C LYS C 170 -14.32 12.30 -4.86
N GLU C 171 -13.13 11.75 -4.68
CA GLU C 171 -12.45 10.95 -5.67
C GLU C 171 -12.66 9.45 -5.42
N PHE C 172 -13.47 9.12 -4.43
CA PHE C 172 -13.78 7.75 -4.09
C PHE C 172 -14.77 7.22 -5.13
N PRO C 173 -14.62 5.95 -5.60
CA PRO C 173 -15.57 5.39 -6.60
C PRO C 173 -17.00 5.41 -6.07
N GLU C 174 -18.04 5.46 -6.92
CA GLU C 174 -19.42 5.39 -6.38
C GLU C 174 -19.60 4.08 -5.60
N GLU C 175 -19.04 3.02 -6.16
CA GLU C 175 -19.30 1.66 -5.70
C GLU C 175 -18.71 1.47 -4.28
N LEU C 176 -17.53 2.02 -4.06
CA LEU C 176 -16.86 1.94 -2.77
C LEU C 176 -17.63 2.70 -1.68
N MET C 177 -18.08 3.89 -2.00
CA MET C 177 -19.03 4.62 -1.17
C MET C 177 -20.21 3.76 -0.78
N LYS C 178 -20.92 3.21 -1.75
CA LYS C 178 -22.02 2.28 -1.47
C LYS C 178 -21.60 1.19 -0.49
N SER C 179 -20.46 0.56 -0.72
CA SER C 179 -19.94 -0.46 0.21
C SER C 179 -19.64 0.10 1.61
N LEU C 180 -19.09 1.31 1.61
CA LEU C 180 -18.68 1.90 2.89
C LEU C 180 -19.92 2.09 3.74
N ALA C 181 -21.06 2.35 3.08
CA ALA C 181 -22.36 2.54 3.77
C ALA C 181 -23.02 1.28 4.31
N THR C 182 -22.64 0.12 3.79
CA THR C 182 -23.42 -1.10 4.05
C THR C 182 -22.53 -2.28 4.45
N GLU C 183 -21.21 -2.10 4.38
CA GLU C 183 -20.38 -3.20 4.76
C GLU C 183 -19.46 -2.81 5.89
N PRO C 184 -19.13 -3.77 6.75
CA PRO C 184 -18.39 -3.43 7.98
C PRO C 184 -16.90 -3.27 7.69
N LEU C 185 -16.53 -2.09 7.21
CA LEU C 185 -15.25 -1.94 6.57
C LEU C 185 -14.35 -1.10 7.43
N THR C 186 -14.87 -0.65 8.54
CA THR C 186 -14.14 0.34 9.24
C THR C 186 -13.89 -0.20 10.62
N GLU C 187 -12.61 -0.16 10.99
CA GLU C 187 -12.12 -0.74 12.23
C GLU C 187 -12.27 0.24 13.37
N ASN C 188 -13.10 -0.14 14.33
CA ASN C 188 -13.20 0.55 15.60
C ASN C 188 -12.48 -0.17 16.74
N SER C 189 -11.54 0.58 17.36
CA SER C 189 -10.90 0.11 18.58
C SER C 189 -10.75 1.21 19.59
N HIS C 190 -11.88 1.66 20.15
CA HIS C 190 -11.77 2.83 21.00
C HIS C 190 -12.77 2.73 22.13
N GLN C 191 -12.36 3.14 23.32
CA GLN C 191 -13.26 3.21 24.50
C GLN C 191 -14.04 4.55 24.59
N TRP C 192 -13.58 5.56 23.87
CA TRP C 192 -14.19 6.85 23.98
C TRP C 192 -14.67 7.31 22.61
N SER C 193 -15.79 8.02 22.60
CA SER C 193 -16.22 8.72 21.41
C SER C 193 -16.73 10.11 21.82
N ILE C 194 -16.89 10.99 20.84
CA ILE C 194 -17.70 12.18 21.06
C ILE C 194 -19.08 11.91 20.49
N THR C 195 -20.13 11.98 21.33
CA THR C 195 -21.49 11.82 20.86
C THR C 195 -21.92 12.95 19.92
N THR C 196 -22.94 12.63 19.12
CA THR C 196 -23.55 13.56 18.21
C THR C 196 -24.15 14.78 18.94
N GLU C 197 -24.90 14.56 20.02
CA GLU C 197 -25.40 15.69 20.78
C GLU C 197 -24.29 16.56 21.36
N ASN C 198 -23.25 15.99 21.96
CA ASN C 198 -22.20 16.82 22.57
C ASN C 198 -21.45 17.60 21.53
N PHE C 199 -21.30 17.02 20.34
CA PHE C 199 -20.61 17.69 19.27
C PHE C 199 -21.48 18.87 18.75
N THR C 200 -22.75 18.59 18.50
CA THR C 200 -23.62 19.62 17.99
C THR C 200 -23.67 20.80 18.98
N ALA C 201 -23.71 20.49 20.28
CA ALA C 201 -23.97 21.46 21.32
C ALA C 201 -22.79 22.34 21.61
N ASN C 202 -21.59 21.84 21.35
CA ASN C 202 -20.40 22.70 21.35
C ASN C 202 -20.32 23.57 20.08
N LYS C 203 -20.34 24.89 20.29
CA LYS C 203 -20.37 25.90 19.23
C LYS C 203 -19.14 25.94 18.30
N LYS C 204 -17.94 25.82 18.86
CA LYS C 204 -16.72 25.84 18.06
C LYS C 204 -16.56 24.57 17.17
N LEU C 205 -16.84 23.39 17.73
CA LEU C 205 -16.87 22.17 16.92
C LEU C 205 -17.88 22.23 15.77
N LYS C 206 -19.02 22.88 16.02
CA LYS C 206 -20.08 22.91 15.05
C LYS C 206 -19.80 23.93 13.98
N LYS C 207 -19.08 25.00 14.29
CA LYS C 207 -18.79 25.89 13.22
C LYS C 207 -17.48 25.56 12.52
N PHE C 208 -16.68 24.71 13.15
CA PHE C 208 -15.37 24.38 12.60
C PHE C 208 -15.37 23.14 11.70
N TYR C 209 -16.03 22.07 12.13
CA TYR C 209 -16.06 20.77 11.46
C TYR C 209 -17.35 20.32 10.77
N ARG C 210 -17.22 19.82 9.57
CA ARG C 210 -18.31 19.16 8.84
C ARG C 210 -18.34 17.67 9.20
N VAL C 211 -19.51 17.16 9.59
CA VAL C 211 -19.59 15.77 9.98
C VAL C 211 -19.99 14.98 8.76
N LEU C 212 -19.10 14.12 8.32
CA LEU C 212 -19.36 13.27 7.19
C LEU C 212 -19.96 11.94 7.60
N SER C 213 -19.71 11.48 8.82
CA SER C 213 -20.32 10.19 9.15
C SER C 213 -20.53 10.03 10.63
N THR C 214 -21.59 9.35 10.99
CA THR C 214 -21.79 9.02 12.39
C THR C 214 -21.69 7.51 12.54
N ASN C 215 -21.80 7.01 13.76
CA ASN C 215 -22.04 5.58 14.01
C ASN C 215 -22.73 5.48 15.35
N THR C 216 -23.04 4.25 15.72
CA THR C 216 -23.60 4.00 17.02
C THR C 216 -23.18 2.62 17.52
N ASP C 217 -23.23 2.48 18.86
CA ASP C 217 -22.99 1.19 19.49
C ASP C 217 -24.25 0.54 19.96
N GLY C 218 -25.35 1.24 19.73
CA GLY C 218 -26.66 0.81 20.23
C GLY C 218 -27.40 1.80 21.14
N TYR C 219 -26.66 2.69 21.75
CA TYR C 219 -27.17 3.63 22.70
C TYR C 219 -26.61 5.01 22.37
N ASN C 220 -25.32 5.07 22.26
CA ASN C 220 -24.58 6.28 21.89
C ASN C 220 -24.39 6.33 20.37
N LYS C 221 -24.81 7.42 19.77
CA LYS C 221 -24.57 7.75 18.42
C LYS C 221 -23.38 8.72 18.45
N PHE C 222 -22.30 8.41 17.75
CA PHE C 222 -21.11 9.29 17.86
C PHE C 222 -20.59 9.74 16.50
N VAL C 223 -19.75 10.76 16.49
CA VAL C 223 -19.14 11.17 15.24
C VAL C 223 -17.96 10.23 14.90
N SER C 224 -17.76 9.88 13.63
CA SER C 224 -16.78 8.89 13.19
C SER C 224 -15.89 9.35 12.04
N THR C 225 -16.41 10.23 11.19
CA THR C 225 -15.57 10.94 10.24
C THR C 225 -15.96 12.43 10.17
N MET C 226 -14.97 13.30 10.07
CA MET C 226 -15.22 14.74 9.95
C MET C 226 -14.07 15.42 9.18
N GLU C 227 -14.28 16.64 8.74
CA GLU C 227 -13.29 17.43 8.00
C GLU C 227 -13.62 18.91 8.26
N ALA C 228 -12.62 19.73 8.55
CA ALA C 228 -12.86 21.17 8.77
C ALA C 228 -13.40 21.90 7.53
N TYR C 229 -14.42 22.75 7.74
CA TYR C 229 -14.98 23.61 6.66
C TYR C 229 -13.94 24.44 5.97
N ASP C 230 -12.98 24.97 6.72
CA ASP C 230 -12.07 25.98 6.16
C ASP C 230 -10.58 25.67 6.31
N PHE C 231 -10.24 24.45 6.75
CA PHE C 231 -8.84 24.03 6.90
C PHE C 231 -8.66 22.56 6.44
N PRO C 232 -7.54 22.21 5.81
CA PRO C 232 -7.35 20.78 5.44
C PRO C 232 -7.01 19.92 6.66
N ILE C 233 -7.99 19.71 7.50
CA ILE C 233 -7.79 19.00 8.69
C ILE C 233 -8.85 17.89 8.68
N TYR C 234 -8.40 16.64 8.71
CA TYR C 234 -9.30 15.53 8.60
C TYR C 234 -9.11 14.56 9.75
N ALA C 235 -10.19 13.87 10.10
CA ALA C 235 -10.14 13.02 11.26
C ALA C 235 -11.12 11.87 11.20
N THR C 236 -10.64 10.67 11.53
CA THR C 236 -11.48 9.51 11.69
C THR C 236 -11.35 8.94 13.09
N GLN C 237 -12.50 8.55 13.66
CA GLN C 237 -12.53 7.91 14.97
C GLN C 237 -12.23 6.39 14.80
N TRP C 238 -12.31 5.92 13.57
CA TRP C 238 -12.00 4.56 13.22
C TRP C 238 -10.57 4.53 12.67
N ASN C 239 -10.04 3.32 12.47
CA ASN C 239 -8.64 3.13 12.14
C ASN C 239 -8.42 2.58 10.71
N PRO C 240 -8.35 3.50 9.69
CA PRO C 240 -8.33 3.08 8.29
C PRO C 240 -7.08 2.20 7.92
N GLU C 241 -5.94 2.48 8.56
CA GLU C 241 -4.66 1.87 8.20
C GLU C 241 -4.60 0.35 8.49
N LYS C 242 -5.46 -0.10 9.37
CA LYS C 242 -5.42 -1.42 9.92
C LYS C 242 -5.77 -2.48 8.90
N ASN C 243 -6.77 -2.19 8.04
CA ASN C 243 -7.37 -3.18 7.16
C ASN C 243 -6.29 -3.91 6.34
N ALA C 244 -5.41 -3.14 5.71
CA ALA C 244 -4.36 -3.74 4.93
C ALA C 244 -3.16 -4.27 5.73
N PHE C 245 -2.98 -3.82 6.96
CA PHE C 245 -1.62 -3.95 7.55
C PHE C 245 -1.56 -4.64 8.90
N GLU C 246 -2.65 -4.64 9.65
CA GLU C 246 -2.79 -5.34 10.93
C GLU C 246 -3.67 -6.58 10.79
N TRP C 247 -3.21 -7.69 11.39
CA TRP C 247 -3.82 -9.01 11.24
C TRP C 247 -3.96 -9.83 12.54
N THR C 248 -3.92 -9.17 13.67
CA THR C 248 -3.85 -9.79 14.96
C THR C 248 -5.13 -9.83 15.78
N ARG C 249 -6.15 -9.18 15.27
CA ARG C 249 -7.41 -9.16 15.89
C ARG C 249 -8.28 -9.42 14.73
N PRO C 250 -9.46 -9.88 15.07
CA PRO C 250 -10.39 -10.58 14.17
C PRO C 250 -11.56 -9.72 13.76
N TYR C 251 -11.70 -8.61 14.45
CA TYR C 251 -12.58 -7.53 14.07
C TYR C 251 -11.93 -6.59 13.05
N ILE C 252 -10.78 -6.97 12.49
CA ILE C 252 -10.17 -6.12 11.52
C ILE C 252 -10.70 -6.53 10.15
N PRO C 253 -11.31 -5.59 9.38
CA PRO C 253 -11.87 -5.89 8.09
C PRO C 253 -10.78 -6.08 7.06
N HIS C 254 -10.96 -7.15 6.26
CA HIS C 254 -9.98 -7.50 5.25
C HIS C 254 -10.59 -7.87 3.91
N THR C 255 -11.91 -7.80 3.73
CA THR C 255 -12.44 -7.96 2.35
C THR C 255 -11.74 -6.99 1.35
N PRO C 256 -11.76 -7.30 0.04
CA PRO C 256 -11.25 -6.38 -1.03
C PRO C 256 -11.69 -4.92 -0.92
N SER C 257 -12.95 -4.67 -0.57
CA SER C 257 -13.41 -3.30 -0.32
C SER C 257 -12.77 -2.63 0.89
N ALA C 258 -12.41 -3.43 1.89
CA ALA C 258 -11.75 -2.93 3.12
C ALA C 258 -10.37 -2.41 2.76
N ILE C 259 -9.70 -3.16 1.87
CA ILE C 259 -8.40 -2.85 1.30
C ILE C 259 -8.46 -1.63 0.42
N LYS C 260 -9.52 -1.48 -0.38
CA LYS C 260 -9.60 -0.30 -1.25
C LYS C 260 -9.80 0.94 -0.39
N THR C 261 -10.53 0.76 0.68
CA THR C 261 -10.78 1.82 1.64
C THR C 261 -9.51 2.35 2.28
N THR C 262 -8.64 1.48 2.76
CA THR C 262 -7.41 2.04 3.36
C THR C 262 -6.56 2.81 2.36
N PHE C 263 -6.52 2.32 1.13
CA PHE C 263 -5.82 2.99 0.10
C PHE C 263 -6.47 4.35 -0.25
N TYR C 264 -7.77 4.36 -0.53
CA TYR C 264 -8.40 5.62 -0.97
C TYR C 264 -8.28 6.67 0.11
N MET C 265 -8.47 6.28 1.35
CA MET C 265 -8.36 7.18 2.48
C MET C 265 -7.01 7.87 2.47
N ALA C 266 -5.95 7.08 2.33
CA ALA C 266 -4.60 7.57 2.46
C ALA C 266 -4.27 8.44 1.27
N ASN C 267 -4.73 7.94 0.12
CA ASN C 267 -4.53 8.60 -1.16
C ASN C 267 -5.09 10.04 -1.12
N PHE C 268 -6.24 10.22 -0.53
CA PHE C 268 -6.70 11.59 -0.39
C PHE C 268 -5.75 12.39 0.52
N PHE C 269 -5.29 11.78 1.61
CA PHE C 269 -4.45 12.50 2.55
C PHE C 269 -3.17 12.87 1.88
N VAL C 270 -2.54 11.95 1.22
CA VAL C 270 -1.30 12.35 0.56
C VAL C 270 -1.43 13.36 -0.66
N ASN C 271 -2.52 13.27 -1.44
CA ASN C 271 -2.86 14.30 -2.46
C ASN C 271 -3.01 15.68 -1.83
N GLU C 272 -3.68 15.75 -0.69
CA GLU C 272 -3.62 16.95 0.13
C GLU C 272 -2.18 17.39 0.40
N ALA C 273 -1.30 16.45 0.77
CA ALA C 273 0.08 16.87 1.11
C ALA C 273 0.88 17.33 -0.13
N ARG C 274 0.42 16.93 -1.31
CA ARG C 274 1.07 17.29 -2.56
C ARG C 274 0.78 18.77 -2.82
N LYS C 275 -0.18 19.34 -2.10
CA LYS C 275 -0.44 20.77 -2.20
C LYS C 275 0.47 21.61 -1.36
N ASN C 276 1.32 20.99 -0.56
CA ASN C 276 2.21 21.77 0.31
C ASN C 276 3.58 21.88 -0.26
N LEU C 277 4.20 23.05 -0.14
CA LEU C 277 5.43 23.15 -0.87
C LEU C 277 6.71 23.28 -0.05
N HIS C 278 6.62 23.03 1.26
CA HIS C 278 7.84 23.00 2.10
C HIS C 278 8.81 21.97 1.61
N SER C 279 10.05 22.20 1.96
CA SER C 279 11.04 21.20 1.77
C SER C 279 12.10 21.31 2.86
N PHE C 280 12.87 20.23 3.02
CA PHE C 280 14.02 20.30 3.88
C PHE C 280 15.09 21.30 3.40
N ALA C 281 15.82 21.84 4.37
CA ALA C 281 16.94 22.72 4.13
C ALA C 281 17.96 22.07 3.23
N SER C 282 18.08 20.75 3.28
CA SER C 282 19.03 20.05 2.40
C SER C 282 18.72 18.55 2.39
N THR C 283 19.24 17.83 1.40
CA THR C 283 18.92 16.42 1.23
C THR C 283 19.47 15.73 2.45
N GLU C 284 20.61 16.22 2.93
CA GLU C 284 21.23 15.62 4.11
C GLU C 284 20.31 15.65 5.30
N GLU C 285 19.65 16.77 5.51
CA GLU C 285 18.65 16.90 6.58
C GLU C 285 17.47 16.01 6.36
N GLU C 286 16.95 16.07 5.14
CA GLU C 286 15.85 15.19 4.73
C GLU C 286 16.17 13.70 5.08
N GLU C 287 17.36 13.24 4.70
CA GLU C 287 17.74 11.83 4.87
C GLU C 287 17.78 11.45 6.33
N LYS C 288 18.19 12.40 7.17
CA LYS C 288 18.39 12.07 8.56
C LYS C 288 17.08 12.08 9.28
N ALA C 289 16.07 12.67 8.70
CA ALA C 289 14.79 12.63 9.35
C ALA C 289 13.96 11.38 8.94
N LEU C 290 14.22 10.74 7.82
CA LEU C 290 13.23 9.70 7.38
C LEU C 290 13.21 8.50 8.35
N ILE C 291 12.07 7.82 8.35
CA ILE C 291 11.80 6.63 9.11
C ILE C 291 12.72 5.52 8.65
N TYR C 292 13.43 5.74 7.53
CA TYR C 292 14.29 4.70 7.02
C TYR C 292 15.47 4.48 7.95
N ASN C 293 15.75 5.44 8.87
CA ASN C 293 16.88 5.33 9.79
C ASN C 293 16.57 4.39 10.95
N TYR C 294 15.34 3.86 10.99
CA TYR C 294 14.94 3.06 12.14
C TYR C 294 14.47 1.70 11.76
N LYS C 295 14.51 0.80 12.72
CA LYS C 295 14.03 -0.52 12.51
C LYS C 295 13.03 -0.84 13.55
N PRO C 296 11.89 -1.35 13.13
CA PRO C 296 10.76 -1.70 13.97
C PRO C 296 10.99 -3.04 14.69
N GLU C 297 10.24 -3.37 15.71
CA GLU C 297 10.27 -4.76 16.06
C GLU C 297 8.93 -5.46 15.88
N TYR C 298 9.05 -6.77 15.68
CA TYR C 298 7.95 -7.72 15.59
C TYR C 298 7.30 -7.70 16.92
N THR C 299 6.03 -7.37 16.98
CA THR C 299 5.37 -7.21 18.26
C THR C 299 4.01 -7.83 18.11
N GLY C 300 3.79 -8.54 17.01
CA GLY C 300 2.49 -9.15 16.69
C GLY C 300 2.02 -10.27 17.63
N ILE C 301 2.88 -11.27 17.83
CA ILE C 301 2.54 -12.37 18.72
C ILE C 301 1.81 -11.89 19.98
N GLN C 302 2.13 -10.69 20.42
CA GLN C 302 1.36 -10.10 21.53
C GLN C 302 0.42 -8.93 21.14
N SER C 303 0.99 -7.76 20.79
CA SER C 303 0.21 -6.53 20.74
C SER C 303 -0.78 -6.57 19.58
N ALA C 304 -1.64 -5.56 19.50
CA ALA C 304 -2.51 -5.44 18.36
C ALA C 304 -1.71 -4.98 17.18
N PHE C 305 -0.40 -4.78 17.39
CA PHE C 305 0.48 -4.37 16.29
C PHE C 305 1.48 -5.35 15.79
N GLU C 306 1.32 -5.70 14.52
CA GLU C 306 2.24 -6.54 13.85
C GLU C 306 3.69 -6.14 14.08
N GLN C 307 3.94 -4.82 14.07
CA GLN C 307 5.27 -4.26 13.96
C GLN C 307 5.17 -2.87 14.55
N THR C 308 6.17 -2.48 15.36
CA THR C 308 6.18 -1.15 15.95
C THR C 308 7.58 -0.63 16.14
N TYR C 309 7.71 0.70 15.98
CA TYR C 309 8.95 1.41 15.97
C TYR C 309 9.08 2.06 17.33
N PHE C 310 10.21 1.85 17.97
CA PHE C 310 10.45 2.32 19.32
C PHE C 310 11.54 3.38 19.25
N PHE C 311 11.36 4.45 20.00
CA PHE C 311 12.36 5.51 19.97
C PHE C 311 12.88 5.88 21.36
N ASN C 312 14.14 6.29 21.39
CA ASN C 312 14.70 7.02 22.53
C ASN C 312 14.23 8.50 22.62
N LYS D 26 -16.05 -19.12 -2.18
CA LYS D 26 -15.12 -19.68 -1.12
C LYS D 26 -13.64 -19.11 -1.18
N THR D 27 -13.41 -17.89 -0.66
CA THR D 27 -12.10 -17.18 -0.75
C THR D 27 -11.21 -17.18 0.48
N ASN D 28 -9.96 -16.74 0.26
CA ASN D 28 -8.93 -16.65 1.30
C ASN D 28 -8.61 -15.18 1.61
N GLU D 29 -9.21 -14.64 2.66
CA GLU D 29 -9.02 -13.22 2.95
C GLU D 29 -7.89 -12.94 3.96
N ARG D 30 -6.97 -13.91 4.09
CA ARG D 30 -5.74 -13.72 4.88
C ARG D 30 -4.57 -14.28 4.13
N PRO D 31 -4.44 -13.98 2.84
CA PRO D 31 -3.43 -14.53 1.96
C PRO D 31 -1.99 -14.15 2.33
N ILE D 32 -1.11 -15.14 2.14
CA ILE D 32 0.31 -14.94 2.27
C ILE D 32 0.97 -15.26 0.94
N ILE D 33 1.81 -14.35 0.50
CA ILE D 33 2.43 -14.43 -0.77
C ILE D 33 3.94 -14.52 -0.52
N GLY D 34 4.61 -15.40 -1.30
CA GLY D 34 6.06 -15.56 -1.28
C GLY D 34 6.71 -14.64 -2.28
N VAL D 35 7.91 -14.18 -1.94
CA VAL D 35 8.75 -13.43 -2.88
C VAL D 35 10.15 -14.03 -2.81
N LEU D 36 10.72 -14.27 -3.97
CA LEU D 36 11.96 -14.95 -4.03
C LEU D 36 13.11 -14.03 -3.70
N ALA D 37 13.93 -14.47 -2.73
CA ALA D 37 15.19 -13.77 -2.47
C ALA D 37 16.13 -13.84 -3.66
N GLN D 38 17.18 -13.04 -3.69
CA GLN D 38 18.04 -13.21 -4.83
C GLN D 38 19.53 -13.09 -4.58
N ASP D 39 20.25 -14.08 -5.10
CA ASP D 39 21.72 -14.23 -4.96
C ASP D 39 22.42 -12.86 -4.89
N VAL D 40 23.09 -12.58 -3.75
CA VAL D 40 23.92 -11.37 -3.60
C VAL D 40 25.24 -11.54 -4.37
N PHE D 41 25.66 -10.48 -5.09
CA PHE D 41 26.93 -10.42 -5.85
C PHE D 41 28.19 -11.03 -5.16
N ASP D 42 28.73 -10.34 -4.15
CA ASP D 42 29.81 -10.94 -3.35
C ASP D 42 29.25 -11.47 -2.03
N PRO D 43 28.75 -12.73 -2.04
CA PRO D 43 28.01 -13.25 -0.90
C PRO D 43 28.86 -13.46 0.36
N LYS D 44 28.26 -13.14 1.49
CA LYS D 44 28.86 -13.30 2.79
C LYS D 44 27.81 -13.86 3.74
N PRO D 45 28.21 -14.33 4.91
CA PRO D 45 27.23 -14.77 5.91
C PRO D 45 26.25 -13.64 6.21
N ASP D 46 24.99 -13.97 6.51
CA ASP D 46 23.99 -12.94 6.73
C ASP D 46 23.65 -12.12 5.48
N ARG D 47 24.35 -12.36 4.38
CA ARG D 47 24.09 -11.62 3.15
C ARG D 47 24.22 -12.52 1.92
N ASN D 48 23.58 -13.68 1.95
CA ASN D 48 23.67 -14.57 0.82
C ASN D 48 22.63 -14.23 -0.22
N SER D 49 21.45 -13.79 0.24
CA SER D 49 20.40 -13.38 -0.66
C SER D 49 19.74 -12.10 -0.21
N TYR D 50 18.97 -11.50 -1.10
CA TYR D 50 18.30 -10.26 -0.78
C TYR D 50 16.95 -10.15 -1.46
N ILE D 51 16.00 -9.49 -0.79
CA ILE D 51 14.79 -8.93 -1.41
C ILE D 51 14.65 -7.42 -1.12
N ALA D 52 14.56 -6.60 -2.15
CA ALA D 52 14.24 -5.20 -2.01
C ALA D 52 12.85 -4.98 -1.34
N ALA D 53 12.80 -4.13 -0.29
CA ALA D 53 11.58 -3.88 0.50
C ALA D 53 10.35 -3.34 -0.26
N SER D 54 10.58 -2.61 -1.35
CA SER D 54 9.47 -2.25 -2.25
C SER D 54 8.65 -3.49 -2.69
N TYR D 55 9.31 -4.61 -2.89
CA TYR D 55 8.56 -5.83 -3.22
C TYR D 55 7.58 -6.19 -2.10
N VAL D 56 8.09 -6.23 -0.86
CA VAL D 56 7.27 -6.46 0.33
C VAL D 56 6.13 -5.44 0.44
N LYS D 57 6.40 -4.16 0.19
CA LYS D 57 5.40 -3.07 0.49
C LYS D 57 4.30 -3.15 -0.54
N PHE D 58 4.71 -3.40 -1.75
CA PHE D 58 3.84 -3.58 -2.83
C PHE D 58 2.73 -4.60 -2.55
N LEU D 59 3.06 -5.75 -1.94
CA LEU D 59 2.02 -6.77 -1.70
C LEU D 59 1.23 -6.48 -0.45
N GLU D 60 1.93 -6.03 0.60
CA GLU D 60 1.23 -5.74 1.85
C GLU D 60 0.20 -4.66 1.64
N SER D 61 0.50 -3.73 0.76
CA SER D 61 -0.38 -2.56 0.68
C SER D 61 -1.69 -2.98 0.01
N ALA D 62 -1.63 -4.03 -0.79
CA ALA D 62 -2.87 -4.69 -1.27
C ALA D 62 -3.48 -5.68 -0.29
N GLY D 63 -3.03 -5.74 0.96
CA GLY D 63 -3.65 -6.68 1.91
C GLY D 63 -3.21 -8.16 1.86
N ALA D 64 -2.01 -8.40 1.37
CA ALA D 64 -1.31 -9.64 1.57
C ALA D 64 -0.23 -9.48 2.68
N ARG D 65 -0.01 -10.55 3.43
CA ARG D 65 1.19 -10.69 4.26
C ARG D 65 2.19 -11.37 3.39
N VAL D 66 3.44 -11.37 3.82
CA VAL D 66 4.52 -11.77 2.93
C VAL D 66 5.44 -12.80 3.59
N VAL D 67 6.02 -13.69 2.80
CA VAL D 67 7.02 -14.67 3.30
C VAL D 67 8.19 -14.62 2.39
N PRO D 68 9.42 -14.30 2.90
CA PRO D 68 10.54 -14.31 1.98
C PRO D 68 11.00 -15.73 1.66
N VAL D 69 11.25 -16.00 0.39
CA VAL D 69 11.52 -17.35 -0.11
C VAL D 69 12.99 -17.59 -0.22
N MET D 70 13.51 -18.42 0.67
CA MET D 70 14.98 -18.59 0.74
C MET D 70 15.69 -19.16 -0.51
N ILE D 71 16.98 -18.87 -0.59
CA ILE D 71 17.74 -19.00 -1.82
C ILE D 71 18.16 -20.43 -2.20
N ASN D 72 18.91 -21.14 -1.36
CA ASN D 72 19.53 -22.42 -1.86
C ASN D 72 18.99 -23.63 -1.15
N LYS D 73 17.72 -23.87 -1.34
CA LYS D 73 17.00 -24.86 -0.57
C LYS D 73 16.74 -26.10 -1.44
N SER D 74 16.09 -27.10 -0.86
CA SER D 74 15.83 -28.33 -1.57
C SER D 74 14.45 -28.35 -2.20
N GLU D 75 14.35 -29.06 -3.31
CA GLU D 75 13.08 -29.45 -3.91
C GLU D 75 12.04 -29.76 -2.81
N ASP D 76 12.43 -30.54 -1.82
CA ASP D 76 11.56 -30.88 -0.72
C ASP D 76 11.09 -29.61 -0.04
N GLU D 77 12.05 -28.79 0.43
CA GLU D 77 11.78 -27.49 1.09
C GLU D 77 10.79 -26.55 0.35
N TYR D 78 11.09 -26.29 -0.92
CA TYR D 78 10.28 -25.44 -1.74
C TYR D 78 8.83 -25.89 -1.94
N SER D 79 8.64 -27.21 -2.02
CA SER D 79 7.34 -27.79 -2.28
C SER D 79 6.47 -27.68 -1.05
N ARG D 80 7.04 -27.92 0.12
CA ARG D 80 6.27 -27.87 1.35
C ARG D 80 5.76 -26.45 1.47
N LEU D 81 6.69 -25.50 1.52
CA LEU D 81 6.34 -24.08 1.48
C LEU D 81 5.33 -23.76 0.36
N PHE D 82 5.55 -24.22 -0.88
CA PHE D 82 4.61 -23.89 -1.96
C PHE D 82 3.17 -24.18 -1.61
N LYS D 83 2.96 -25.30 -0.93
CA LYS D 83 1.65 -25.68 -0.40
C LYS D 83 1.19 -24.83 0.79
N SER D 84 2.12 -24.17 1.47
CA SER D 84 1.76 -23.37 2.65
C SER D 84 1.26 -21.95 2.31
N ILE D 85 1.79 -21.36 1.24
CA ILE D 85 1.47 -19.97 0.83
C ILE D 85 0.38 -19.91 -0.26
N ASN D 86 0.10 -18.70 -0.77
CA ASN D 86 -1.01 -18.53 -1.67
C ASN D 86 -0.66 -17.93 -3.06
N GLY D 87 0.63 -17.74 -3.34
CA GLY D 87 1.07 -17.15 -4.61
C GLY D 87 2.55 -16.90 -4.37
N VAL D 88 3.36 -16.74 -5.43
CA VAL D 88 4.72 -16.27 -5.33
C VAL D 88 4.86 -15.14 -6.30
N LEU D 89 5.84 -14.28 -6.02
CA LEU D 89 6.28 -13.27 -6.96
C LEU D 89 7.78 -13.43 -7.27
N PHE D 90 8.18 -13.24 -8.53
CA PHE D 90 9.58 -13.30 -8.93
C PHE D 90 10.10 -11.88 -9.23
N PRO D 91 10.87 -11.30 -8.29
CA PRO D 91 11.21 -9.91 -8.42
C PRO D 91 12.23 -9.66 -9.52
N GLY D 92 12.42 -8.39 -9.89
CA GLY D 92 13.42 -7.93 -10.88
C GLY D 92 14.76 -8.08 -10.19
N GLY D 93 15.82 -7.63 -10.86
CA GLY D 93 17.19 -7.75 -10.35
C GLY D 93 18.24 -7.91 -11.42
N GLY D 94 19.47 -8.21 -10.99
CA GLY D 94 20.64 -8.41 -11.92
C GLY D 94 21.18 -9.83 -12.08
N VAL D 95 20.73 -10.73 -11.22
CA VAL D 95 21.12 -12.14 -11.23
C VAL D 95 20.97 -12.92 -12.59
N SER D 96 21.68 -14.04 -12.72
CA SER D 96 21.59 -14.92 -13.92
C SER D 96 20.25 -15.60 -14.00
N LEU D 97 19.86 -16.00 -15.19
CA LEU D 97 18.63 -16.80 -15.38
C LEU D 97 18.81 -18.33 -15.44
N GLU D 98 20.05 -18.79 -15.41
CA GLU D 98 20.31 -20.23 -15.58
C GLU D 98 21.24 -20.75 -14.52
N SER D 99 22.21 -19.91 -14.17
CA SER D 99 23.21 -20.27 -13.16
C SER D 99 22.76 -20.08 -11.70
N SER D 100 21.80 -19.18 -11.46
CA SER D 100 21.55 -18.68 -10.10
C SER D 100 20.68 -19.57 -9.25
N GLY D 101 20.84 -19.41 -7.93
CA GLY D 101 19.99 -20.02 -6.93
C GLY D 101 18.59 -19.46 -7.01
N TYR D 102 18.51 -18.16 -7.27
CA TYR D 102 17.25 -17.54 -7.61
C TYR D 102 16.60 -18.27 -8.77
N SER D 103 17.29 -18.31 -9.90
CA SER D 103 16.67 -18.82 -11.13
C SER D 103 16.26 -20.28 -11.04
N LYS D 104 16.97 -21.06 -10.24
CA LYS D 104 16.55 -22.44 -10.01
C LYS D 104 15.30 -22.52 -9.17
N ALA D 105 15.23 -21.79 -8.04
CA ALA D 105 13.99 -21.74 -7.21
C ALA D 105 12.73 -21.30 -7.99
N ALA D 106 12.92 -20.30 -8.86
CA ALA D 106 11.84 -19.75 -9.69
C ALA D 106 11.34 -20.82 -10.67
N GLY D 107 12.28 -21.49 -11.35
CA GLY D 107 12.06 -22.75 -12.10
C GLY D 107 11.28 -23.82 -11.31
N ILE D 108 11.71 -24.09 -10.08
CA ILE D 108 10.96 -25.05 -9.25
C ILE D 108 9.54 -24.53 -9.14
N PHE D 109 9.39 -23.28 -8.71
CA PHE D 109 8.08 -22.75 -8.37
C PHE D 109 7.19 -22.70 -9.61
N TYR D 110 7.75 -22.34 -10.74
CA TYR D 110 7.03 -22.31 -11.99
C TYR D 110 6.40 -23.65 -12.33
N ARG D 111 7.24 -24.70 -12.35
CA ARG D 111 6.78 -26.09 -12.53
C ARG D 111 5.74 -26.53 -11.54
N LEU D 112 5.98 -26.29 -10.26
CA LEU D 112 4.98 -26.64 -9.24
C LEU D 112 3.64 -25.95 -9.49
N ALA D 113 3.69 -24.66 -9.86
CA ALA D 113 2.45 -23.89 -10.07
C ALA D 113 1.62 -24.40 -11.28
N LEU D 114 2.31 -24.72 -12.37
CA LEU D 114 1.67 -25.31 -13.53
C LEU D 114 0.91 -26.58 -13.15
N GLU D 115 1.46 -27.36 -12.23
CA GLU D 115 0.74 -28.54 -11.77
C GLU D 115 -0.54 -28.11 -11.11
N ALA D 116 -0.42 -27.33 -10.05
CA ALA D 116 -1.56 -27.03 -9.20
C ALA D 116 -2.78 -26.45 -9.94
N ASN D 117 -2.54 -25.54 -10.87
CA ASN D 117 -3.63 -24.97 -11.66
C ASN D 117 -4.29 -26.04 -12.51
N SER D 118 -3.47 -26.83 -13.24
CA SER D 118 -3.96 -28.04 -13.90
C SER D 118 -4.80 -28.92 -12.94
N ASN D 119 -4.31 -29.15 -11.72
CA ASN D 119 -5.02 -29.98 -10.71
C ASN D 119 -6.19 -29.33 -9.99
N GLY D 120 -6.67 -28.19 -10.50
CA GLY D 120 -7.82 -27.49 -9.91
C GLY D 120 -7.49 -26.51 -8.77
N ASP D 121 -6.24 -26.53 -8.31
CA ASP D 121 -5.81 -25.68 -7.19
C ASP D 121 -5.20 -24.35 -7.68
N TYR D 122 -6.04 -23.31 -7.72
CA TYR D 122 -5.66 -21.97 -8.27
C TYR D 122 -4.42 -21.33 -7.58
N PHE D 123 -3.35 -21.07 -8.36
CA PHE D 123 -2.10 -20.51 -7.82
C PHE D 123 -1.45 -19.51 -8.73
N PRO D 124 -1.44 -18.24 -8.32
CA PRO D 124 -0.86 -17.27 -9.21
C PRO D 124 0.64 -17.06 -8.99
N VAL D 125 1.30 -16.66 -10.08
CA VAL D 125 2.67 -16.30 -10.10
C VAL D 125 2.70 -14.94 -10.78
N TRP D 126 3.61 -14.10 -10.33
CA TRP D 126 3.79 -12.82 -10.95
C TRP D 126 5.27 -12.66 -11.17
N GLY D 127 5.65 -12.10 -12.31
CA GLY D 127 7.04 -11.90 -12.59
C GLY D 127 7.31 -10.46 -12.95
N THR D 128 8.30 -9.84 -12.28
CA THR D 128 8.62 -8.42 -12.55
C THR D 128 10.01 -8.20 -13.16
N CYS D 129 10.07 -7.50 -14.29
CA CYS D 129 11.34 -7.21 -14.95
C CYS D 129 12.07 -8.53 -15.16
N LEU D 130 13.12 -8.78 -14.40
CA LEU D 130 13.80 -10.06 -14.40
C LEU D 130 12.85 -11.25 -14.26
N GLY D 131 11.92 -11.18 -13.33
CA GLY D 131 10.91 -12.24 -13.24
C GLY D 131 10.18 -12.49 -14.55
N PHE D 132 9.82 -11.41 -15.23
CA PHE D 132 9.19 -11.53 -16.54
C PHE D 132 10.17 -12.14 -17.55
N GLU D 133 11.43 -11.75 -17.46
CA GLU D 133 12.40 -12.21 -18.41
C GLU D 133 12.58 -13.70 -18.24
N LEU D 134 12.52 -14.14 -17.00
CA LEU D 134 12.58 -15.54 -16.70
C LEU D 134 11.47 -16.27 -17.39
N LEU D 135 10.25 -15.78 -17.26
CA LEU D 135 9.12 -16.61 -17.66
C LEU D 135 9.17 -16.91 -19.13
N THR D 136 9.63 -15.95 -19.91
CA THR D 136 9.77 -16.12 -21.33
C THR D 136 10.70 -17.27 -21.62
N LEU D 137 11.79 -17.34 -20.87
CA LEU D 137 12.71 -18.49 -20.93
C LEU D 137 12.11 -19.76 -20.44
N LEU D 138 11.26 -19.72 -19.42
CA LEU D 138 10.79 -21.00 -18.81
C LEU D 138 9.69 -21.70 -19.64
N THR D 139 8.74 -20.91 -20.12
CA THR D 139 7.70 -21.48 -20.95
C THR D 139 8.26 -21.81 -22.36
N SER D 140 9.22 -21.02 -22.86
CA SER D 140 9.75 -21.16 -24.23
C SER D 140 11.05 -21.93 -24.33
N GLY D 141 11.78 -22.00 -23.22
CA GLY D 141 13.00 -22.82 -23.11
C GLY D 141 14.15 -22.19 -23.85
N GLU D 142 14.02 -20.92 -24.24
CA GLU D 142 15.03 -20.24 -25.08
C GLU D 142 15.35 -18.81 -24.69
N LEU D 143 16.61 -18.55 -24.41
CA LEU D 143 17.03 -17.18 -24.22
C LEU D 143 16.70 -16.33 -25.46
N LEU D 144 15.63 -15.55 -25.40
CA LEU D 144 15.21 -14.85 -26.60
C LEU D 144 15.39 -13.34 -26.52
N LEU D 145 16.25 -12.93 -25.58
CA LEU D 145 16.31 -11.54 -25.21
C LEU D 145 17.32 -10.83 -26.07
N SER D 146 17.15 -9.52 -26.24
CA SER D 146 18.10 -8.70 -26.95
C SER D 146 18.27 -7.39 -26.17
N HIS D 147 19.15 -6.52 -26.64
CA HIS D 147 19.44 -5.27 -25.95
C HIS D 147 18.48 -4.13 -26.27
N THR D 148 17.95 -3.53 -25.22
CA THR D 148 17.10 -2.35 -25.33
C THR D 148 17.69 -1.22 -24.52
N ASN D 149 17.43 0.00 -24.98
CA ASN D 149 17.83 1.20 -24.28
C ASN D 149 16.74 1.64 -23.33
N THR D 150 16.42 0.73 -22.42
CA THR D 150 15.32 0.87 -21.53
C THR D 150 15.84 0.81 -20.11
N SER D 151 17.10 1.22 -19.97
CA SER D 151 17.78 1.17 -18.69
C SER D 151 17.57 2.50 -17.95
N GLY D 152 16.33 2.77 -17.53
CA GLY D 152 16.06 3.96 -16.70
C GLY D 152 15.17 4.99 -17.34
N ILE D 153 13.90 4.65 -17.56
CA ILE D 153 12.98 5.61 -18.20
C ILE D 153 11.59 5.23 -17.87
N ALA D 154 10.74 6.23 -17.72
CA ALA D 154 9.32 5.99 -17.51
C ALA D 154 8.56 6.07 -18.82
N LEU D 155 7.70 5.08 -19.01
CA LEU D 155 6.85 5.00 -20.18
C LEU D 155 5.35 4.77 -19.94
N PRO D 156 4.51 5.28 -20.89
CA PRO D 156 3.13 4.89 -21.10
C PRO D 156 3.16 3.47 -21.51
N LEU D 157 2.06 2.77 -21.42
CA LEU D 157 1.98 1.42 -21.99
C LEU D 157 1.30 1.51 -23.38
N ASP D 158 1.98 1.08 -24.44
CA ASP D 158 1.30 0.97 -25.75
C ASP D 158 0.42 -0.30 -25.75
N PHE D 159 -0.86 -0.16 -25.42
CA PHE D 159 -1.74 -1.32 -25.23
C PHE D 159 -2.08 -2.05 -26.56
N THR D 160 -2.43 -3.32 -26.43
CA THR D 160 -2.78 -4.11 -27.60
C THR D 160 -4.29 -4.25 -27.70
N GLU D 161 -4.79 -4.36 -28.92
CA GLU D 161 -6.21 -4.72 -29.13
C GLU D 161 -6.70 -5.79 -28.17
N ASP D 162 -5.80 -6.69 -27.77
CA ASP D 162 -6.16 -7.78 -26.87
C ASP D 162 -6.40 -7.44 -25.39
N VAL D 163 -6.15 -6.18 -24.96
CA VAL D 163 -6.43 -5.82 -23.55
C VAL D 163 -7.88 -5.97 -23.20
N LYS D 164 -8.74 -5.76 -24.19
CA LYS D 164 -10.17 -5.58 -23.95
C LYS D 164 -10.81 -6.59 -23.03
N GLY D 165 -10.63 -7.87 -23.28
CA GLY D 165 -11.17 -8.83 -22.32
C GLY D 165 -10.09 -9.44 -21.45
N SER D 166 -9.04 -8.68 -21.18
CA SER D 166 -7.93 -9.21 -20.39
C SER D 166 -8.37 -9.51 -18.97
N ARG D 167 -7.69 -10.39 -18.27
CA ARG D 167 -8.02 -10.63 -16.88
C ARG D 167 -7.48 -9.60 -15.94
N LEU D 168 -6.45 -8.91 -16.37
CA LEU D 168 -5.55 -8.16 -15.49
C LEU D 168 -5.98 -6.74 -15.21
N PHE D 169 -6.27 -6.01 -16.28
CA PHE D 169 -6.74 -4.67 -16.20
C PHE D 169 -8.28 -4.56 -16.16
N LYS D 170 -8.94 -5.65 -15.85
CA LYS D 170 -10.41 -5.64 -15.82
C LYS D 170 -10.99 -4.73 -14.73
N GLU D 171 -10.46 -4.84 -13.52
CA GLU D 171 -10.94 -4.07 -12.37
C GLU D 171 -10.32 -2.70 -12.31
N PHE D 172 -9.68 -2.25 -13.40
CA PHE D 172 -9.04 -0.91 -13.43
C PHE D 172 -10.01 0.17 -13.87
N PRO D 173 -10.09 1.29 -13.14
CA PRO D 173 -10.87 2.46 -13.58
C PRO D 173 -10.47 2.96 -14.98
N GLU D 174 -11.47 3.19 -15.81
CA GLU D 174 -11.27 3.61 -17.18
C GLU D 174 -10.32 4.81 -17.27
N GLU D 175 -10.49 5.80 -16.42
CA GLU D 175 -9.60 6.95 -16.51
C GLU D 175 -8.17 6.52 -16.26
N LEU D 176 -7.98 5.51 -15.41
CA LEU D 176 -6.64 4.97 -15.20
C LEU D 176 -6.08 4.27 -16.46
N MET D 177 -6.83 3.34 -17.06
CA MET D 177 -6.46 2.87 -18.43
C MET D 177 -6.10 4.02 -19.36
N LYS D 178 -6.91 5.07 -19.40
CA LYS D 178 -6.51 6.24 -20.21
C LYS D 178 -5.16 6.86 -19.82
N SER D 179 -4.98 7.23 -18.56
CA SER D 179 -3.69 7.76 -18.11
C SER D 179 -2.49 6.88 -18.52
N LEU D 180 -2.59 5.57 -18.31
CA LEU D 180 -1.49 4.64 -18.55
C LEU D 180 -1.03 4.60 -19.99
N ALA D 181 -1.97 4.83 -20.91
CA ALA D 181 -1.65 4.72 -22.31
C ALA D 181 -1.15 6.07 -22.86
N THR D 182 -1.23 7.15 -22.08
CA THR D 182 -0.67 8.45 -22.53
C THR D 182 0.35 9.06 -21.60
N GLU D 183 0.48 8.50 -20.40
CA GLU D 183 1.35 9.10 -19.41
C GLU D 183 2.53 8.20 -19.03
N PRO D 184 3.69 8.79 -18.70
CA PRO D 184 4.87 7.97 -18.46
C PRO D 184 4.80 7.37 -17.05
N LEU D 185 4.01 6.31 -16.90
CA LEU D 185 3.67 5.79 -15.60
C LEU D 185 4.43 4.52 -15.21
N THR D 186 5.00 3.82 -16.19
CA THR D 186 5.64 2.55 -15.96
C THR D 186 7.16 2.68 -15.93
N GLU D 187 7.78 2.36 -14.80
CA GLU D 187 9.23 2.53 -14.78
C GLU D 187 10.01 1.39 -15.43
N ASN D 188 10.91 1.79 -16.31
CA ASN D 188 11.79 0.85 -17.03
C ASN D 188 13.25 0.90 -16.57
N SER D 189 13.74 -0.19 -16.00
CA SER D 189 15.16 -0.34 -15.83
C SER D 189 15.55 -1.79 -16.13
N HIS D 190 15.74 -2.09 -17.43
CA HIS D 190 16.21 -3.42 -17.84
C HIS D 190 17.14 -3.30 -19.01
N GLN D 191 18.23 -4.07 -18.95
CA GLN D 191 19.25 -4.04 -20.00
C GLN D 191 18.64 -4.76 -21.21
N TRP D 192 17.93 -5.85 -20.89
CA TRP D 192 17.32 -6.76 -21.85
C TRP D 192 15.75 -6.75 -21.93
N SER D 193 15.22 -7.15 -23.09
CA SER D 193 13.77 -7.44 -23.31
C SER D 193 13.48 -8.24 -24.58
N ILE D 194 12.21 -8.62 -24.75
CA ILE D 194 11.74 -9.40 -25.91
C ILE D 194 11.08 -8.46 -26.89
N THR D 195 11.62 -8.43 -28.10
CA THR D 195 10.98 -7.73 -29.19
C THR D 195 9.65 -8.45 -29.43
N THR D 196 8.67 -7.67 -29.91
CA THR D 196 7.41 -8.24 -30.37
C THR D 196 7.74 -9.27 -31.44
N GLU D 197 8.75 -8.98 -32.28
CA GLU D 197 9.21 -9.92 -33.33
C GLU D 197 9.61 -11.24 -32.72
N ASN D 198 10.56 -11.21 -31.79
CA ASN D 198 11.08 -12.46 -31.23
C ASN D 198 10.02 -13.16 -30.39
N PHE D 199 9.07 -12.39 -29.90
CA PHE D 199 7.96 -12.99 -29.22
C PHE D 199 7.00 -13.69 -30.18
N THR D 200 6.50 -12.92 -31.15
CA THR D 200 5.46 -13.37 -32.08
C THR D 200 6.02 -14.60 -32.80
N ALA D 201 7.27 -14.44 -33.23
CA ALA D 201 8.03 -15.45 -33.90
C ALA D 201 8.24 -16.74 -33.08
N ASN D 202 7.92 -16.72 -31.80
CA ASN D 202 8.11 -17.93 -31.01
C ASN D 202 6.79 -18.64 -30.88
N LYS D 203 6.84 -19.96 -30.91
CA LYS D 203 5.59 -20.75 -30.91
C LYS D 203 5.04 -20.95 -29.53
N LYS D 204 5.89 -21.44 -28.62
CA LYS D 204 5.46 -21.71 -27.24
C LYS D 204 4.97 -20.44 -26.49
N LEU D 205 5.68 -19.32 -26.65
CA LEU D 205 5.21 -18.03 -26.14
C LEU D 205 3.84 -17.73 -26.71
N LYS D 206 3.77 -17.53 -28.02
CA LYS D 206 2.51 -17.33 -28.77
C LYS D 206 1.28 -18.14 -28.30
N LYS D 207 1.39 -19.44 -28.04
CA LYS D 207 0.20 -20.21 -27.60
C LYS D 207 -0.07 -20.08 -26.11
N PHE D 208 0.87 -19.49 -25.39
CA PHE D 208 0.79 -19.55 -23.94
C PHE D 208 0.40 -18.20 -23.33
N TYR D 209 0.81 -17.14 -23.95
CA TYR D 209 0.63 -15.84 -23.37
C TYR D 209 -0.04 -14.85 -24.26
N ARG D 210 -0.96 -14.11 -23.67
CA ARG D 210 -1.58 -12.94 -24.27
C ARG D 210 -0.74 -11.70 -24.03
N VAL D 211 -0.52 -10.93 -25.08
CA VAL D 211 0.29 -9.73 -24.91
C VAL D 211 -0.66 -8.52 -24.73
N LEU D 212 -0.41 -7.73 -23.66
CA LEU D 212 -1.31 -6.65 -23.30
C LEU D 212 -0.74 -5.24 -23.56
N SER D 213 0.58 -5.12 -23.66
CA SER D 213 1.15 -3.86 -24.12
C SER D 213 2.49 -4.13 -24.65
N THR D 214 3.09 -3.08 -25.21
CA THR D 214 4.37 -3.11 -25.83
C THR D 214 4.92 -1.75 -25.57
N ASN D 215 6.20 -1.59 -25.85
CA ASN D 215 6.81 -0.30 -25.86
C ASN D 215 7.94 -0.22 -26.86
N THR D 216 8.35 1.01 -27.13
CA THR D 216 9.54 1.29 -27.94
C THR D 216 10.63 1.91 -27.05
N ASP D 217 11.90 1.75 -27.45
CA ASP D 217 12.98 2.52 -26.88
C ASP D 217 13.40 3.65 -27.84
N GLY D 218 12.63 3.86 -28.90
CA GLY D 218 12.98 4.87 -29.92
C GLY D 218 13.31 4.30 -31.30
N TYR D 219 13.60 2.99 -31.35
CA TYR D 219 13.80 2.15 -32.55
C TYR D 219 13.45 0.66 -32.21
N ASN D 220 14.07 0.08 -31.19
CA ASN D 220 13.77 -1.31 -30.82
C ASN D 220 12.38 -1.38 -30.25
N LYS D 221 11.64 -2.46 -30.50
CA LYS D 221 10.25 -2.57 -30.03
C LYS D 221 9.87 -3.89 -29.33
N PHE D 222 9.45 -3.80 -28.05
CA PHE D 222 9.26 -4.97 -27.20
C PHE D 222 7.96 -5.04 -26.41
N VAL D 223 7.71 -6.25 -25.92
CA VAL D 223 6.58 -6.59 -25.08
C VAL D 223 6.78 -6.06 -23.64
N SER D 224 5.73 -5.57 -22.98
CA SER D 224 5.90 -4.96 -21.65
C SER D 224 4.96 -5.48 -20.58
N THR D 225 3.81 -5.99 -20.99
CA THR D 225 2.92 -6.70 -20.05
C THR D 225 2.23 -7.85 -20.75
N MET D 226 1.99 -8.94 -20.02
CA MET D 226 1.41 -10.11 -20.61
C MET D 226 0.88 -11.01 -19.51
N GLU D 227 -0.08 -11.87 -19.85
CA GLU D 227 -0.69 -12.77 -18.90
C GLU D 227 -0.94 -14.03 -19.64
N ALA D 228 -0.97 -15.16 -18.95
CA ALA D 228 -1.09 -16.43 -19.61
C ALA D 228 -2.55 -16.77 -19.89
N TYR D 229 -2.87 -17.02 -21.17
CA TYR D 229 -4.21 -17.43 -21.60
C TYR D 229 -4.84 -18.43 -20.64
N ASP D 230 -4.13 -19.49 -20.30
CA ASP D 230 -4.79 -20.54 -19.54
C ASP D 230 -4.31 -20.64 -18.12
N PHE D 231 -3.35 -19.79 -17.76
CA PHE D 231 -2.81 -19.81 -16.40
C PHE D 231 -2.78 -18.44 -15.74
N PRO D 232 -3.04 -18.40 -14.42
CA PRO D 232 -2.94 -17.21 -13.58
C PRO D 232 -1.45 -16.80 -13.40
N ILE D 233 -0.79 -16.51 -14.52
CA ILE D 233 0.57 -16.13 -14.50
C ILE D 233 0.58 -14.82 -15.23
N TYR D 234 1.17 -13.82 -14.60
CA TYR D 234 1.18 -12.45 -15.07
C TYR D 234 2.58 -11.87 -14.97
N ALA D 235 2.96 -11.02 -15.92
CA ALA D 235 4.27 -10.50 -15.92
C ALA D 235 4.34 -9.10 -16.42
N THR D 236 5.22 -8.32 -15.81
CA THR D 236 5.53 -7.03 -16.37
C THR D 236 7.03 -6.88 -16.62
N GLN D 237 7.37 -6.38 -17.79
CA GLN D 237 8.76 -6.10 -18.09
C GLN D 237 9.16 -4.88 -17.23
N TRP D 238 8.19 -4.02 -16.89
CA TRP D 238 8.43 -2.86 -16.06
C TRP D 238 8.21 -3.22 -14.57
N ASN D 239 8.32 -2.21 -13.71
CA ASN D 239 8.49 -2.39 -12.24
C ASN D 239 7.41 -1.54 -11.56
N PRO D 240 6.23 -2.12 -11.40
CA PRO D 240 5.16 -1.36 -10.80
C PRO D 240 5.43 -0.96 -9.34
N GLU D 241 6.13 -1.80 -8.58
CA GLU D 241 6.28 -1.51 -7.17
C GLU D 241 7.01 -0.19 -6.89
N LYS D 242 7.78 0.28 -7.84
CA LYS D 242 8.65 1.47 -7.60
C LYS D 242 7.94 2.80 -7.38
N ASN D 243 6.83 3.04 -8.09
CA ASN D 243 6.14 4.35 -8.11
C ASN D 243 5.86 4.88 -6.69
N ALA D 244 5.26 4.03 -5.86
CA ALA D 244 4.88 4.40 -4.51
C ALA D 244 6.04 4.35 -3.46
N PHE D 245 7.13 3.64 -3.76
CA PHE D 245 8.00 3.23 -2.63
C PHE D 245 9.45 3.51 -2.85
N GLU D 246 9.85 3.70 -4.09
CA GLU D 246 11.25 3.97 -4.38
C GLU D 246 11.44 5.37 -4.84
N TRP D 247 12.43 6.06 -4.29
CA TRP D 247 12.56 7.53 -4.42
C TRP D 247 13.97 7.94 -4.81
N THR D 248 14.82 6.96 -5.12
CA THR D 248 16.27 7.16 -5.26
C THR D 248 16.66 7.62 -6.64
N ARG D 249 15.77 7.47 -7.61
CA ARG D 249 16.12 7.70 -9.01
C ARG D 249 15.19 8.64 -9.73
N PRO D 250 15.75 9.62 -10.44
CA PRO D 250 14.98 10.69 -11.08
C PRO D 250 14.14 10.30 -12.30
N TYR D 251 13.89 9.01 -12.42
CA TYR D 251 13.10 8.44 -13.49
C TYR D 251 12.01 7.50 -13.01
N ILE D 252 11.81 7.43 -11.70
CA ILE D 252 10.64 6.77 -11.15
C ILE D 252 9.47 7.74 -11.14
N PRO D 253 8.32 7.31 -11.68
CA PRO D 253 7.16 8.17 -11.66
C PRO D 253 6.38 8.17 -10.33
N HIS D 254 5.87 9.35 -10.00
CA HIS D 254 5.25 9.57 -8.73
C HIS D 254 3.89 10.31 -8.83
N THR D 255 3.42 10.58 -10.04
CA THR D 255 2.14 11.26 -10.15
C THR D 255 1.05 10.46 -9.49
N PRO D 256 -0.01 11.15 -9.10
CA PRO D 256 -1.18 10.43 -8.65
C PRO D 256 -1.52 9.20 -9.44
N SER D 257 -1.54 9.26 -10.77
CA SER D 257 -1.92 8.03 -11.46
C SER D 257 -0.85 6.92 -11.34
N ALA D 258 0.41 7.34 -11.26
CA ALA D 258 1.49 6.37 -11.02
C ALA D 258 1.33 5.73 -9.65
N ILE D 259 1.04 6.50 -8.63
CA ILE D 259 0.64 5.86 -7.39
C ILE D 259 -0.60 4.96 -7.53
N LYS D 260 -1.66 5.45 -8.17
CA LYS D 260 -2.81 4.54 -8.35
C LYS D 260 -2.45 3.23 -9.05
N THR D 261 -1.59 3.33 -10.08
CA THR D 261 -1.18 2.24 -10.84
C THR D 261 -0.52 1.15 -9.98
N THR D 262 0.51 1.53 -9.19
CA THR D 262 1.01 0.53 -8.28
C THR D 262 -0.07 -0.12 -7.39
N PHE D 263 -0.96 0.66 -6.81
CA PHE D 263 -1.99 0.00 -6.07
C PHE D 263 -2.83 -0.96 -6.92
N TYR D 264 -3.21 -0.55 -8.12
CA TYR D 264 -4.16 -1.44 -8.83
C TYR D 264 -3.50 -2.69 -9.42
N MET D 265 -2.24 -2.54 -9.83
CA MET D 265 -1.43 -3.68 -10.16
C MET D 265 -1.48 -4.66 -9.00
N ALA D 266 -0.98 -4.25 -7.82
CA ALA D 266 -0.88 -5.16 -6.66
C ALA D 266 -2.21 -5.73 -6.32
N ASN D 267 -3.23 -4.91 -6.44
CA ASN D 267 -4.53 -5.33 -5.87
C ASN D 267 -5.09 -6.48 -6.71
N PHE D 268 -4.84 -6.40 -8.01
CA PHE D 268 -5.18 -7.52 -8.90
C PHE D 268 -4.48 -8.82 -8.45
N PHE D 269 -3.17 -8.73 -8.28
CA PHE D 269 -2.39 -9.93 -7.99
C PHE D 269 -2.86 -10.54 -6.71
N VAL D 270 -3.11 -9.74 -5.70
CA VAL D 270 -3.53 -10.28 -4.40
C VAL D 270 -4.96 -10.85 -4.34
N ASN D 271 -5.84 -10.34 -5.20
CA ASN D 271 -7.16 -10.96 -5.36
C ASN D 271 -7.04 -12.34 -5.99
N GLU D 272 -6.06 -12.46 -6.92
CA GLU D 272 -5.78 -13.74 -7.53
C GLU D 272 -5.28 -14.70 -6.46
N ALA D 273 -4.44 -14.25 -5.57
CA ALA D 273 -4.05 -15.08 -4.40
C ALA D 273 -5.20 -15.36 -3.48
N ARG D 274 -6.12 -14.42 -3.33
CA ARG D 274 -7.37 -14.77 -2.62
C ARG D 274 -8.16 -16.03 -3.16
N LYS D 275 -7.90 -16.46 -4.39
CA LYS D 275 -8.62 -17.64 -4.92
C LYS D 275 -7.93 -18.94 -4.49
N ASN D 276 -6.81 -18.82 -3.77
CA ASN D 276 -5.99 -19.91 -3.27
C ASN D 276 -6.21 -20.22 -1.81
N LEU D 277 -6.41 -21.51 -1.52
CA LEU D 277 -6.86 -21.94 -0.21
C LEU D 277 -5.82 -22.63 0.68
N HIS D 278 -4.56 -22.68 0.24
CA HIS D 278 -3.51 -23.25 1.10
C HIS D 278 -3.50 -22.57 2.47
N SER D 279 -3.10 -23.29 3.50
CA SER D 279 -2.71 -22.64 4.75
C SER D 279 -1.35 -23.11 5.27
N PHE D 280 -0.96 -22.54 6.41
CA PHE D 280 0.10 -23.04 7.25
C PHE D 280 -0.62 -24.00 8.15
N ALA D 281 0.09 -24.87 8.85
CA ALA D 281 -0.52 -25.98 9.58
C ALA D 281 -0.82 -25.63 11.04
N SER D 282 0.02 -24.73 11.59
CA SER D 282 -0.21 -24.06 12.86
C SER D 282 0.01 -22.55 12.66
N THR D 283 -0.49 -21.74 13.58
CA THR D 283 -0.11 -20.35 13.57
C THR D 283 1.38 -20.19 13.87
N GLU D 284 1.93 -21.08 14.70
CA GLU D 284 3.34 -20.95 15.08
C GLU D 284 4.20 -21.03 13.84
N GLU D 285 3.82 -21.88 12.90
CA GLU D 285 4.53 -22.12 11.66
C GLU D 285 4.43 -20.85 10.74
N GLU D 286 3.27 -20.21 10.79
CA GLU D 286 3.10 -18.95 10.11
C GLU D 286 4.00 -17.84 10.68
N GLU D 287 4.12 -17.77 12.00
CA GLU D 287 4.96 -16.75 12.62
C GLU D 287 6.45 -16.80 12.26
N LYS D 288 7.04 -17.99 12.19
CA LYS D 288 8.48 -18.12 11.89
C LYS D 288 8.76 -17.73 10.46
N ALA D 289 7.75 -17.88 9.60
CA ALA D 289 8.02 -17.67 8.18
C ALA D 289 7.91 -16.20 7.68
N LEU D 290 7.15 -15.34 8.37
CA LEU D 290 6.72 -14.03 7.84
C LEU D 290 7.87 -13.04 7.73
N ILE D 291 7.74 -12.08 6.82
CA ILE D 291 8.79 -11.11 6.57
C ILE D 291 9.05 -10.33 7.84
N TYR D 292 8.07 -10.34 8.75
CA TYR D 292 8.13 -9.60 9.99
C TYR D 292 9.33 -10.04 10.82
N ASN D 293 9.78 -11.27 10.62
CA ASN D 293 10.95 -11.80 11.34
C ASN D 293 12.27 -11.16 10.95
N TYR D 294 12.27 -10.32 9.94
CA TYR D 294 13.49 -9.75 9.40
C TYR D 294 13.48 -8.21 9.49
N LYS D 295 14.68 -7.64 9.61
CA LYS D 295 14.90 -6.20 9.59
C LYS D 295 15.67 -5.76 8.37
N PRO D 296 15.11 -4.78 7.62
CA PRO D 296 15.85 -4.36 6.44
C PRO D 296 17.01 -3.43 6.83
N GLU D 297 17.99 -3.24 5.94
CA GLU D 297 19.04 -2.17 6.02
C GLU D 297 18.63 -0.93 5.16
N TYR D 298 19.07 0.28 5.55
CA TYR D 298 18.92 1.52 4.75
C TYR D 298 19.90 1.44 3.62
N THR D 299 19.42 1.40 2.39
CA THR D 299 20.35 1.24 1.26
C THR D 299 20.21 2.33 0.23
N GLY D 300 19.46 3.37 0.58
CA GLY D 300 19.00 4.31 -0.43
C GLY D 300 19.99 5.34 -0.91
N ILE D 301 20.93 5.73 -0.05
CA ILE D 301 21.96 6.70 -0.40
C ILE D 301 22.82 6.16 -1.52
N GLN D 302 23.37 4.98 -1.30
CA GLN D 302 24.03 4.23 -2.34
C GLN D 302 22.99 3.74 -3.38
N SER D 303 22.40 2.55 -3.14
CA SER D 303 21.69 1.76 -4.17
C SER D 303 20.36 2.33 -4.63
N ALA D 304 19.73 1.67 -5.59
CA ALA D 304 18.46 2.09 -6.14
C ALA D 304 17.25 1.76 -5.26
N PHE D 305 17.49 1.02 -4.19
CA PHE D 305 16.47 0.57 -3.24
C PHE D 305 16.62 1.31 -1.91
N GLU D 306 15.60 2.03 -1.45
CA GLU D 306 15.70 2.67 -0.16
C GLU D 306 16.05 1.68 0.92
N GLN D 307 15.39 0.52 0.88
CA GLN D 307 15.51 -0.46 1.94
C GLN D 307 15.75 -1.87 1.38
N THR D 308 16.75 -2.58 1.88
CA THR D 308 16.84 -3.99 1.41
C THR D 308 16.96 -5.07 2.47
N TYR D 309 16.23 -6.15 2.24
CA TYR D 309 16.33 -7.27 3.18
C TYR D 309 17.48 -8.18 2.79
N PHE D 310 18.39 -8.39 3.72
CA PHE D 310 19.53 -9.32 3.48
C PHE D 310 19.28 -10.64 4.20
N PHE D 311 19.61 -11.75 3.56
CA PHE D 311 19.41 -13.05 4.24
C PHE D 311 20.66 -13.91 4.35
N ASN D 312 20.73 -14.68 5.43
CA ASN D 312 21.69 -15.76 5.50
C ASN D 312 21.27 -16.90 4.54
N LYS E 26 27.44 -14.55 -42.96
CA LYS E 26 28.05 -14.22 -41.62
C LYS E 26 29.13 -13.15 -41.75
N THR E 27 28.71 -11.93 -42.05
CA THR E 27 29.60 -10.78 -42.26
C THR E 27 30.52 -10.50 -41.02
N ASN E 28 31.66 -9.83 -41.25
CA ASN E 28 32.52 -9.33 -40.17
C ASN E 28 32.52 -7.84 -40.23
N GLU E 29 31.82 -7.20 -39.30
CA GLU E 29 31.63 -5.76 -39.34
C GLU E 29 32.60 -4.96 -38.41
N ARG E 30 33.67 -5.60 -37.95
CA ARG E 30 34.85 -4.86 -37.39
C ARG E 30 36.16 -5.13 -38.21
N PRO E 31 36.15 -4.90 -39.52
CA PRO E 31 37.30 -5.32 -40.32
C PRO E 31 38.59 -4.53 -40.00
N ILE E 32 39.69 -5.27 -39.82
CA ILE E 32 41.00 -4.67 -39.61
C ILE E 32 41.87 -5.04 -40.77
N ILE E 33 42.39 -4.01 -41.45
CA ILE E 33 43.21 -4.18 -42.64
C ILE E 33 44.71 -3.81 -42.46
N GLY E 34 45.58 -4.76 -42.80
CA GLY E 34 47.03 -4.53 -42.85
C GLY E 34 47.53 -3.73 -44.05
N VAL E 35 48.44 -2.80 -43.79
CA VAL E 35 49.09 -2.01 -44.83
C VAL E 35 50.61 -2.13 -44.68
N LEU E 36 51.29 -2.46 -45.79
CA LEU E 36 52.75 -2.61 -45.79
C LEU E 36 53.50 -1.29 -45.70
N ALA E 37 54.46 -1.24 -44.77
CA ALA E 37 55.43 -0.17 -44.67
C ALA E 37 56.43 -0.30 -45.81
N GLN E 38 57.29 0.70 -45.98
CA GLN E 38 58.46 0.48 -46.85
C GLN E 38 59.78 1.15 -46.52
N ASP E 39 60.86 0.47 -46.93
CA ASP E 39 62.25 0.84 -46.68
C ASP E 39 62.45 2.29 -47.01
N VAL E 40 62.98 3.04 -46.05
CA VAL E 40 63.28 4.44 -46.28
C VAL E 40 64.56 4.48 -47.12
N PHE E 41 64.64 5.50 -47.98
CA PHE E 41 65.73 5.64 -48.98
C PHE E 41 67.13 5.69 -48.36
N ASP E 42 67.25 6.41 -47.24
CA ASP E 42 68.44 6.32 -46.39
C ASP E 42 68.03 5.87 -44.98
N PRO E 43 68.02 4.54 -44.74
CA PRO E 43 67.59 3.91 -43.49
C PRO E 43 68.14 4.59 -42.25
N LYS E 44 67.44 4.50 -41.13
CA LYS E 44 67.84 5.23 -39.92
C LYS E 44 66.88 4.89 -38.78
N PRO E 45 67.40 4.56 -37.62
CA PRO E 45 66.57 4.20 -36.48
C PRO E 45 65.53 5.25 -36.14
N ASP E 46 64.30 4.77 -36.04
CA ASP E 46 63.13 5.63 -36.06
C ASP E 46 62.80 5.92 -37.52
N ARG E 47 63.45 5.23 -38.45
CA ARG E 47 63.18 5.53 -39.85
C ARG E 47 63.52 4.36 -40.78
N ASN E 48 63.37 3.13 -40.31
CA ASN E 48 63.61 1.98 -41.19
C ASN E 48 62.50 1.80 -42.23
N SER E 49 61.37 2.51 -42.05
CA SER E 49 60.25 2.44 -43.01
C SER E 49 59.17 3.47 -42.76
N TYR E 50 58.37 3.68 -43.79
CA TYR E 50 57.30 4.66 -43.74
C TYR E 50 56.03 4.09 -44.39
N ILE E 51 54.89 4.65 -43.98
CA ILE E 51 53.62 4.51 -44.68
C ILE E 51 52.97 5.88 -44.84
N ALA E 52 52.61 6.24 -46.06
CA ALA E 52 51.89 7.49 -46.25
C ALA E 52 50.58 7.40 -45.47
N ALA E 53 50.25 8.47 -44.74
CA ALA E 53 49.05 8.45 -43.90
C ALA E 53 47.76 8.48 -44.76
N SER E 54 47.85 9.15 -45.91
CA SER E 54 46.81 9.04 -46.91
C SER E 54 46.35 7.58 -47.19
N TYR E 55 47.25 6.58 -47.10
CA TYR E 55 46.85 5.14 -47.21
C TYR E 55 46.00 4.64 -46.04
N VAL E 56 46.31 5.13 -44.87
CA VAL E 56 45.58 4.83 -43.66
C VAL E 56 44.18 5.42 -43.72
N LYS E 57 44.09 6.70 -44.07
CA LYS E 57 42.83 7.42 -44.08
C LYS E 57 41.95 6.84 -45.15
N PHE E 58 42.59 6.36 -46.20
CA PHE E 58 41.88 5.75 -47.27
C PHE E 58 40.91 4.73 -46.73
N LEU E 59 41.46 3.82 -45.93
CA LEU E 59 40.72 2.70 -45.39
C LEU E 59 39.83 3.06 -44.18
N GLU E 60 40.25 4.02 -43.35
CA GLU E 60 39.41 4.36 -42.18
C GLU E 60 38.14 5.00 -42.64
N SER E 61 38.25 5.69 -43.75
CA SER E 61 37.08 6.35 -44.20
C SER E 61 36.04 5.35 -44.70
N ALA E 62 36.47 4.14 -45.04
CA ALA E 62 35.56 3.11 -45.55
C ALA E 62 35.07 2.17 -44.47
N GLY E 63 35.62 2.30 -43.25
CA GLY E 63 35.05 1.65 -42.08
C GLY E 63 35.89 0.47 -41.68
N ALA E 64 37.20 0.66 -41.86
CA ALA E 64 38.17 -0.30 -41.42
C ALA E 64 39.03 0.27 -40.29
N ARG E 65 39.63 -0.64 -39.52
CA ARG E 65 40.77 -0.26 -38.69
C ARG E 65 42.06 -0.75 -39.38
N VAL E 66 43.22 -0.25 -38.94
CA VAL E 66 44.49 -0.46 -39.66
C VAL E 66 45.64 -0.90 -38.80
N VAL E 67 46.29 -1.97 -39.29
CA VAL E 67 47.54 -2.50 -38.76
C VAL E 67 48.69 -2.10 -39.70
N PRO E 68 49.79 -1.56 -39.14
CA PRO E 68 50.93 -1.37 -40.04
C PRO E 68 51.79 -2.62 -40.09
N VAL E 69 51.97 -3.17 -41.29
CA VAL E 69 52.77 -4.36 -41.50
C VAL E 69 54.25 -3.97 -41.65
N MET E 70 55.02 -4.28 -40.62
CA MET E 70 56.42 -3.85 -40.50
C MET E 70 57.35 -4.39 -41.58
N ILE E 71 58.40 -3.62 -41.85
CA ILE E 71 59.41 -3.92 -42.88
C ILE E 71 60.11 -5.29 -42.85
N ASN E 72 60.63 -5.75 -41.70
CA ASN E 72 61.57 -6.88 -41.74
C ASN E 72 61.39 -8.00 -40.73
N LYS E 73 60.36 -8.82 -40.89
CA LYS E 73 60.07 -9.82 -39.86
C LYS E 73 60.36 -11.26 -40.28
N SER E 74 60.29 -12.18 -39.31
CA SER E 74 60.44 -13.60 -39.61
C SER E 74 59.17 -14.10 -40.28
N GLU E 75 59.18 -15.33 -40.76
CA GLU E 75 57.98 -15.97 -41.28
C GLU E 75 56.95 -16.07 -40.15
N ASP E 76 57.33 -16.76 -39.08
CA ASP E 76 56.51 -16.88 -37.87
C ASP E 76 55.71 -15.62 -37.52
N GLU E 77 56.40 -14.47 -37.53
CA GLU E 77 55.80 -13.19 -37.13
C GLU E 77 54.81 -12.64 -38.15
N TYR E 78 55.04 -12.95 -39.42
CA TYR E 78 54.14 -12.48 -40.47
C TYR E 78 52.98 -13.42 -40.54
N SER E 79 53.28 -14.71 -40.46
CA SER E 79 52.28 -15.78 -40.45
C SER E 79 51.15 -15.50 -39.44
N ARG E 80 51.52 -15.15 -38.22
CA ARG E 80 50.58 -14.90 -37.13
C ARG E 80 49.71 -13.66 -37.36
N LEU E 81 50.34 -12.56 -37.77
CA LEU E 81 49.66 -11.32 -38.12
C LEU E 81 48.65 -11.52 -39.26
N PHE E 82 49.03 -12.39 -40.19
CA PHE E 82 48.15 -12.71 -41.30
C PHE E 82 46.92 -13.41 -40.74
N LYS E 83 47.15 -14.25 -39.74
CA LYS E 83 46.05 -15.01 -39.19
C LYS E 83 45.29 -14.13 -38.20
N SER E 84 45.20 -12.85 -38.49
CA SER E 84 44.55 -11.97 -37.53
C SER E 84 43.77 -10.88 -38.24
N ILE E 85 44.42 -10.24 -39.21
CA ILE E 85 43.80 -9.15 -39.94
C ILE E 85 42.91 -9.73 -41.02
N ASN E 86 42.18 -8.85 -41.68
CA ASN E 86 41.12 -9.25 -42.58
C ASN E 86 41.39 -8.82 -44.01
N GLY E 87 42.64 -8.45 -44.23
CA GLY E 87 43.06 -7.86 -45.52
C GLY E 87 44.44 -7.26 -45.43
N VAL E 88 45.09 -7.18 -46.59
CA VAL E 88 46.32 -6.41 -46.71
C VAL E 88 46.21 -5.49 -47.88
N LEU E 89 46.85 -4.32 -47.77
CA LEU E 89 47.06 -3.41 -48.90
C LEU E 89 48.56 -3.11 -49.08
N PHE E 90 48.99 -3.17 -50.33
CA PHE E 90 50.37 -3.01 -50.74
C PHE E 90 50.44 -1.66 -51.36
N PRO E 91 50.96 -0.66 -50.63
CA PRO E 91 50.91 0.73 -51.10
C PRO E 91 51.98 1.07 -52.14
N GLY E 92 52.12 2.36 -52.44
CA GLY E 92 53.02 2.81 -53.49
C GLY E 92 54.29 3.45 -52.98
N GLY E 93 55.03 4.06 -53.91
CA GLY E 93 56.38 4.56 -53.64
C GLY E 93 57.27 4.08 -54.79
N GLY E 94 58.56 4.40 -54.73
CA GLY E 94 59.52 4.03 -55.80
C GLY E 94 60.72 3.30 -55.23
N VAL E 95 60.44 2.17 -54.56
CA VAL E 95 61.45 1.34 -53.92
C VAL E 95 61.66 0.02 -54.71
N SER E 96 62.74 -0.71 -54.43
CA SER E 96 63.04 -1.93 -55.16
C SER E 96 61.98 -3.04 -54.99
N LEU E 97 61.80 -3.82 -56.05
CA LEU E 97 60.77 -4.87 -56.10
C LEU E 97 61.32 -6.29 -55.89
N GLU E 98 62.63 -6.39 -55.63
CA GLU E 98 63.31 -7.70 -55.57
C GLU E 98 64.22 -7.84 -54.34
N SER E 99 64.71 -6.73 -53.80
CA SER E 99 65.66 -6.78 -52.66
C SER E 99 65.23 -5.98 -51.42
N SER E 100 64.15 -5.22 -51.55
CA SER E 100 63.58 -4.47 -50.42
C SER E 100 62.89 -5.41 -49.45
N GLY E 101 63.03 -5.13 -48.17
CA GLY E 101 62.27 -5.90 -47.17
C GLY E 101 60.77 -5.84 -47.45
N TYR E 102 60.38 -4.83 -48.22
CA TYR E 102 59.02 -4.60 -48.65
C TYR E 102 58.59 -5.72 -49.55
N SER E 103 59.38 -5.98 -50.58
CA SER E 103 59.07 -6.98 -51.60
C SER E 103 59.09 -8.40 -51.02
N LYS E 104 59.97 -8.61 -50.05
CA LYS E 104 59.96 -9.81 -49.24
C LYS E 104 58.56 -9.96 -48.64
N ALA E 105 58.19 -8.97 -47.81
CA ALA E 105 56.98 -9.04 -47.01
C ALA E 105 55.75 -9.23 -47.87
N ALA E 106 55.61 -8.43 -48.93
CA ALA E 106 54.45 -8.59 -49.80
C ALA E 106 54.43 -9.99 -50.37
N GLY E 107 55.58 -10.44 -50.89
CA GLY E 107 55.76 -11.82 -51.39
C GLY E 107 55.30 -12.88 -50.40
N ILE E 108 55.76 -12.79 -49.15
CA ILE E 108 55.28 -13.69 -48.12
C ILE E 108 53.76 -13.60 -48.02
N PHE E 109 53.25 -12.37 -47.93
CA PHE E 109 51.82 -12.16 -47.68
C PHE E 109 50.96 -12.67 -48.81
N TYR E 110 51.39 -12.44 -50.03
CA TYR E 110 50.69 -12.84 -51.22
C TYR E 110 50.51 -14.36 -51.30
N ARG E 111 51.50 -15.10 -50.79
CA ARG E 111 51.49 -16.57 -50.85
C ARG E 111 50.54 -17.16 -49.81
N LEU E 112 50.49 -16.55 -48.62
CA LEU E 112 49.52 -16.92 -47.62
C LEU E 112 48.09 -16.74 -48.16
N ALA E 113 47.90 -15.69 -48.96
CA ALA E 113 46.59 -15.30 -49.49
C ALA E 113 45.96 -16.32 -50.43
N LEU E 114 46.71 -16.79 -51.42
CA LEU E 114 46.19 -17.78 -52.38
C LEU E 114 45.88 -19.10 -51.67
N GLU E 115 46.86 -19.55 -50.89
CA GLU E 115 46.73 -20.62 -49.93
C GLU E 115 45.40 -20.45 -49.17
N ALA E 116 45.13 -19.24 -48.69
CA ALA E 116 43.91 -18.92 -47.95
C ALA E 116 42.62 -19.17 -48.72
N ASN E 117 42.51 -18.62 -49.93
CA ASN E 117 41.29 -18.79 -50.74
C ASN E 117 41.09 -20.19 -51.34
N SER E 118 42.16 -20.99 -51.38
CA SER E 118 42.07 -22.39 -51.83
C SER E 118 41.44 -23.28 -50.74
N ASN E 119 41.53 -22.80 -49.49
CA ASN E 119 40.80 -23.34 -48.34
C ASN E 119 39.49 -22.52 -48.06
N GLY E 120 38.88 -21.93 -49.09
CA GLY E 120 37.63 -21.12 -48.97
C GLY E 120 37.64 -19.84 -48.12
N ASP E 121 38.70 -19.68 -47.30
CA ASP E 121 38.94 -18.50 -46.43
C ASP E 121 39.25 -17.21 -47.23
N TYR E 122 38.20 -16.49 -47.65
CA TYR E 122 38.31 -15.20 -48.35
C TYR E 122 39.32 -14.27 -47.64
N PHE E 123 40.22 -13.68 -48.42
CA PHE E 123 41.16 -12.70 -47.89
C PHE E 123 41.54 -11.75 -49.00
N PRO E 124 41.02 -10.50 -48.96
CA PRO E 124 41.25 -9.56 -50.05
C PRO E 124 42.68 -9.00 -50.03
N VAL E 125 43.20 -8.69 -51.23
CA VAL E 125 44.53 -8.10 -51.38
C VAL E 125 44.39 -6.99 -52.38
N TRP E 126 45.00 -5.85 -52.05
CA TRP E 126 44.90 -4.66 -52.88
C TRP E 126 46.30 -4.13 -53.17
N GLY E 127 46.53 -3.81 -54.45
CA GLY E 127 47.80 -3.30 -54.91
C GLY E 127 47.61 -1.93 -55.47
N THR E 128 48.25 -0.94 -54.85
CA THR E 128 48.24 0.41 -55.40
C THR E 128 49.62 0.80 -55.92
N CYS E 129 49.63 1.21 -57.20
CA CYS E 129 50.79 1.79 -57.90
C CYS E 129 51.99 0.84 -57.80
N LEU E 130 52.89 1.09 -56.87
CA LEU E 130 53.97 0.14 -56.62
C LEU E 130 53.44 -1.27 -56.32
N GLY E 131 52.47 -1.34 -55.40
CA GLY E 131 51.92 -2.61 -54.94
C GLY E 131 51.26 -3.41 -56.04
N PHE E 132 50.63 -2.69 -56.96
CA PHE E 132 50.15 -3.21 -58.21
C PHE E 132 51.33 -3.82 -59.03
N GLU E 133 52.39 -3.04 -59.20
CA GLU E 133 53.60 -3.47 -59.92
C GLU E 133 54.20 -4.74 -59.31
N LEU E 134 54.27 -4.80 -57.99
CA LEU E 134 54.75 -5.98 -57.28
C LEU E 134 53.92 -7.19 -57.69
N LEU E 135 52.67 -6.95 -58.03
CA LEU E 135 51.76 -8.06 -58.21
C LEU E 135 52.18 -8.81 -59.45
N THR E 136 52.03 -8.17 -60.61
CA THR E 136 52.55 -8.67 -61.88
C THR E 136 53.78 -9.52 -61.66
N LEU E 137 54.71 -9.04 -60.84
CA LEU E 137 55.93 -9.77 -60.57
C LEU E 137 55.65 -11.05 -59.78
N LEU E 138 54.94 -10.92 -58.67
CA LEU E 138 54.72 -12.07 -57.83
C LEU E 138 53.93 -13.16 -58.56
N THR E 139 53.08 -12.76 -59.50
CA THR E 139 52.24 -13.76 -60.16
C THR E 139 52.78 -14.28 -61.52
N SER E 140 53.43 -13.40 -62.29
CA SER E 140 54.12 -13.82 -63.53
C SER E 140 55.54 -14.39 -63.32
N GLY E 141 56.12 -14.15 -62.15
CA GLY E 141 57.49 -14.61 -61.84
C GLY E 141 58.61 -13.68 -62.33
N GLU E 142 58.29 -12.84 -63.31
CA GLU E 142 59.29 -11.95 -63.90
C GLU E 142 58.95 -10.43 -63.84
N LEU E 143 59.96 -9.61 -64.14
CA LEU E 143 59.83 -8.16 -64.18
C LEU E 143 59.48 -7.70 -65.59
N LEU E 144 58.25 -7.26 -65.81
CA LEU E 144 57.79 -6.96 -67.17
C LEU E 144 57.44 -5.49 -67.48
N LEU E 145 58.05 -4.55 -66.77
CA LEU E 145 57.64 -3.14 -66.83
C LEU E 145 58.52 -2.30 -67.73
N SER E 146 57.90 -1.29 -68.35
CA SER E 146 58.54 -0.29 -69.20
C SER E 146 58.36 1.12 -68.58
N HIS E 147 59.09 2.13 -69.06
CA HIS E 147 58.91 3.51 -68.63
C HIS E 147 57.73 4.12 -69.34
N THR E 148 57.08 5.09 -68.70
CA THR E 148 55.96 5.86 -69.31
C THR E 148 55.93 7.28 -68.73
N ASN E 149 55.46 8.27 -69.48
CA ASN E 149 55.47 9.63 -68.96
C ASN E 149 54.29 9.96 -68.04
N THR E 150 54.34 9.36 -66.85
CA THR E 150 53.25 9.43 -65.87
C THR E 150 53.70 9.81 -64.44
N SER E 151 54.89 10.38 -64.29
CA SER E 151 55.42 10.67 -62.94
C SER E 151 54.57 11.69 -62.15
N GLY E 152 53.70 12.41 -62.85
CA GLY E 152 52.88 13.44 -62.21
C GLY E 152 51.77 13.99 -63.08
N ILE E 153 50.67 13.24 -63.21
CA ILE E 153 49.54 13.67 -64.06
C ILE E 153 48.16 13.06 -63.74
N ALA E 154 47.11 13.87 -63.90
CA ALA E 154 45.73 13.42 -63.67
C ALA E 154 45.02 13.01 -64.95
N LEU E 155 44.27 11.92 -64.89
CA LEU E 155 43.82 11.22 -66.06
C LEU E 155 42.45 10.61 -65.85
N PRO E 156 41.54 10.78 -66.83
CA PRO E 156 40.36 9.97 -66.88
C PRO E 156 40.84 8.58 -66.92
N LEU E 157 39.96 7.63 -66.69
CA LEU E 157 40.29 6.25 -66.99
C LEU E 157 39.70 5.91 -68.34
N ASP E 158 40.40 5.06 -69.11
CA ASP E 158 39.89 4.47 -70.37
C ASP E 158 39.42 3.04 -70.05
N PHE E 159 38.14 2.87 -69.73
CA PHE E 159 37.58 1.57 -69.32
C PHE E 159 37.51 0.59 -70.47
N THR E 160 37.84 -0.68 -70.18
CA THR E 160 37.53 -1.77 -71.11
C THR E 160 36.01 -1.91 -71.32
N GLU E 161 35.64 -2.79 -72.26
CA GLU E 161 34.26 -3.23 -72.36
C GLU E 161 34.04 -4.19 -71.20
N ASP E 162 35.14 -4.72 -70.65
CA ASP E 162 35.12 -5.70 -69.52
C ASP E 162 34.67 -5.11 -68.17
N VAL E 163 34.53 -3.79 -68.13
CA VAL E 163 34.19 -3.05 -66.92
C VAL E 163 32.81 -3.47 -66.41
N LYS E 164 31.81 -3.45 -67.30
CA LYS E 164 30.44 -3.85 -66.99
C LYS E 164 30.29 -5.03 -66.00
N GLY E 165 30.94 -6.16 -66.27
CA GLY E 165 30.88 -7.33 -65.38
C GLY E 165 31.91 -7.40 -64.23
N SER E 166 32.47 -6.24 -63.87
CA SER E 166 33.55 -6.19 -62.85
C SER E 166 33.07 -6.15 -61.41
N ARG E 167 33.70 -6.98 -60.58
CA ARG E 167 33.49 -6.95 -59.13
C ARG E 167 33.70 -5.53 -58.59
N LEU E 168 34.94 -5.03 -58.64
CA LEU E 168 35.29 -3.71 -58.07
C LEU E 168 34.25 -2.59 -58.28
N PHE E 169 33.73 -2.48 -59.48
CA PHE E 169 32.94 -1.32 -59.77
C PHE E 169 31.43 -1.53 -59.70
N LYS E 170 31.01 -2.74 -59.34
CA LYS E 170 29.59 -3.13 -59.33
C LYS E 170 28.85 -2.43 -58.19
N GLU E 171 28.87 -1.10 -58.19
CA GLU E 171 28.58 -0.30 -57.00
C GLU E 171 28.46 1.20 -57.26
N PHE E 172 29.07 1.69 -58.33
CA PHE E 172 29.26 3.13 -58.41
C PHE E 172 28.04 3.78 -59.07
N PRO E 173 27.69 5.02 -58.66
CA PRO E 173 26.66 5.71 -59.43
C PRO E 173 27.10 5.97 -60.88
N GLU E 174 26.25 5.57 -61.82
CA GLU E 174 26.27 6.03 -63.20
C GLU E 174 27.12 7.30 -63.27
N GLU E 175 26.59 8.41 -62.75
CA GLU E 175 27.23 9.74 -62.84
C GLU E 175 28.72 9.79 -62.45
N LEU E 176 29.16 8.84 -61.64
CA LEU E 176 30.57 8.69 -61.31
C LEU E 176 31.30 7.72 -62.27
N MET E 177 30.69 6.57 -62.60
CA MET E 177 31.29 5.66 -63.59
C MET E 177 31.39 6.29 -64.97
N LYS E 178 30.50 7.24 -65.26
CA LYS E 178 30.73 8.16 -66.36
C LYS E 178 31.81 9.05 -65.82
N SER E 179 31.45 10.22 -65.27
CA SER E 179 32.38 11.28 -64.77
C SER E 179 33.90 11.00 -64.76
N LEU E 180 34.27 9.81 -64.29
CA LEU E 180 35.62 9.29 -64.45
C LEU E 180 36.12 9.46 -65.91
N ALA E 181 35.49 8.73 -66.82
CA ALA E 181 35.89 8.69 -68.22
C ALA E 181 35.45 9.94 -68.97
N THR E 182 35.94 11.11 -68.52
CA THR E 182 35.78 12.40 -69.19
C THR E 182 36.47 13.49 -68.38
N GLU E 183 36.94 13.14 -67.20
CA GLU E 183 37.48 14.14 -66.31
C GLU E 183 38.77 13.68 -65.67
N PRO E 184 39.71 14.62 -65.46
CA PRO E 184 41.01 14.32 -64.89
C PRO E 184 40.88 13.98 -63.39
N LEU E 185 40.51 12.73 -63.12
CA LEU E 185 40.12 12.29 -61.76
C LEU E 185 41.05 11.31 -61.05
N THR E 186 41.86 10.55 -61.79
CA THR E 186 42.73 9.57 -61.15
C THR E 186 44.18 9.99 -61.24
N GLU E 187 44.90 9.86 -60.14
CA GLU E 187 46.22 10.48 -59.99
C GLU E 187 47.27 9.49 -60.42
N ASN E 188 48.16 9.94 -61.31
CA ASN E 188 49.31 9.12 -61.75
C ASN E 188 50.59 9.75 -61.29
N SER E 189 51.44 8.93 -60.70
CA SER E 189 52.67 9.36 -60.11
C SER E 189 53.58 8.15 -60.09
N HIS E 190 53.79 7.55 -61.26
CA HIS E 190 54.63 6.36 -61.34
C HIS E 190 55.63 6.45 -62.48
N GLN E 191 56.81 5.89 -62.24
CA GLN E 191 57.85 5.78 -63.29
C GLN E 191 57.50 4.67 -64.28
N TRP E 192 56.97 3.57 -63.76
CA TRP E 192 56.74 2.41 -64.58
C TRP E 192 55.26 2.10 -64.79
N SER E 193 54.97 1.47 -65.92
CA SER E 193 53.73 0.75 -66.11
C SER E 193 54.08 -0.62 -66.70
N ILE E 194 53.04 -1.38 -67.02
CA ILE E 194 53.12 -2.55 -67.88
C ILE E 194 52.10 -2.32 -69.01
N THR E 195 52.57 -2.37 -70.27
CA THR E 195 51.74 -1.97 -71.42
C THR E 195 50.74 -3.04 -71.80
N THR E 196 49.68 -2.60 -72.48
CA THR E 196 48.68 -3.50 -73.07
C THR E 196 49.40 -4.72 -73.58
N GLU E 197 50.10 -4.51 -74.71
CA GLU E 197 50.67 -5.59 -75.50
C GLU E 197 51.58 -6.48 -74.67
N ASN E 198 52.27 -5.88 -73.69
CA ASN E 198 53.21 -6.62 -72.85
C ASN E 198 52.51 -7.53 -71.86
N PHE E 199 51.32 -7.09 -71.41
CA PHE E 199 50.45 -7.90 -70.55
C PHE E 199 49.53 -8.79 -71.37
N THR E 200 48.80 -8.19 -72.31
CA THR E 200 47.95 -8.89 -73.25
C THR E 200 48.62 -10.16 -73.70
N ALA E 201 49.94 -10.18 -73.56
CA ALA E 201 50.78 -11.21 -74.13
C ALA E 201 51.67 -11.97 -73.13
N ASN E 202 51.41 -11.85 -71.83
CA ASN E 202 51.86 -12.90 -70.91
C ASN E 202 50.69 -13.84 -70.57
N LYS E 203 50.95 -15.15 -70.77
CA LYS E 203 50.00 -16.21 -70.47
C LYS E 203 49.59 -16.20 -68.99
N LYS E 204 50.58 -16.36 -68.09
CA LYS E 204 50.33 -16.44 -66.65
C LYS E 204 49.46 -15.33 -66.08
N LEU E 205 49.46 -14.19 -66.77
CA LEU E 205 48.66 -13.02 -66.39
C LEU E 205 47.32 -12.93 -67.12
N LYS E 206 47.27 -13.36 -68.38
CA LYS E 206 45.99 -13.33 -69.08
C LYS E 206 44.95 -14.32 -68.51
N LYS E 207 45.45 -15.30 -67.75
CA LYS E 207 44.62 -16.34 -67.08
C LYS E 207 44.69 -16.26 -65.53
N PHE E 208 44.61 -15.04 -64.98
CA PHE E 208 44.66 -14.81 -63.53
C PHE E 208 43.95 -13.53 -63.20
N TYR E 209 44.34 -12.48 -63.89
CA TYR E 209 43.78 -11.16 -63.76
C TYR E 209 42.89 -10.82 -64.90
N ARG E 210 41.89 -10.02 -64.62
CA ARG E 210 41.08 -9.35 -65.62
C ARG E 210 41.62 -7.95 -65.76
N VAL E 211 41.02 -7.13 -66.63
CA VAL E 211 41.47 -5.76 -66.83
C VAL E 211 40.32 -4.83 -67.08
N LEU E 212 40.38 -3.65 -66.47
CA LEU E 212 39.21 -2.81 -66.31
C LEU E 212 39.36 -1.41 -66.91
N SER E 213 40.57 -0.87 -66.87
CA SER E 213 40.87 0.33 -67.65
C SER E 213 42.34 0.34 -68.12
N THR E 214 42.67 1.35 -68.91
CA THR E 214 43.98 1.49 -69.54
C THR E 214 44.18 2.99 -69.69
N ASN E 215 45.42 3.43 -69.85
CA ASN E 215 45.62 4.81 -70.25
C ASN E 215 46.79 4.89 -71.22
N THR E 216 47.06 6.11 -71.66
CA THR E 216 48.24 6.39 -72.45
C THR E 216 48.88 7.72 -72.06
N ASP E 217 50.21 7.79 -72.21
CA ASP E 217 50.92 9.09 -72.07
C ASP E 217 50.95 9.83 -73.41
N GLY E 218 50.29 9.21 -74.40
CA GLY E 218 50.24 9.69 -75.80
C GLY E 218 51.05 8.83 -76.78
N TYR E 219 51.67 7.77 -76.27
CA TYR E 219 52.63 6.99 -77.02
C TYR E 219 52.55 5.58 -76.50
N ASN E 220 52.49 5.47 -75.17
CA ASN E 220 52.48 4.19 -74.48
C ASN E 220 51.09 3.90 -73.92
N LYS E 221 50.52 2.74 -74.28
CA LYS E 221 49.23 2.33 -73.73
C LYS E 221 49.42 1.33 -72.59
N PHE E 222 48.83 1.65 -71.43
CA PHE E 222 49.10 0.85 -70.22
C PHE E 222 47.88 0.44 -69.35
N VAL E 223 48.02 -0.71 -68.72
CA VAL E 223 47.07 -1.23 -67.76
C VAL E 223 47.03 -0.33 -66.54
N SER E 224 45.84 0.19 -66.23
CA SER E 224 45.63 1.01 -65.03
C SER E 224 44.86 0.33 -63.86
N THR E 225 43.90 -0.54 -64.20
CA THR E 225 43.05 -1.20 -63.18
C THR E 225 42.71 -2.64 -63.53
N MET E 226 42.94 -3.54 -62.60
CA MET E 226 42.59 -4.93 -62.84
C MET E 226 42.10 -5.61 -61.56
N GLU E 227 41.38 -6.73 -61.71
CA GLU E 227 41.08 -7.59 -60.57
C GLU E 227 41.24 -9.04 -60.96
N ALA E 228 41.61 -9.88 -59.99
CA ALA E 228 41.75 -11.31 -60.19
C ALA E 228 40.43 -12.02 -60.58
N TYR E 229 40.55 -13.17 -61.23
CA TYR E 229 39.41 -13.88 -61.83
C TYR E 229 38.84 -14.83 -60.81
N ASP E 230 39.73 -15.43 -60.05
CA ASP E 230 39.38 -16.45 -59.11
C ASP E 230 39.89 -16.02 -57.74
N PHE E 231 40.21 -14.74 -57.62
CA PHE E 231 40.79 -14.27 -56.39
C PHE E 231 40.32 -12.88 -55.98
N PRO E 232 40.26 -12.64 -54.66
CA PRO E 232 40.02 -11.33 -54.09
C PRO E 232 41.28 -10.42 -54.18
N ILE E 233 41.92 -10.44 -55.34
CA ILE E 233 43.11 -9.64 -55.59
C ILE E 233 42.80 -8.54 -56.59
N TYR E 234 42.88 -7.30 -56.12
CA TYR E 234 42.52 -6.13 -56.91
C TYR E 234 43.73 -5.22 -56.97
N ALA E 235 43.89 -4.47 -58.07
CA ALA E 235 45.02 -3.51 -58.16
C ALA E 235 44.83 -2.31 -59.04
N THR E 236 45.47 -1.21 -58.63
CA THR E 236 45.44 0.01 -59.41
C THR E 236 46.83 0.60 -59.60
N GLN E 237 47.09 1.05 -60.83
CA GLN E 237 48.36 1.68 -61.16
C GLN E 237 48.41 3.16 -60.73
N TRP E 238 47.27 3.82 -60.79
CA TRP E 238 47.11 5.21 -60.34
C TRP E 238 46.84 5.30 -58.83
N ASN E 239 46.58 6.49 -58.31
CA ASN E 239 46.58 6.61 -56.85
C ASN E 239 45.30 7.15 -56.22
N PRO E 240 44.38 6.24 -55.89
CA PRO E 240 43.06 6.53 -55.38
C PRO E 240 43.07 7.42 -54.13
N GLU E 241 43.91 7.08 -53.15
CA GLU E 241 43.84 7.69 -51.83
C GLU E 241 44.08 9.20 -51.80
N LYS E 242 44.62 9.77 -52.88
CA LYS E 242 45.22 11.11 -52.80
C LYS E 242 44.21 12.20 -53.02
N ASN E 243 43.14 11.87 -53.72
CA ASN E 243 42.16 12.86 -54.05
C ASN E 243 41.66 13.59 -52.79
N ALA E 244 41.55 12.86 -51.68
CA ALA E 244 40.93 13.38 -50.45
C ALA E 244 41.92 13.85 -49.39
N PHE E 245 43.07 13.18 -49.30
CA PHE E 245 43.91 13.42 -48.15
C PHE E 245 45.27 14.04 -48.42
N GLU E 246 45.62 14.21 -49.71
CA GLU E 246 46.93 14.82 -50.11
C GLU E 246 46.75 16.09 -50.96
N TRP E 247 47.58 17.10 -50.69
CA TRP E 247 47.28 18.48 -51.16
C TRP E 247 48.46 19.24 -51.75
N THR E 248 49.62 18.60 -51.79
CA THR E 248 50.88 19.25 -52.04
C THR E 248 51.28 19.39 -53.51
N ARG E 249 50.52 18.72 -54.38
CA ARG E 249 50.84 18.66 -55.79
C ARG E 249 49.69 19.14 -56.67
N PRO E 250 50.06 19.85 -57.73
CA PRO E 250 49.12 20.38 -58.72
C PRO E 250 48.36 19.36 -59.57
N TYR E 251 48.85 18.12 -59.64
CA TYR E 251 48.24 17.10 -60.49
C TYR E 251 47.34 16.14 -59.71
N ILE E 252 46.86 16.57 -58.56
CA ILE E 252 45.97 15.76 -57.74
C ILE E 252 44.55 16.33 -57.77
N PRO E 253 43.64 15.60 -58.41
CA PRO E 253 42.28 16.08 -58.55
C PRO E 253 41.61 16.27 -57.17
N HIS E 254 40.85 17.37 -57.07
CA HIS E 254 40.24 17.77 -55.82
C HIS E 254 38.81 18.22 -56.05
N THR E 255 38.32 18.03 -57.29
CA THR E 255 36.93 18.32 -57.68
C THR E 255 36.05 17.34 -56.91
N PRO E 256 34.77 17.71 -56.65
CA PRO E 256 33.85 16.81 -55.96
C PRO E 256 33.88 15.40 -56.46
N SER E 257 33.93 15.23 -57.77
CA SER E 257 33.84 13.89 -58.31
C SER E 257 35.13 13.10 -57.99
N ALA E 258 36.23 13.80 -57.87
CA ALA E 258 37.44 13.19 -57.41
C ALA E 258 37.22 12.65 -55.98
N ILE E 259 36.71 13.53 -55.11
CA ILE E 259 36.45 13.13 -53.73
C ILE E 259 35.64 11.84 -53.67
N LYS E 260 34.52 11.81 -54.38
CA LYS E 260 33.63 10.68 -54.38
C LYS E 260 34.38 9.42 -54.78
N THR E 261 35.33 9.56 -55.68
CA THR E 261 36.03 8.42 -56.24
C THR E 261 36.86 7.70 -55.23
N THR E 262 37.57 8.44 -54.41
CA THR E 262 38.42 7.80 -53.43
C THR E 262 37.58 7.05 -52.39
N PHE E 263 36.44 7.61 -52.02
CA PHE E 263 35.60 6.89 -51.11
C PHE E 263 35.08 5.58 -51.71
N TYR E 264 34.44 5.64 -52.88
CA TYR E 264 33.78 4.43 -53.41
C TYR E 264 34.77 3.28 -53.65
N MET E 265 35.98 3.62 -54.08
CA MET E 265 37.06 2.64 -54.18
C MET E 265 37.32 1.96 -52.84
N ALA E 266 37.64 2.76 -51.83
CA ALA E 266 37.89 2.22 -50.48
C ALA E 266 36.71 1.37 -50.02
N ASN E 267 35.53 1.92 -50.22
CA ASN E 267 34.31 1.26 -49.80
C ASN E 267 34.33 -0.21 -50.18
N PHE E 268 34.64 -0.47 -51.45
CA PHE E 268 34.58 -1.82 -51.99
C PHE E 268 35.62 -2.68 -51.37
N PHE E 269 36.85 -2.20 -51.31
CA PHE E 269 37.90 -3.06 -50.79
C PHE E 269 37.47 -3.45 -49.41
N VAL E 270 37.00 -2.50 -48.63
CA VAL E 270 36.66 -2.86 -47.26
C VAL E 270 35.49 -3.81 -47.23
N ASN E 271 34.46 -3.58 -48.04
CA ASN E 271 33.38 -4.56 -48.07
C ASN E 271 33.94 -5.94 -48.32
N GLU E 272 35.06 -6.01 -49.01
CA GLU E 272 35.73 -7.29 -49.24
C GLU E 272 36.41 -7.72 -48.00
N ALA E 273 37.00 -6.77 -47.28
CA ALA E 273 37.59 -7.09 -45.98
C ALA E 273 36.48 -7.65 -45.09
N ARG E 274 35.26 -7.14 -45.30
CA ARG E 274 34.13 -7.57 -44.51
C ARG E 274 33.86 -9.08 -44.54
N LYS E 275 34.56 -9.84 -45.37
CA LYS E 275 34.27 -11.28 -45.41
C LYS E 275 35.26 -12.15 -44.66
N ASN E 276 36.38 -11.59 -44.25
CA ASN E 276 37.33 -12.39 -43.54
C ASN E 276 36.90 -12.49 -42.12
N LEU E 277 37.22 -13.61 -41.49
CA LEU E 277 36.67 -13.88 -40.17
C LEU E 277 37.73 -14.01 -39.08
N HIS E 278 38.99 -13.87 -39.47
CA HIS E 278 40.11 -13.96 -38.53
C HIS E 278 39.85 -13.10 -37.32
N SER E 279 40.58 -13.37 -36.24
CA SER E 279 40.63 -12.46 -35.13
C SER E 279 41.97 -12.56 -34.46
N PHE E 280 42.26 -11.60 -33.61
CA PHE E 280 43.42 -11.68 -32.78
C PHE E 280 43.11 -12.66 -31.67
N ALA E 281 44.14 -13.30 -31.15
CA ALA E 281 43.99 -14.20 -30.01
C ALA E 281 43.45 -13.46 -28.77
N SER E 282 43.73 -12.16 -28.68
CA SER E 282 43.27 -11.30 -27.58
C SER E 282 43.10 -9.85 -28.01
N THR E 283 42.14 -9.16 -27.41
CA THR E 283 41.95 -7.71 -27.65
C THR E 283 43.09 -6.89 -27.05
N GLU E 284 43.90 -7.51 -26.19
CA GLU E 284 45.15 -6.89 -25.75
C GLU E 284 46.11 -6.77 -26.94
N GLU E 285 46.08 -7.78 -27.82
CA GLU E 285 46.98 -7.82 -28.98
C GLU E 285 46.47 -6.98 -30.14
N GLU E 286 45.22 -7.24 -30.54
CA GLU E 286 44.51 -6.43 -31.53
C GLU E 286 44.82 -4.96 -31.28
N GLU E 287 44.82 -4.59 -30.01
CA GLU E 287 45.04 -3.20 -29.62
C GLU E 287 46.43 -2.71 -29.98
N LYS E 288 47.44 -3.40 -29.45
CA LYS E 288 48.81 -2.93 -29.52
C LYS E 288 49.40 -3.09 -30.93
N ALA E 289 48.55 -3.53 -31.87
CA ALA E 289 48.97 -3.74 -33.26
C ALA E 289 48.47 -2.58 -34.14
N LEU E 290 47.36 -2.00 -33.72
CA LEU E 290 46.72 -0.84 -34.34
C LEU E 290 47.63 0.35 -34.59
N ILE E 291 47.34 1.02 -35.71
CA ILE E 291 48.01 2.24 -36.15
C ILE E 291 47.89 3.37 -35.17
N TYR E 292 46.89 3.34 -34.29
CA TYR E 292 46.75 4.40 -33.28
C TYR E 292 47.88 4.34 -32.25
N ASN E 293 48.69 3.29 -32.28
CA ASN E 293 49.87 3.21 -31.41
C ASN E 293 51.02 4.04 -31.94
N TYR E 294 50.84 4.59 -33.13
CA TYR E 294 51.90 5.29 -33.83
C TYR E 294 51.52 6.69 -34.23
N LYS E 295 52.53 7.56 -34.26
CA LYS E 295 52.34 8.96 -34.52
C LYS E 295 53.12 9.38 -35.75
N PRO E 296 52.46 10.13 -36.64
CA PRO E 296 53.01 10.57 -37.90
C PRO E 296 53.62 11.99 -37.87
N GLU E 297 54.62 12.24 -38.69
CA GLU E 297 55.09 13.61 -38.76
C GLU E 297 54.60 14.31 -40.02
N TYR E 298 54.37 15.61 -39.87
CA TYR E 298 54.02 16.56 -40.95
C TYR E 298 55.12 16.63 -41.97
N THR E 299 54.89 16.02 -43.12
CA THR E 299 55.91 15.95 -44.14
C THR E 299 55.53 16.80 -45.35
N GLY E 300 54.53 17.67 -45.20
CA GLY E 300 53.85 18.27 -46.35
C GLY E 300 54.32 19.61 -46.89
N ILE E 301 55.22 20.27 -46.17
CA ILE E 301 55.75 21.56 -46.60
C ILE E 301 56.52 21.40 -47.92
N GLN E 302 56.96 20.16 -48.19
CA GLN E 302 57.82 19.86 -49.33
C GLN E 302 57.75 18.45 -49.97
N SER E 303 57.13 17.46 -49.32
CA SER E 303 57.05 16.11 -49.95
C SER E 303 55.65 15.84 -50.45
N ALA E 304 55.47 14.78 -51.22
CA ALA E 304 54.19 14.53 -51.85
C ALA E 304 53.14 14.29 -50.78
N PHE E 305 53.59 13.85 -49.62
CA PHE E 305 52.69 13.43 -48.52
C PHE E 305 52.50 14.45 -47.37
N GLU E 306 51.26 14.83 -47.11
CA GLU E 306 50.96 15.71 -46.00
C GLU E 306 51.54 15.17 -44.68
N GLN E 307 51.32 13.87 -44.42
CA GLN E 307 51.71 13.23 -43.19
C GLN E 307 52.19 11.84 -43.56
N THR E 308 53.27 11.37 -42.91
CA THR E 308 53.77 10.02 -43.13
C THR E 308 54.21 9.33 -41.85
N TYR E 309 53.96 8.02 -41.79
CA TYR E 309 54.21 7.22 -40.60
C TYR E 309 55.59 6.61 -40.67
N PHE E 310 56.32 6.73 -39.55
CA PHE E 310 57.73 6.32 -39.47
C PHE E 310 57.99 5.27 -38.44
N PHE E 311 58.69 4.21 -38.83
CA PHE E 311 58.82 3.04 -37.97
C PHE E 311 60.25 2.64 -37.62
N ASN E 312 60.39 1.37 -37.24
CA ASN E 312 61.66 0.83 -36.78
C ASN E 312 61.73 -0.72 -36.84
N LYS F 26 32.78 29.31 -60.36
CA LYS F 26 33.59 30.23 -59.51
C LYS F 26 33.70 29.66 -58.09
N THR F 27 34.73 28.87 -57.82
CA THR F 27 34.79 28.08 -56.57
C THR F 27 36.19 28.00 -55.90
N ASN F 28 36.23 27.39 -54.70
CA ASN F 28 37.46 27.09 -53.94
C ASN F 28 37.50 25.60 -53.57
N GLU F 29 38.22 24.80 -54.35
CA GLU F 29 38.32 23.35 -54.08
C GLU F 29 39.57 22.95 -53.28
N ARG F 30 40.16 23.89 -52.54
CA ARG F 30 41.18 23.57 -51.53
C ARG F 30 40.76 23.70 -50.05
N PRO F 31 39.43 23.70 -49.73
CA PRO F 31 38.87 24.19 -48.46
C PRO F 31 39.59 23.78 -47.17
N ILE F 32 39.83 24.75 -46.30
CA ILE F 32 40.32 24.49 -44.95
C ILE F 32 39.15 24.76 -44.01
N ILE F 33 38.97 23.92 -42.99
CA ILE F 33 37.87 24.17 -42.04
C ILE F 33 38.34 24.26 -40.60
N GLY F 34 37.66 25.11 -39.84
CA GLY F 34 37.87 25.19 -38.40
C GLY F 34 37.02 24.21 -37.63
N VAL F 35 37.67 23.39 -36.81
CA VAL F 35 36.97 22.52 -35.84
C VAL F 35 37.16 23.02 -34.42
N LEU F 36 36.06 23.16 -33.68
CA LEU F 36 36.14 23.81 -32.35
C LEU F 36 36.59 22.89 -31.20
N ALA F 37 37.73 23.21 -30.59
CA ALA F 37 38.26 22.47 -29.45
C ALA F 37 37.48 22.84 -28.20
N GLN F 38 37.39 21.94 -27.23
CA GLN F 38 36.70 22.26 -25.99
C GLN F 38 37.52 21.97 -24.73
N ASP F 39 36.99 22.44 -23.60
CA ASP F 39 37.71 22.48 -22.32
C ASP F 39 37.86 21.09 -21.67
N VAL F 40 39.10 20.76 -21.29
CA VAL F 40 39.43 19.54 -20.54
C VAL F 40 38.99 19.69 -19.07
N PHE F 41 38.69 18.55 -18.41
CA PHE F 41 38.11 18.60 -17.06
C PHE F 41 39.12 18.93 -15.99
N ASP F 42 40.38 18.56 -16.23
CA ASP F 42 41.50 18.94 -15.35
C ASP F 42 42.43 19.93 -16.09
N PRO F 43 41.96 21.18 -16.35
CA PRO F 43 42.82 22.07 -17.15
C PRO F 43 44.27 22.03 -16.66
N LYS F 44 45.14 21.49 -17.51
CA LYS F 44 46.55 21.27 -17.19
C LYS F 44 47.41 21.69 -18.39
N PRO F 45 48.73 21.76 -18.17
CA PRO F 45 49.68 22.00 -19.24
C PRO F 45 49.61 20.90 -20.26
N ASP F 46 49.75 21.27 -21.52
CA ASP F 46 49.55 20.33 -22.61
C ASP F 46 48.07 20.11 -22.90
N ARG F 47 47.27 19.92 -21.84
CA ARG F 47 45.86 19.71 -22.00
C ARG F 47 44.90 20.80 -21.51
N ASN F 48 44.84 21.96 -22.13
CA ASN F 48 43.78 22.88 -21.72
C ASN F 48 42.52 22.79 -22.61
N SER F 49 42.69 22.29 -23.84
CA SER F 49 41.56 22.02 -24.77
C SER F 49 41.71 20.67 -25.52
N TYR F 50 40.67 20.25 -26.26
CA TYR F 50 40.66 18.94 -26.92
C TYR F 50 39.75 18.80 -28.15
N ILE F 51 40.20 17.93 -29.06
CA ILE F 51 39.42 17.53 -30.24
C ILE F 51 39.54 16.02 -30.48
N ALA F 52 38.39 15.39 -30.57
CA ALA F 52 38.30 13.99 -30.90
C ALA F 52 38.71 13.85 -32.36
N ALA F 53 39.66 12.97 -32.62
CA ALA F 53 40.26 12.93 -33.93
C ALA F 53 39.21 12.57 -34.97
N SER F 54 38.18 11.82 -34.57
CA SER F 54 37.15 11.40 -35.52
C SER F 54 36.50 12.55 -36.27
N TYR F 55 36.56 13.77 -35.70
CA TYR F 55 35.93 14.95 -36.33
C TYR F 55 36.80 15.45 -37.47
N VAL F 56 38.09 15.57 -37.20
CA VAL F 56 39.05 15.84 -38.21
C VAL F 56 38.77 14.88 -39.37
N LYS F 57 38.83 13.58 -39.08
CA LYS F 57 38.73 12.54 -40.09
C LYS F 57 37.48 12.74 -40.94
N PHE F 58 36.35 12.91 -40.26
CA PHE F 58 35.09 13.26 -40.91
C PHE F 58 35.25 14.35 -41.98
N LEU F 59 36.11 15.31 -41.71
CA LEU F 59 36.24 16.41 -42.64
C LEU F 59 37.29 16.13 -43.74
N GLU F 60 38.51 15.76 -43.36
CA GLU F 60 39.52 15.34 -44.31
C GLU F 60 38.95 14.33 -45.32
N SER F 61 38.28 13.31 -44.84
CA SER F 61 37.66 12.31 -45.73
C SER F 61 36.72 12.91 -46.80
N ALA F 62 36.21 14.10 -46.52
CA ALA F 62 35.27 14.79 -47.37
C ALA F 62 36.02 15.70 -48.29
N GLY F 63 37.32 15.56 -48.31
CA GLY F 63 38.10 16.43 -49.16
C GLY F 63 38.20 17.85 -48.66
N ALA F 64 38.46 18.00 -47.37
CA ALA F 64 38.88 19.31 -46.86
C ALA F 64 40.05 19.17 -45.94
N ARG F 65 40.70 20.29 -45.66
CA ARG F 65 41.73 20.30 -44.66
C ARG F 65 41.19 20.95 -43.37
N VAL F 66 41.88 20.76 -42.26
CA VAL F 66 41.28 21.10 -40.98
C VAL F 66 42.16 21.99 -40.12
N VAL F 67 41.50 22.96 -39.49
CA VAL F 67 42.16 23.82 -38.50
C VAL F 67 41.38 23.82 -37.17
N PRO F 68 42.06 23.41 -36.09
CA PRO F 68 41.59 23.50 -34.73
C PRO F 68 41.35 24.94 -34.30
N VAL F 69 40.09 25.34 -34.22
CA VAL F 69 39.71 26.60 -33.61
C VAL F 69 40.02 26.54 -32.10
N MET F 70 41.11 27.18 -31.70
CA MET F 70 41.59 27.09 -30.32
C MET F 70 40.64 27.69 -29.26
N ILE F 71 41.06 27.66 -27.99
CA ILE F 71 40.15 27.88 -26.86
C ILE F 71 39.98 29.31 -26.28
N ASN F 72 41.05 29.89 -25.72
CA ASN F 72 40.92 31.14 -24.95
C ASN F 72 41.74 32.34 -25.42
N LYS F 73 41.46 32.79 -26.65
CA LYS F 73 42.19 33.92 -27.26
C LYS F 73 41.27 35.16 -27.38
N SER F 74 41.73 36.22 -28.02
CA SER F 74 40.94 37.46 -28.08
C SER F 74 40.05 37.46 -29.32
N GLU F 75 38.91 38.16 -29.27
CA GLU F 75 38.02 38.27 -30.43
C GLU F 75 38.70 38.94 -31.65
N ASP F 76 39.83 39.61 -31.40
CA ASP F 76 40.71 40.17 -32.45
C ASP F 76 41.62 39.07 -33.07
N GLU F 77 41.68 37.90 -32.43
CA GLU F 77 42.24 36.70 -33.04
C GLU F 77 41.15 35.94 -33.79
N TYR F 78 40.05 35.68 -33.11
CA TYR F 78 38.92 34.95 -33.69
C TYR F 78 38.31 35.67 -34.89
N SER F 79 38.93 36.76 -35.33
CA SER F 79 38.48 37.48 -36.53
C SER F 79 39.43 37.26 -37.72
N ARG F 80 40.73 37.32 -37.44
CA ARG F 80 41.81 37.07 -38.40
C ARG F 80 41.99 35.59 -38.69
N LEU F 81 41.81 34.75 -37.66
CA LEU F 81 41.75 33.30 -37.85
C LEU F 81 40.48 32.93 -38.61
N PHE F 82 39.42 33.67 -38.36
CA PHE F 82 38.13 33.46 -39.02
C PHE F 82 38.15 33.86 -40.48
N LYS F 83 38.93 34.90 -40.79
CA LYS F 83 39.03 35.44 -42.14
C LYS F 83 39.84 34.52 -43.05
N SER F 84 40.64 33.65 -42.41
CA SER F 84 41.61 32.79 -43.08
C SER F 84 41.05 31.43 -43.50
N ILE F 85 40.08 30.94 -42.72
CA ILE F 85 39.48 29.61 -42.94
C ILE F 85 38.14 29.70 -43.72
N ASN F 86 37.54 28.53 -44.01
CA ASN F 86 36.43 28.45 -44.95
C ASN F 86 35.09 27.91 -44.40
N GLY F 87 35.04 27.60 -43.10
CA GLY F 87 33.86 27.01 -42.42
C GLY F 87 34.16 26.63 -40.97
N VAL F 88 33.13 26.50 -40.14
CA VAL F 88 33.36 25.97 -38.78
C VAL F 88 32.44 24.86 -38.47
N LEU F 89 32.99 23.92 -37.71
CA LEU F 89 32.18 22.91 -37.10
C LEU F 89 32.35 22.97 -35.59
N PHE F 90 31.22 22.80 -34.90
CA PHE F 90 31.21 22.65 -33.44
C PHE F 90 30.92 21.19 -33.06
N PRO F 91 31.92 20.50 -32.52
CA PRO F 91 31.82 19.06 -32.20
C PRO F 91 31.00 18.75 -30.93
N GLY F 92 30.62 17.49 -30.72
CA GLY F 92 29.87 17.03 -29.53
C GLY F 92 30.76 17.02 -28.32
N GLY F 93 30.25 16.51 -27.20
CA GLY F 93 31.02 16.44 -25.94
C GLY F 93 30.16 16.82 -24.75
N GLY F 94 30.80 17.07 -23.60
CA GLY F 94 30.07 17.41 -22.37
C GLY F 94 30.66 18.49 -21.48
N VAL F 95 30.90 19.67 -22.06
CA VAL F 95 31.26 20.86 -21.28
C VAL F 95 30.08 21.86 -21.35
N SER F 96 30.02 22.77 -20.37
CA SER F 96 28.90 23.73 -20.24
C SER F 96 28.71 24.61 -21.47
N LEU F 97 27.47 25.01 -21.74
CA LEU F 97 27.14 25.81 -22.92
C LEU F 97 27.04 27.31 -22.60
N GLU F 98 27.84 27.77 -21.63
CA GLU F 98 27.81 29.17 -21.14
C GLU F 98 29.15 29.68 -20.61
N SER F 99 29.79 28.89 -19.75
CA SER F 99 31.02 29.33 -19.09
C SER F 99 32.30 28.75 -19.71
N SER F 100 32.16 27.81 -20.63
CA SER F 100 33.31 27.17 -21.29
C SER F 100 34.00 28.12 -22.28
N GLY F 101 35.33 27.97 -22.43
CA GLY F 101 36.08 28.71 -23.44
C GLY F 101 35.53 28.50 -24.84
N TYR F 102 34.78 27.42 -24.98
CA TYR F 102 34.22 26.94 -26.25
C TYR F 102 32.86 27.57 -26.51
N SER F 103 32.24 28.08 -25.46
CA SER F 103 30.94 28.72 -25.60
C SER F 103 31.14 30.17 -26.02
N LYS F 104 32.08 30.84 -25.34
CA LYS F 104 32.53 32.18 -25.75
C LYS F 104 33.01 32.14 -27.21
N ALA F 105 33.95 31.23 -27.49
CA ALA F 105 34.50 31.08 -28.85
C ALA F 105 33.45 30.76 -29.92
N ALA F 106 32.55 29.84 -29.64
CA ALA F 106 31.55 29.44 -30.61
C ALA F 106 30.69 30.63 -31.00
N GLY F 107 30.27 31.40 -29.99
CA GLY F 107 29.34 32.51 -30.19
C GLY F 107 29.93 33.63 -31.02
N ILE F 108 31.12 34.06 -30.64
CA ILE F 108 31.92 34.94 -31.48
C ILE F 108 31.82 34.50 -32.96
N PHE F 109 32.14 33.23 -33.22
CA PHE F 109 32.14 32.64 -34.57
C PHE F 109 30.76 32.61 -35.17
N TYR F 110 29.77 32.39 -34.32
CA TYR F 110 28.42 32.39 -34.78
C TYR F 110 28.01 33.78 -35.24
N ARG F 111 28.41 34.81 -34.50
CA ARG F 111 28.01 36.19 -34.84
C ARG F 111 28.93 36.83 -35.90
N LEU F 112 30.19 36.37 -35.97
CA LEU F 112 31.12 36.77 -37.04
C LEU F 112 30.62 36.20 -38.35
N ALA F 113 30.14 34.96 -38.29
CA ALA F 113 29.57 34.28 -39.45
C ALA F 113 28.34 35.00 -39.90
N LEU F 114 27.57 35.54 -38.95
CA LEU F 114 26.34 36.24 -39.30
C LEU F 114 26.58 37.59 -39.97
N GLU F 115 27.40 38.42 -39.33
CA GLU F 115 27.72 39.79 -39.80
C GLU F 115 28.25 39.77 -41.23
N ALA F 116 29.01 38.71 -41.53
CA ALA F 116 29.78 38.60 -42.75
C ALA F 116 29.09 37.71 -43.78
N ASN F 117 27.85 37.28 -43.46
CA ASN F 117 27.09 36.36 -44.30
C ASN F 117 25.80 36.94 -44.87
N SER F 118 25.19 37.87 -44.13
CA SER F 118 23.92 38.50 -44.52
C SER F 118 24.02 39.23 -45.88
N ASN F 119 25.15 39.00 -46.58
CA ASN F 119 25.42 39.63 -47.88
C ASN F 119 26.32 38.78 -48.81
N GLY F 120 25.69 37.96 -49.66
CA GLY F 120 26.39 37.18 -50.69
C GLY F 120 27.52 36.24 -50.24
N ASP F 121 28.56 36.83 -49.60
CA ASP F 121 29.68 36.13 -48.95
C ASP F 121 29.23 34.77 -48.36
N TYR F 122 30.14 33.80 -48.26
CA TYR F 122 29.73 32.46 -47.80
C TYR F 122 30.65 31.84 -46.74
N PHE F 123 30.08 31.57 -45.57
CA PHE F 123 30.79 30.91 -44.47
C PHE F 123 29.86 29.94 -43.74
N PRO F 124 29.96 28.62 -44.03
CA PRO F 124 29.03 27.71 -43.35
C PRO F 124 29.48 27.29 -41.96
N VAL F 125 28.51 26.84 -41.16
CA VAL F 125 28.73 26.42 -39.79
C VAL F 125 28.04 25.07 -39.65
N TRP F 126 28.70 24.19 -38.90
CA TRP F 126 28.20 22.87 -38.54
C TRP F 126 28.26 22.60 -37.04
N GLY F 127 27.11 22.19 -36.51
CA GLY F 127 27.00 21.78 -35.11
C GLY F 127 26.70 20.30 -34.96
N THR F 128 27.57 19.56 -34.25
CA THR F 128 27.25 18.16 -33.92
C THR F 128 27.02 18.01 -32.44
N CYS F 129 25.86 17.46 -32.08
CA CYS F 129 25.50 17.10 -30.70
C CYS F 129 25.61 18.30 -29.77
N LEU F 130 26.66 18.37 -28.97
CA LEU F 130 26.93 19.56 -28.18
C LEU F 130 27.05 20.84 -29.02
N GLY F 131 27.75 20.74 -30.16
CA GLY F 131 27.71 21.78 -31.18
C GLY F 131 26.28 22.11 -31.58
N PHE F 132 25.43 21.10 -31.68
CA PHE F 132 24.05 21.37 -32.02
C PHE F 132 23.37 22.17 -30.89
N GLU F 133 23.58 21.71 -29.66
CA GLU F 133 22.82 22.21 -28.52
C GLU F 133 23.16 23.69 -28.30
N LEU F 134 24.42 24.01 -28.57
CA LEU F 134 24.94 25.35 -28.51
C LEU F 134 24.14 26.30 -29.42
N LEU F 135 23.61 25.77 -30.52
CA LEU F 135 23.00 26.62 -31.55
C LEU F 135 21.70 27.17 -31.08
N THR F 136 20.73 26.30 -30.91
CA THR F 136 19.43 26.66 -30.35
C THR F 136 19.55 27.84 -29.38
N LEU F 137 20.53 27.79 -28.51
CA LEU F 137 20.75 28.81 -27.48
C LEU F 137 21.16 30.14 -28.12
N LEU F 138 22.34 30.16 -28.75
CA LEU F 138 22.83 31.36 -29.45
C LEU F 138 21.74 31.96 -30.33
N THR F 139 20.99 31.09 -31.02
CA THR F 139 19.94 31.53 -31.94
C THR F 139 18.61 31.92 -31.29
N SER F 140 18.34 31.44 -30.07
CA SER F 140 17.06 31.71 -29.40
C SER F 140 17.16 32.56 -28.12
N GLY F 141 18.38 32.74 -27.60
CA GLY F 141 18.60 33.42 -26.31
C GLY F 141 18.41 32.56 -25.07
N GLU F 142 17.26 31.87 -24.98
CA GLU F 142 16.91 30.93 -23.90
C GLU F 142 17.66 29.59 -24.00
N LEU F 143 17.57 28.78 -22.94
CA LEU F 143 18.17 27.43 -22.85
C LEU F 143 17.06 26.41 -22.74
N LEU F 144 16.76 25.69 -23.81
CA LEU F 144 15.52 24.92 -23.84
C LEU F 144 15.73 23.40 -23.83
N LEU F 145 16.75 22.96 -23.11
CA LEU F 145 17.11 21.54 -23.15
C LEU F 145 16.42 20.73 -22.05
N SER F 146 16.20 19.45 -22.35
CA SER F 146 15.46 18.54 -21.48
C SER F 146 16.26 17.26 -21.38
N HIS F 147 16.02 16.44 -20.35
CA HIS F 147 16.62 15.11 -20.25
C HIS F 147 15.99 14.22 -21.29
N THR F 148 16.81 13.38 -21.92
CA THR F 148 16.37 12.34 -22.84
C THR F 148 17.17 11.06 -22.59
N ASN F 149 16.53 9.90 -22.77
CA ASN F 149 17.22 8.61 -22.62
C ASN F 149 17.98 8.15 -23.90
N THR F 150 19.02 8.89 -24.24
CA THR F 150 19.60 8.77 -25.55
C THR F 150 21.11 8.74 -25.47
N SER F 151 21.65 8.06 -24.47
CA SER F 151 23.09 8.15 -24.20
C SER F 151 23.87 6.93 -24.63
N GLY F 152 23.48 6.28 -25.72
CA GLY F 152 24.17 5.10 -26.22
C GLY F 152 23.25 4.16 -26.98
N ILE F 153 22.60 4.69 -28.01
CA ILE F 153 21.74 3.90 -28.89
C ILE F 153 21.85 4.35 -30.37
N ALA F 154 21.50 3.45 -31.29
CA ALA F 154 21.53 3.70 -32.75
C ALA F 154 20.13 3.81 -33.36
N LEU F 155 19.90 4.91 -34.06
CA LEU F 155 18.56 5.33 -34.50
C LEU F 155 18.39 5.68 -36.00
N PRO F 156 17.24 5.31 -36.60
CA PRO F 156 16.76 5.91 -37.86
C PRO F 156 16.59 7.43 -37.74
N LEU F 157 16.38 8.11 -38.86
CA LEU F 157 15.87 9.48 -38.81
C LEU F 157 14.39 9.41 -39.20
N ASP F 158 13.60 10.31 -38.61
CA ASP F 158 12.18 10.42 -38.91
C ASP F 158 12.08 11.79 -39.51
N PHE F 159 11.97 11.82 -40.83
CA PHE F 159 12.07 13.05 -41.60
C PHE F 159 10.77 13.84 -41.56
N THR F 160 10.90 15.17 -41.52
CA THR F 160 9.79 16.07 -41.76
C THR F 160 9.50 16.05 -43.26
N GLU F 161 8.31 16.51 -43.63
CA GLU F 161 8.02 16.65 -45.05
C GLU F 161 9.03 17.62 -45.65
N ASP F 162 9.39 18.63 -44.86
CA ASP F 162 10.34 19.69 -45.21
C ASP F 162 11.68 19.26 -45.85
N VAL F 163 11.99 17.96 -45.83
CA VAL F 163 13.30 17.42 -46.25
C VAL F 163 13.47 17.41 -47.78
N LYS F 164 12.37 17.19 -48.48
CA LYS F 164 12.38 17.17 -49.93
C LYS F 164 13.03 18.45 -50.46
N GLY F 165 12.45 19.61 -50.12
CA GLY F 165 13.04 20.93 -50.42
C GLY F 165 14.10 21.35 -49.40
N SER F 166 15.24 20.66 -49.43
CA SER F 166 16.29 20.82 -48.40
C SER F 166 17.68 21.02 -48.98
N ARG F 167 18.41 21.96 -48.40
CA ARG F 167 19.79 22.24 -48.78
C ARG F 167 20.71 21.07 -48.44
N LEU F 168 20.53 20.49 -47.26
CA LEU F 168 21.46 19.48 -46.76
C LEU F 168 21.43 18.14 -47.50
N PHE F 169 20.25 17.52 -47.56
CA PHE F 169 20.16 16.13 -48.03
C PHE F 169 19.83 15.97 -49.51
N LYS F 170 20.05 17.01 -50.31
CA LYS F 170 19.59 16.98 -51.70
C LYS F 170 20.52 16.22 -52.67
N GLU F 171 21.81 16.15 -52.33
CA GLU F 171 22.81 15.48 -53.15
C GLU F 171 22.90 13.98 -52.81
N PHE F 172 21.85 13.45 -52.18
CA PHE F 172 21.94 12.11 -51.62
C PHE F 172 21.37 11.07 -52.55
N PRO F 173 21.97 9.88 -52.59
CA PRO F 173 21.33 8.81 -53.32
C PRO F 173 20.01 8.47 -52.68
N GLU F 174 19.11 7.85 -53.44
CA GLU F 174 17.79 7.40 -52.96
C GLU F 174 17.87 6.24 -51.99
N GLU F 175 18.72 5.27 -52.29
CA GLU F 175 18.82 4.07 -51.48
C GLU F 175 19.64 4.34 -50.21
N LEU F 176 19.87 5.64 -49.97
CA LEU F 176 20.53 6.12 -48.74
C LEU F 176 19.59 6.97 -47.88
N MET F 177 18.77 7.82 -48.50
CA MET F 177 17.69 8.49 -47.78
C MET F 177 16.60 7.49 -47.31
N LYS F 178 16.56 6.31 -47.95
CA LYS F 178 15.67 5.24 -47.50
C LYS F 178 16.13 4.56 -46.24
N SER F 179 17.35 4.01 -46.27
CA SER F 179 17.95 3.32 -45.14
C SER F 179 17.93 4.16 -43.86
N LEU F 180 18.37 5.38 -44.04
CA LEU F 180 18.37 6.39 -43.01
C LEU F 180 17.03 6.60 -42.32
N ALA F 181 15.94 6.49 -43.09
CA ALA F 181 14.60 6.57 -42.53
C ALA F 181 14.18 5.31 -41.74
N THR F 182 14.85 4.17 -42.00
CA THR F 182 14.35 2.83 -41.59
C THR F 182 15.34 1.90 -40.87
N GLU F 183 16.60 2.29 -40.85
CA GLU F 183 17.66 1.41 -40.34
C GLU F 183 18.42 2.14 -39.24
N PRO F 184 19.03 1.41 -38.29
CA PRO F 184 19.69 2.04 -37.15
C PRO F 184 21.11 2.57 -37.43
N LEU F 185 21.22 3.83 -37.86
CA LEU F 185 22.43 4.36 -38.51
C LEU F 185 22.91 5.67 -37.94
N THR F 186 22.07 6.30 -37.11
CA THR F 186 22.50 7.49 -36.42
C THR F 186 22.72 7.13 -34.98
N GLU F 187 24.05 7.28 -34.60
CA GLU F 187 24.43 6.97 -33.24
C GLU F 187 24.06 8.16 -32.37
N ASN F 188 23.26 7.92 -31.34
CA ASN F 188 22.95 8.95 -30.33
C ASN F 188 23.72 8.69 -29.04
N SER F 189 24.42 9.74 -28.60
CA SER F 189 25.12 9.74 -27.32
C SER F 189 25.01 11.13 -26.64
N HIS F 190 23.77 11.52 -26.38
CA HIS F 190 23.46 12.77 -25.66
C HIS F 190 22.40 12.52 -24.56
N GLN F 191 22.67 13.02 -23.35
CA GLN F 191 21.69 12.94 -22.27
C GLN F 191 20.65 14.06 -22.32
N TRP F 192 20.94 15.11 -23.12
CA TRP F 192 19.95 16.18 -23.42
C TRP F 192 19.52 16.32 -24.89
N SER F 193 18.38 16.98 -25.07
CA SER F 193 17.83 17.42 -26.37
C SER F 193 17.03 18.71 -26.23
N ILE F 194 16.44 19.14 -27.35
CA ILE F 194 15.22 19.95 -27.27
C ILE F 194 14.07 19.24 -27.98
N THR F 195 13.01 19.05 -27.21
CA THR F 195 11.82 18.38 -27.65
C THR F 195 11.33 19.24 -28.78
N THR F 196 10.56 18.64 -29.67
CA THR F 196 10.00 19.38 -30.77
C THR F 196 9.13 20.55 -30.32
N GLU F 197 8.31 20.28 -29.30
CA GLU F 197 7.35 21.22 -28.76
C GLU F 197 8.08 22.38 -28.12
N ASN F 198 9.12 22.10 -27.35
CA ASN F 198 9.94 23.21 -26.85
C ASN F 198 10.49 24.08 -28.01
N PHE F 199 10.86 23.44 -29.11
CA PHE F 199 11.41 24.17 -30.27
C PHE F 199 10.32 24.98 -30.98
N THR F 200 9.25 24.31 -31.43
CA THR F 200 8.09 25.01 -31.97
C THR F 200 7.88 26.34 -31.23
N ALA F 201 7.81 26.29 -29.91
CA ALA F 201 7.32 27.38 -29.08
C ALA F 201 8.25 28.57 -28.98
N ASN F 202 9.49 28.38 -29.43
CA ASN F 202 10.40 29.50 -29.44
C ASN F 202 10.31 30.18 -30.78
N LYS F 203 9.89 31.45 -30.75
CA LYS F 203 9.72 32.23 -31.97
C LYS F 203 11.06 32.38 -32.69
N LYS F 204 12.13 32.62 -31.94
CA LYS F 204 13.44 32.89 -32.56
C LYS F 204 14.12 31.65 -33.19
N LEU F 205 13.86 30.46 -32.62
CA LEU F 205 14.23 29.18 -33.25
C LEU F 205 13.30 28.86 -34.42
N LYS F 206 12.00 29.00 -34.22
CA LYS F 206 10.98 28.69 -35.23
C LYS F 206 11.28 29.33 -36.58
N LYS F 207 11.71 30.59 -36.55
CA LYS F 207 11.83 31.42 -37.75
C LYS F 207 13.22 31.31 -38.33
N PHE F 208 14.17 30.83 -37.52
CA PHE F 208 15.57 30.74 -37.95
C PHE F 208 15.90 29.41 -38.63
N TYR F 209 15.51 28.30 -38.03
CA TYR F 209 15.80 26.98 -38.55
C TYR F 209 14.67 26.23 -39.21
N ARG F 210 14.97 25.66 -40.34
CA ARG F 210 14.14 24.58 -40.89
C ARG F 210 14.39 23.32 -40.07
N VAL F 211 13.36 22.56 -39.71
CA VAL F 211 13.54 21.23 -39.06
C VAL F 211 13.63 20.16 -40.13
N LEU F 212 14.58 19.24 -40.01
CA LEU F 212 14.77 18.20 -41.05
C LEU F 212 14.45 16.73 -40.65
N SER F 213 14.85 16.33 -39.46
CA SER F 213 14.38 15.05 -38.92
C SER F 213 14.04 15.21 -37.42
N THR F 214 13.22 14.29 -36.92
CA THR F 214 12.96 14.20 -35.51
C THR F 214 13.28 12.79 -35.07
N ASN F 215 13.36 12.61 -33.75
CA ASN F 215 13.56 11.31 -33.18
C ASN F 215 12.79 11.22 -31.86
N THR F 216 12.49 10.00 -31.43
CA THR F 216 11.89 9.76 -30.13
C THR F 216 12.79 8.85 -29.29
N ASP F 217 12.54 8.75 -27.97
CA ASP F 217 13.28 7.80 -27.10
C ASP F 217 12.44 6.72 -26.45
N GLY F 218 11.23 6.51 -26.97
CA GLY F 218 10.22 5.62 -26.37
C GLY F 218 9.06 6.41 -25.76
N TYR F 219 9.29 7.70 -25.54
CA TYR F 219 8.34 8.64 -24.99
C TYR F 219 8.63 10.08 -25.44
N ASN F 220 9.73 10.68 -24.99
CA ASN F 220 10.07 12.03 -25.42
C ASN F 220 10.38 12.11 -26.94
N LYS F 221 9.99 13.23 -27.58
CA LYS F 221 10.24 13.51 -29.02
C LYS F 221 11.07 14.80 -29.27
N PHE F 222 12.17 14.68 -30.01
CA PHE F 222 13.10 15.81 -30.18
C PHE F 222 13.61 16.02 -31.62
N VAL F 223 14.18 17.21 -31.80
CA VAL F 223 14.83 17.62 -33.02
C VAL F 223 16.12 16.84 -33.14
N SER F 224 16.36 16.31 -34.33
CA SER F 224 17.63 15.63 -34.65
C SER F 224 18.47 16.31 -35.75
N THR F 225 17.82 16.85 -36.79
CA THR F 225 18.50 17.62 -37.82
C THR F 225 17.79 18.93 -38.16
N MET F 226 18.57 19.98 -38.32
CA MET F 226 18.02 21.27 -38.72
C MET F 226 18.95 22.01 -39.71
N GLU F 227 18.39 22.93 -40.51
CA GLU F 227 19.22 23.89 -41.27
C GLU F 227 18.60 25.27 -41.39
N ALA F 228 19.45 26.28 -41.24
CA ALA F 228 19.06 27.68 -41.23
C ALA F 228 18.55 28.17 -42.59
N TYR F 229 17.25 28.48 -42.67
CA TYR F 229 16.64 28.99 -43.90
C TYR F 229 17.56 29.97 -44.64
N ASP F 230 17.95 31.03 -43.90
CA ASP F 230 18.64 32.20 -44.46
C ASP F 230 20.11 32.23 -44.22
N PHE F 231 20.65 31.09 -43.83
CA PHE F 231 22.05 31.01 -43.46
C PHE F 231 22.55 29.58 -43.73
N PRO F 232 23.84 29.45 -44.09
CA PRO F 232 24.57 28.17 -44.16
C PRO F 232 24.93 27.58 -42.78
N ILE F 233 23.92 27.15 -42.02
CA ILE F 233 24.15 26.60 -40.70
C ILE F 233 23.39 25.30 -40.59
N TYR F 234 24.11 24.27 -40.13
CA TYR F 234 23.69 22.86 -40.27
C TYR F 234 23.91 22.00 -38.99
N ALA F 235 22.91 21.24 -38.59
CA ALA F 235 22.98 20.68 -37.23
C ALA F 235 22.42 19.29 -37.04
N THR F 236 23.16 18.49 -36.26
CA THR F 236 22.79 17.12 -35.92
C THR F 236 22.96 16.87 -34.43
N GLN F 237 21.88 16.42 -33.81
CA GLN F 237 21.90 15.99 -32.41
C GLN F 237 22.73 14.72 -32.28
N TRP F 238 22.50 13.80 -33.22
CA TRP F 238 23.33 12.61 -33.43
C TRP F 238 24.78 12.87 -33.88
N ASN F 239 25.60 11.82 -33.89
CA ASN F 239 26.99 11.97 -34.25
C ASN F 239 27.30 11.20 -35.53
N PRO F 240 27.34 11.91 -36.67
CA PRO F 240 27.49 11.22 -37.96
C PRO F 240 28.93 10.66 -38.09
N GLU F 241 29.87 11.35 -37.44
CA GLU F 241 31.28 11.08 -37.59
C GLU F 241 31.78 9.79 -36.97
N LYS F 242 30.97 9.18 -36.10
CA LYS F 242 31.39 7.97 -35.41
C LYS F 242 31.34 6.69 -36.24
N ASN F 243 30.34 6.54 -37.12
CA ASN F 243 30.13 5.23 -37.72
C ASN F 243 31.37 4.67 -38.44
N ALA F 244 32.16 5.54 -39.07
CA ALA F 244 33.39 5.08 -39.76
C ALA F 244 34.65 5.09 -38.88
N PHE F 245 34.65 5.94 -37.86
CA PHE F 245 35.90 6.33 -37.21
C PHE F 245 36.06 5.94 -35.76
N GLU F 246 34.98 5.50 -35.09
CA GLU F 246 35.02 5.07 -33.68
C GLU F 246 34.51 3.65 -33.42
N TRP F 247 35.22 2.93 -32.55
CA TRP F 247 35.04 1.49 -32.41
C TRP F 247 34.93 0.97 -30.99
N THR F 248 34.85 1.87 -30.02
CA THR F 248 34.92 1.52 -28.60
C THR F 248 33.62 1.74 -27.84
N ARG F 249 32.51 1.56 -28.51
CA ARG F 249 31.23 1.70 -27.87
C ARG F 249 30.35 0.98 -28.80
N PRO F 250 29.57 0.11 -28.21
CA PRO F 250 29.21 -1.18 -28.83
C PRO F 250 28.08 -0.94 -29.74
N TYR F 251 27.46 0.21 -29.40
CA TYR F 251 26.29 0.84 -30.03
C TYR F 251 26.50 1.77 -31.22
N ILE F 252 27.73 2.01 -31.57
CA ILE F 252 28.13 2.68 -32.78
C ILE F 252 27.72 1.75 -33.90
N PRO F 253 26.94 2.28 -34.85
CA PRO F 253 26.62 1.50 -36.03
C PRO F 253 27.75 1.56 -37.08
N HIS F 254 28.19 0.38 -37.53
CA HIS F 254 29.10 0.20 -38.67
C HIS F 254 28.53 -0.78 -39.69
N THR F 255 27.50 -0.38 -40.42
CA THR F 255 27.03 -1.14 -41.59
C THR F 255 27.44 -0.40 -42.83
N PRO F 256 27.52 -1.12 -43.96
CA PRO F 256 27.66 -0.45 -45.24
C PRO F 256 26.98 0.89 -45.32
N SER F 257 25.66 0.96 -45.10
CA SER F 257 24.96 2.25 -45.15
C SER F 257 25.40 3.21 -44.06
N ALA F 258 25.65 2.67 -42.88
CA ALA F 258 26.23 3.48 -41.81
C ALA F 258 27.39 4.29 -42.37
N ILE F 259 28.38 3.59 -42.93
CA ILE F 259 29.56 4.29 -43.41
C ILE F 259 29.21 5.28 -44.50
N LYS F 260 28.32 4.92 -45.42
CA LYS F 260 27.95 5.89 -46.46
C LYS F 260 27.39 7.15 -45.84
N THR F 261 26.59 6.96 -44.80
CA THR F 261 25.98 8.07 -44.15
C THR F 261 27.08 9.00 -43.71
N THR F 262 28.03 8.46 -42.99
CA THR F 262 28.99 9.35 -42.40
C THR F 262 29.70 10.09 -43.53
N PHE F 263 30.06 9.38 -44.58
CA PHE F 263 30.79 10.05 -45.65
C PHE F 263 29.94 11.13 -46.30
N TYR F 264 28.69 10.79 -46.60
CA TYR F 264 27.78 11.75 -47.26
C TYR F 264 27.46 13.03 -46.49
N MET F 265 27.43 12.94 -45.17
CA MET F 265 27.14 14.11 -44.37
C MET F 265 28.32 15.06 -44.51
N ALA F 266 29.51 14.49 -44.41
CA ALA F 266 30.69 15.27 -44.62
C ALA F 266 30.64 15.96 -46.00
N ASN F 267 30.20 15.22 -47.02
CA ASN F 267 30.21 15.73 -48.40
C ASN F 267 29.58 17.10 -48.52
N PHE F 268 28.30 17.18 -48.18
CA PHE F 268 27.59 18.41 -48.32
C PHE F 268 28.32 19.49 -47.56
N PHE F 269 28.78 19.17 -46.36
CA PHE F 269 29.29 20.24 -45.53
C PHE F 269 30.54 20.81 -46.15
N VAL F 270 31.33 19.94 -46.75
CA VAL F 270 32.47 20.44 -47.50
C VAL F 270 31.94 21.08 -48.79
N ASN F 271 31.06 20.39 -49.52
CA ASN F 271 30.44 20.95 -50.71
C ASN F 271 29.71 22.26 -50.53
N GLU F 272 29.96 22.93 -49.40
CA GLU F 272 29.32 24.16 -48.98
C GLU F 272 30.39 25.16 -48.68
N ALA F 273 31.46 24.65 -48.08
CA ALA F 273 32.61 25.48 -47.69
C ALA F 273 33.42 25.77 -48.93
N ARG F 274 33.06 25.07 -50.00
CA ARG F 274 33.62 25.30 -51.32
C ARG F 274 33.37 26.77 -51.69
N LYS F 275 32.21 27.27 -51.31
CA LYS F 275 31.76 28.55 -51.75
C LYS F 275 32.44 29.70 -51.01
N ASN F 276 33.16 29.40 -49.93
CA ASN F 276 33.91 30.47 -49.24
C ASN F 276 35.23 30.74 -49.91
N LEU F 277 35.52 32.00 -50.13
CA LEU F 277 36.73 32.34 -50.87
C LEU F 277 37.92 32.85 -50.03
N HIS F 278 37.73 32.93 -48.71
CA HIS F 278 38.78 33.39 -47.78
C HIS F 278 40.07 32.65 -48.05
N SER F 279 41.19 33.22 -47.63
CA SER F 279 42.48 32.56 -47.76
C SER F 279 43.41 33.11 -46.71
N PHE F 280 44.35 32.27 -46.26
CA PHE F 280 45.47 32.76 -45.45
C PHE F 280 46.28 33.72 -46.32
N ALA F 281 46.29 35.00 -45.94
CA ALA F 281 47.03 36.00 -46.69
C ALA F 281 48.36 35.39 -47.14
N SER F 282 49.24 35.09 -46.17
CA SER F 282 50.45 34.29 -46.44
C SER F 282 50.18 32.83 -46.15
N THR F 283 50.56 31.96 -47.06
CA THR F 283 50.22 30.56 -46.86
C THR F 283 51.32 29.82 -46.07
N GLU F 284 52.36 30.53 -45.65
CA GLU F 284 53.39 29.93 -44.79
C GLU F 284 52.93 29.93 -43.33
N GLU F 285 51.81 30.62 -43.09
CA GLU F 285 51.09 30.54 -41.82
C GLU F 285 49.88 29.63 -41.98
N GLU F 286 49.55 29.29 -43.23
CA GLU F 286 48.54 28.29 -43.48
C GLU F 286 49.08 26.97 -42.92
N GLU F 287 50.34 26.67 -43.22
CA GLU F 287 51.01 25.48 -42.71
C GLU F 287 51.37 25.61 -41.21
N LYS F 288 50.69 26.55 -40.55
CA LYS F 288 50.90 26.76 -39.14
C LYS F 288 49.62 26.59 -38.35
N ALA F 289 48.52 27.08 -38.91
CA ALA F 289 47.21 26.91 -38.28
C ALA F 289 46.65 25.50 -38.48
N LEU F 290 47.39 24.66 -39.21
CA LEU F 290 46.86 23.41 -39.75
C LEU F 290 46.86 22.22 -38.80
N ILE F 291 45.75 21.48 -38.81
CA ILE F 291 45.63 20.28 -37.98
C ILE F 291 46.85 19.38 -38.10
N TYR F 292 47.46 19.39 -39.29
CA TYR F 292 48.62 18.58 -39.55
C TYR F 292 49.76 18.82 -38.54
N ASN F 293 49.78 20.02 -37.93
CA ASN F 293 50.84 20.37 -36.97
C ASN F 293 50.72 19.60 -35.64
N TYR F 294 49.54 19.08 -35.35
CA TYR F 294 49.30 18.43 -34.07
C TYR F 294 49.30 16.87 -34.11
N LYS F 295 49.52 16.27 -32.96
CA LYS F 295 49.53 14.82 -32.84
C LYS F 295 48.52 14.39 -31.77
N PRO F 296 47.71 13.36 -32.08
CA PRO F 296 46.66 12.99 -31.13
C PRO F 296 47.15 11.93 -30.16
N GLU F 297 46.45 11.80 -29.03
CA GLU F 297 46.72 10.73 -28.07
C GLU F 297 45.82 9.53 -28.32
N TYR F 298 46.39 8.35 -28.19
CA TYR F 298 45.63 7.10 -28.27
C TYR F 298 44.72 6.95 -27.03
N THR F 299 43.61 7.68 -27.00
CA THR F 299 42.62 7.60 -25.90
C THR F 299 41.81 6.28 -25.82
N GLY F 300 42.00 5.37 -26.75
CA GLY F 300 41.17 4.17 -26.85
C GLY F 300 41.02 3.15 -25.72
N ILE F 301 42.02 3.01 -24.84
CA ILE F 301 41.92 2.06 -23.69
C ILE F 301 40.57 2.26 -23.04
N GLN F 302 40.37 3.48 -22.56
CA GLN F 302 39.27 3.83 -21.67
C GLN F 302 38.22 4.68 -22.39
N SER F 303 38.64 5.84 -22.94
CA SER F 303 37.80 6.84 -23.61
C SER F 303 36.82 6.33 -24.69
N ALA F 304 35.82 7.13 -25.05
CA ALA F 304 34.88 6.74 -26.11
C ALA F 304 35.47 6.98 -27.51
N PHE F 305 36.47 7.84 -27.56
CA PHE F 305 37.26 8.13 -28.77
C PHE F 305 38.55 7.31 -28.85
N GLU F 306 38.89 6.84 -30.05
CA GLU F 306 40.15 6.11 -30.27
C GLU F 306 41.37 7.04 -30.11
N GLN F 307 41.20 8.29 -30.50
CA GLN F 307 42.28 9.22 -30.63
C GLN F 307 41.74 10.59 -30.34
N THR F 308 42.45 11.34 -29.51
CA THR F 308 42.02 12.71 -29.25
C THR F 308 43.20 13.67 -29.25
N TYR F 309 42.99 14.85 -29.83
CA TYR F 309 44.03 15.89 -29.86
C TYR F 309 43.93 16.80 -28.64
N PHE F 310 45.08 17.05 -28.00
CA PHE F 310 45.11 17.99 -26.87
C PHE F 310 45.94 19.23 -27.15
N PHE F 311 45.39 20.40 -26.82
CA PHE F 311 46.10 21.68 -27.00
C PHE F 311 46.38 22.43 -25.72
N ASN F 312 47.40 23.28 -25.76
CA ASN F 312 47.63 24.30 -24.74
C ASN F 312 47.02 25.58 -25.27
C1 GOL G . -6.31 2.70 21.00
O1 GOL G . -7.39 1.85 21.47
C2 GOL G . -6.87 3.60 19.87
O2 GOL G . -6.68 5.01 20.14
C3 GOL G . -6.34 3.19 18.47
O3 GOL G . -7.42 2.61 17.74
C1 GOL H . 14.76 -3.40 -11.77
O1 GOL H . 14.38 -4.62 -12.40
C2 GOL H . 15.22 -3.62 -10.30
O2 GOL H . 15.70 -2.38 -9.76
C3 GOL H . 14.05 -4.09 -9.45
O3 GOL H . 14.46 -5.06 -8.50
C1 GOL I . 57.34 14.18 -55.48
O1 GOL I . 56.55 14.84 -56.48
C2 GOL I . 57.79 12.83 -56.03
O2 GOL I . 59.08 12.53 -55.46
C3 GOL I . 56.73 11.74 -55.70
O3 GOL I . 57.30 10.52 -55.16
#